data_3ND3
# 
_entry.id   3ND3 
# 
_audit_conform.dict_name       mmcif_pdbx.dic 
_audit_conform.dict_version    5.387 
_audit_conform.dict_location   http://mmcif.pdb.org/dictionaries/ascii/mmcif_pdbx.dic 
# 
loop_
_database_2.database_id 
_database_2.database_code 
_database_2.pdbx_database_accession 
_database_2.pdbx_DOI 
PDB   3ND3         pdb_00003nd3 10.2210/pdb3nd3/pdb 
NDB   NA0575       ?            ?                   
RCSB  RCSB059677   ?            ?                   
WWPDB D_1000059677 ?            ?                   
# 
loop_
_pdbx_audit_revision_history.ordinal 
_pdbx_audit_revision_history.data_content_type 
_pdbx_audit_revision_history.major_revision 
_pdbx_audit_revision_history.minor_revision 
_pdbx_audit_revision_history.revision_date 
1 'Structure model' 1 0 2011-09-21 
2 'Structure model' 1 1 2011-11-30 
3 'Structure model' 1 2 2017-11-08 
4 'Structure model' 1 3 2024-02-21 
# 
_pdbx_audit_revision_details.ordinal             1 
_pdbx_audit_revision_details.revision_ordinal    1 
_pdbx_audit_revision_details.data_content_type   'Structure model' 
_pdbx_audit_revision_details.provider            repository 
_pdbx_audit_revision_details.type                'Initial release' 
_pdbx_audit_revision_details.description         ? 
_pdbx_audit_revision_details.details             ? 
# 
loop_
_pdbx_audit_revision_group.ordinal 
_pdbx_audit_revision_group.revision_ordinal 
_pdbx_audit_revision_group.data_content_type 
_pdbx_audit_revision_group.group 
1 2 'Structure model' 'Database references'    
2 3 'Structure model' 'Refinement description' 
3 4 'Structure model' 'Data collection'        
4 4 'Structure model' 'Database references'    
5 4 'Structure model' 'Derived calculations'   
# 
loop_
_pdbx_audit_revision_category.ordinal 
_pdbx_audit_revision_category.revision_ordinal 
_pdbx_audit_revision_category.data_content_type 
_pdbx_audit_revision_category.category 
1 3 'Structure model' software               
2 4 'Structure model' chem_comp_atom         
3 4 'Structure model' chem_comp_bond         
4 4 'Structure model' database_2             
5 4 'Structure model' pdbx_struct_conn_angle 
6 4 'Structure model' struct_conn            
7 4 'Structure model' struct_site            
# 
loop_
_pdbx_audit_revision_item.ordinal 
_pdbx_audit_revision_item.revision_ordinal 
_pdbx_audit_revision_item.data_content_type 
_pdbx_audit_revision_item.item 
1  3 'Structure model' '_software.name'                              
2  4 'Structure model' '_database_2.pdbx_DOI'                        
3  4 'Structure model' '_database_2.pdbx_database_accession'         
4  4 'Structure model' '_pdbx_struct_conn_angle.ptnr1_auth_comp_id'  
5  4 'Structure model' '_pdbx_struct_conn_angle.ptnr1_auth_seq_id'   
6  4 'Structure model' '_pdbx_struct_conn_angle.ptnr1_label_asym_id' 
7  4 'Structure model' '_pdbx_struct_conn_angle.ptnr1_label_atom_id' 
8  4 'Structure model' '_pdbx_struct_conn_angle.ptnr1_label_comp_id' 
9  4 'Structure model' '_pdbx_struct_conn_angle.ptnr1_label_seq_id'  
10 4 'Structure model' '_pdbx_struct_conn_angle.ptnr3_auth_comp_id'  
11 4 'Structure model' '_pdbx_struct_conn_angle.ptnr3_auth_seq_id'   
12 4 'Structure model' '_pdbx_struct_conn_angle.ptnr3_label_asym_id' 
13 4 'Structure model' '_pdbx_struct_conn_angle.ptnr3_label_atom_id' 
14 4 'Structure model' '_pdbx_struct_conn_angle.ptnr3_label_comp_id' 
15 4 'Structure model' '_pdbx_struct_conn_angle.ptnr3_label_seq_id'  
16 4 'Structure model' '_pdbx_struct_conn_angle.value'               
17 4 'Structure model' '_struct_conn.pdbx_dist_value'                
18 4 'Structure model' '_struct_conn.ptnr1_auth_comp_id'             
19 4 'Structure model' '_struct_conn.ptnr1_auth_seq_id'              
20 4 'Structure model' '_struct_conn.ptnr1_label_asym_id'            
21 4 'Structure model' '_struct_conn.ptnr1_label_atom_id'            
22 4 'Structure model' '_struct_conn.ptnr1_label_comp_id'            
23 4 'Structure model' '_struct_conn.ptnr1_label_seq_id'             
24 4 'Structure model' '_struct_conn.ptnr2_auth_comp_id'             
25 4 'Structure model' '_struct_conn.ptnr2_auth_seq_id'              
26 4 'Structure model' '_struct_conn.ptnr2_label_asym_id'            
27 4 'Structure model' '_struct_conn.ptnr2_label_atom_id'            
28 4 'Structure model' '_struct_conn.ptnr2_label_comp_id'            
29 4 'Structure model' '_struct_site.pdbx_auth_asym_id'              
30 4 'Structure model' '_struct_site.pdbx_auth_comp_id'              
31 4 'Structure model' '_struct_site.pdbx_auth_seq_id'               
# 
_pdbx_database_status.entry_id                        3ND3 
_pdbx_database_status.status_code                     REL 
_pdbx_database_status.deposit_site                    RCSB 
_pdbx_database_status.process_site                    RCSB 
_pdbx_database_status.recvd_initial_deposition_date   2010-06-07 
_pdbx_database_status.status_code_sf                  REL 
_pdbx_database_status.status_code_mr                  ? 
_pdbx_database_status.SG_entry                        ? 
_pdbx_database_status.status_code_cs                  ? 
_pdbx_database_status.pdb_format_compatible           Y 
_pdbx_database_status.methods_development_category    ? 
_pdbx_database_status.status_code_nmr_data            ? 
# 
_pdbx_database_related.db_name        PDB 
_pdbx_database_related.db_id          3ND4 
_pdbx_database_related.details        . 
_pdbx_database_related.content_type   unspecified 
# 
loop_
_audit_author.name 
_audit_author.pdbx_ordinal 
'Mooers, B.H.' 1 
'Singh, A.'    2 
# 
_citation.id                        primary 
_citation.title                     
'The crystal structure of an oligo(U):pre-mRNA duplex from a trypanosome RNA editing substrate.' 
_citation.journal_abbrev            Rna 
_citation.journal_volume            17 
_citation.page_first                1870 
_citation.page_last                 1883 
_citation.year                      2011 
_citation.journal_id_ASTM           RNARFU 
_citation.country                   UK 
_citation.journal_id_ISSN           1355-8382 
_citation.journal_id_CSD            2122 
_citation.book_publisher            ? 
_citation.pdbx_database_id_PubMed   21878548 
_citation.pdbx_database_id_DOI      10.1261/rna.2880311 
# 
loop_
_citation_author.citation_id 
_citation_author.name 
_citation_author.ordinal 
_citation_author.identifier_ORCID 
primary 'Mooers, B.H.' 1 ? 
primary 'Singh, A.'    2 ? 
# 
loop_
_entity.id 
_entity.type 
_entity.src_method 
_entity.pdbx_description 
_entity.formula_weight 
_entity.pdbx_number_of_molecules 
_entity.pdbx_ec 
_entity.pdbx_mutation 
_entity.pdbx_fragment 
_entity.details 
1 polymer     syn "5'-R(*AP*GP*AP*GP*AP*AP*GP*AP*UP*UP*UP*UP*UP*UP*UP*U)-3'" 5086.016 1  ? ? ? 'U-helix 16-mer dsRNA' 
2 non-polymer syn 'POTASSIUM ION'                                            39.098   1  ? ? ? ?                      
3 non-polymer syn 'SODIUM ION'                                               22.990   1  ? ? ? ?                      
4 water       nat water                                                      18.015   79 ? ? ? ?                      
# 
_entity_poly.entity_id                      1 
_entity_poly.type                           polyribonucleotide 
_entity_poly.nstd_linkage                   no 
_entity_poly.nstd_monomer                   no 
_entity_poly.pdbx_seq_one_letter_code       AGAGAAGAUUUUUUUU 
_entity_poly.pdbx_seq_one_letter_code_can   AGAGAAGAUUUUUUUU 
_entity_poly.pdbx_strand_id                 A 
_entity_poly.pdbx_target_identifier         ? 
# 
loop_
_pdbx_entity_nonpoly.entity_id 
_pdbx_entity_nonpoly.name 
_pdbx_entity_nonpoly.comp_id 
2 'POTASSIUM ION' K   
3 'SODIUM ION'    NA  
4 water           HOH 
# 
loop_
_entity_poly_seq.entity_id 
_entity_poly_seq.num 
_entity_poly_seq.mon_id 
_entity_poly_seq.hetero 
1 1  A n 
1 2  G n 
1 3  A n 
1 4  G n 
1 5  A n 
1 6  A n 
1 7  G n 
1 8  A n 
1 9  U n 
1 10 U n 
1 11 U n 
1 12 U n 
1 13 U n 
1 14 U n 
1 15 U n 
1 16 U n 
# 
_pdbx_entity_src_syn.entity_id              1 
_pdbx_entity_src_syn.pdbx_src_id            1 
_pdbx_entity_src_syn.pdbx_alt_source_flag   sample 
_pdbx_entity_src_syn.pdbx_beg_seq_num       ? 
_pdbx_entity_src_syn.pdbx_end_seq_num       ? 
_pdbx_entity_src_syn.organism_scientific    ? 
_pdbx_entity_src_syn.organism_common_name   ? 
_pdbx_entity_src_syn.ncbi_taxonomy_id       ? 
_pdbx_entity_src_syn.details                'chemically synthesized' 
# 
loop_
_chem_comp.id 
_chem_comp.type 
_chem_comp.mon_nstd_flag 
_chem_comp.name 
_chem_comp.pdbx_synonyms 
_chem_comp.formula 
_chem_comp.formula_weight 
A   'RNA linking' y "ADENOSINE-5'-MONOPHOSPHATE" ? 'C10 H14 N5 O7 P' 347.221 
G   'RNA linking' y "GUANOSINE-5'-MONOPHOSPHATE" ? 'C10 H14 N5 O8 P' 363.221 
HOH non-polymer   . WATER                        ? 'H2 O'            18.015  
K   non-polymer   . 'POTASSIUM ION'              ? 'K 1'             39.098  
NA  non-polymer   . 'SODIUM ION'                 ? 'Na 1'            22.990  
U   'RNA linking' y "URIDINE-5'-MONOPHOSPHATE"   ? 'C9 H13 N2 O9 P'  324.181 
# 
loop_
_pdbx_poly_seq_scheme.asym_id 
_pdbx_poly_seq_scheme.entity_id 
_pdbx_poly_seq_scheme.seq_id 
_pdbx_poly_seq_scheme.mon_id 
_pdbx_poly_seq_scheme.ndb_seq_num 
_pdbx_poly_seq_scheme.pdb_seq_num 
_pdbx_poly_seq_scheme.auth_seq_num 
_pdbx_poly_seq_scheme.pdb_mon_id 
_pdbx_poly_seq_scheme.auth_mon_id 
_pdbx_poly_seq_scheme.pdb_strand_id 
_pdbx_poly_seq_scheme.pdb_ins_code 
_pdbx_poly_seq_scheme.hetero 
A 1 1  A 1  1  1  A A A . n 
A 1 2  G 2  2  2  G G A . n 
A 1 3  A 3  3  3  A A A . n 
A 1 4  G 4  4  4  G G A . n 
A 1 5  A 5  5  5  A A A . n 
A 1 6  A 6  6  6  A A A . n 
A 1 7  G 7  7  7  G G A . n 
A 1 8  A 8  8  8  A A A . n 
A 1 9  U 9  9  9  U U A . n 
A 1 10 U 10 10 10 U U A . n 
A 1 11 U 11 11 11 U U A . n 
A 1 12 U 12 12 12 U U A . n 
A 1 13 U 13 13 13 U U A . n 
A 1 14 U 14 14 14 U U A . n 
A 1 15 U 15 15 15 U U A . n 
A 1 16 U 16 16 16 U U A . n 
# 
loop_
_pdbx_nonpoly_scheme.asym_id 
_pdbx_nonpoly_scheme.entity_id 
_pdbx_nonpoly_scheme.mon_id 
_pdbx_nonpoly_scheme.ndb_seq_num 
_pdbx_nonpoly_scheme.pdb_seq_num 
_pdbx_nonpoly_scheme.auth_seq_num 
_pdbx_nonpoly_scheme.pdb_mon_id 
_pdbx_nonpoly_scheme.auth_mon_id 
_pdbx_nonpoly_scheme.pdb_strand_id 
_pdbx_nonpoly_scheme.pdb_ins_code 
B 2 K   1  17  17  K   K   A . 
C 3 NA  1  19  19  NA  NA  A . 
D 4 HOH 1  20  20  HOH HOH A . 
D 4 HOH 2  21  21  HOH HOH A . 
D 4 HOH 3  22  22  HOH HOH A . 
D 4 HOH 4  23  23  HOH HOH A . 
D 4 HOH 5  24  24  HOH HOH A . 
D 4 HOH 6  25  25  HOH HOH A . 
D 4 HOH 7  26  26  HOH HOH A . 
D 4 HOH 8  27  27  HOH HOH A . 
D 4 HOH 9  28  28  HOH HOH A . 
D 4 HOH 10 29  29  HOH HOH A . 
D 4 HOH 11 30  30  HOH HOH A . 
D 4 HOH 12 31  31  HOH HOH A . 
D 4 HOH 13 32  32  HOH HOH A . 
D 4 HOH 14 33  33  HOH HOH A . 
D 4 HOH 15 34  34  HOH HOH A . 
D 4 HOH 16 35  35  HOH HOH A . 
D 4 HOH 17 36  36  HOH HOH A . 
D 4 HOH 18 37  37  HOH HOH A . 
D 4 HOH 19 38  38  HOH HOH A . 
D 4 HOH 20 39  39  HOH HOH A . 
D 4 HOH 21 40  40  HOH HOH A . 
D 4 HOH 22 41  41  HOH HOH A . 
D 4 HOH 23 42  42  HOH HOH A . 
D 4 HOH 24 43  43  HOH HOH A . 
D 4 HOH 25 44  44  HOH HOH A . 
D 4 HOH 26 45  45  HOH HOH A . 
D 4 HOH 27 46  46  HOH HOH A . 
D 4 HOH 28 47  47  HOH HOH A . 
D 4 HOH 29 48  48  HOH HOH A . 
D 4 HOH 30 49  49  HOH HOH A . 
D 4 HOH 31 50  50  HOH HOH A . 
D 4 HOH 32 51  51  HOH HOH A . 
D 4 HOH 33 52  52  HOH HOH A . 
D 4 HOH 34 53  53  HOH HOH A . 
D 4 HOH 35 54  54  HOH HOH A . 
D 4 HOH 36 55  55  HOH HOH A . 
D 4 HOH 37 56  56  HOH HOH A . 
D 4 HOH 38 57  57  HOH HOH A . 
D 4 HOH 39 58  58  HOH HOH A . 
D 4 HOH 40 59  59  HOH HOH A . 
D 4 HOH 41 60  60  HOH HOH A . 
D 4 HOH 42 61  61  HOH HOH A . 
D 4 HOH 43 62  62  HOH HOH A . 
D 4 HOH 44 63  63  HOH HOH A . 
D 4 HOH 45 64  64  HOH HOH A . 
D 4 HOH 46 65  65  HOH HOH A . 
D 4 HOH 47 66  66  HOH HOH A . 
D 4 HOH 48 67  67  HOH HOH A . 
D 4 HOH 49 68  68  HOH HOH A . 
D 4 HOH 50 70  70  HOH HOH A . 
D 4 HOH 51 71  71  HOH HOH A . 
D 4 HOH 52 72  72  HOH HOH A . 
D 4 HOH 53 73  73  HOH HOH A . 
D 4 HOH 54 74  74  HOH HOH A . 
D 4 HOH 55 75  75  HOH HOH A . 
D 4 HOH 56 76  76  HOH HOH A . 
D 4 HOH 57 77  77  HOH HOH A . 
D 4 HOH 58 78  78  HOH HOH A . 
D 4 HOH 59 79  79  HOH HOH A . 
D 4 HOH 60 80  80  HOH HOH A . 
D 4 HOH 61 81  81  HOH HOH A . 
D 4 HOH 62 82  82  HOH HOH A . 
D 4 HOH 63 83  83  HOH HOH A . 
D 4 HOH 64 84  84  HOH HOH A . 
D 4 HOH 65 85  85  HOH HOH A . 
D 4 HOH 66 86  86  HOH HOH A . 
D 4 HOH 67 87  87  HOH HOH A . 
D 4 HOH 68 88  88  HOH HOH A . 
D 4 HOH 69 89  89  HOH HOH A . 
D 4 HOH 70 91  91  HOH HOH A . 
D 4 HOH 71 94  94  HOH HOH A . 
D 4 HOH 72 95  95  HOH HOH A . 
D 4 HOH 73 102 102 HOH HOH A . 
D 4 HOH 74 105 105 HOH HOH A . 
D 4 HOH 75 106 106 HOH HOH A . 
D 4 HOH 76 119 119 HOH HOH A . 
D 4 HOH 77 219 219 HOH HOH A . 
D 4 HOH 78 319 319 HOH HOH A . 
D 4 HOH 79 419 419 HOH HOH A . 
# 
loop_
_software.pdbx_ordinal 
_software.name 
_software.version 
_software.date 
_software.type 
_software.contact_author 
_software.contact_author_email 
_software.classification 
_software.location 
_software.language 
_software.citation_id 
1 SCALA       3.3.16    2010/01/06      other   'Phil R. Evans'  pre@mrc-lmb.cam.ac.uk  'data scaling'    
http://www.ccp4.ac.uk/dist/html/scala.html  Fortran_77 ? 
2 MOLREP      .         ?               program 'Alexei Vaguine' alexei@ysbl.york.ac.uk phasing           
http://www.ccp4.ac.uk/dist/html/molrep.html Fortran_77 ? 
3 PHENIX      1.6.1_357 ?               package 'Paul D. Adams'  PAdams@lbl.gov         refinement        
http://www.phenix-online.org/               C++        ? 
4 PDB_EXTRACT 3.100     'May. 21, 2010' package PDB              help@deposit.rcsb.org  'data extraction' 
http://sw-tools.pdb.org/apps/PDB_EXTRACT/   C++        ? 
5 Blu-Ice     .         ?               ?       ?                ?                      'data collection' ? ?          ? 
6 XDS         .         ?               ?       ?                ?                      'data reduction'  ? ?          ? 
# 
_cell.length_a           42.735 
_cell.length_b           42.735 
_cell.length_c           126.358 
_cell.angle_alpha        90.000 
_cell.angle_beta         90.000 
_cell.angle_gamma        120.000 
_cell.entry_id           3ND3 
_cell.pdbx_unique_axis   ? 
_cell.Z_PDB              18 
_cell.length_a_esd       ? 
_cell.length_b_esd       ? 
_cell.length_c_esd       ? 
_cell.angle_alpha_esd    ? 
_cell.angle_beta_esd     ? 
_cell.angle_gamma_esd    ? 
# 
_symmetry.space_group_name_H-M             'H 3 2' 
_symmetry.entry_id                         3ND3 
_symmetry.Int_Tables_number                155 
_symmetry.pdbx_full_space_group_name_H-M   ? 
_symmetry.cell_setting                     ? 
_symmetry.space_group_name_Hall            ? 
# 
_exptl.crystals_number   1 
_exptl.entry_id          3ND3 
_exptl.method            'X-RAY DIFFRACTION' 
# 
_exptl_crystal.id                    1 
_exptl_crystal.density_Matthews      2.18 
_exptl_crystal.density_meas          ? 
_exptl_crystal.density_percent_sol   43.65 
_exptl_crystal.description           ? 
_exptl_crystal.F_000                 ? 
_exptl_crystal.preparation           ? 
# 
_exptl_crystal_grow.crystal_id      1 
_exptl_crystal_grow.method          'VAPOR DIFFUSION, HANGING DROP' 
_exptl_crystal_grow.pH              6.0 
_exptl_crystal_grow.temp            298 
_exptl_crystal_grow.pdbx_details    
'50 mM NaCacodylate pH 6.0, 10 mM MgCl2, and 1 M LiSO4, vapor diffusion, hanging drop, temperature 298K' 
_exptl_crystal_grow.temp_details    ? 
_exptl_crystal_grow.pdbx_pH_range   ? 
# 
_diffrn.id                     1 
_diffrn.ambient_temp           100 
_diffrn.ambient_temp_details   ? 
_diffrn.crystal_id             1 
# 
_diffrn_detector.diffrn_id              1 
_diffrn_detector.detector               CCD 
_diffrn_detector.type                   'MARMOSAIC 325 mm CCD' 
_diffrn_detector.pdbx_collection_date   2008-07-20 
_diffrn_detector.details                ? 
# 
_diffrn_radiation.diffrn_id                        1 
_diffrn_radiation.pdbx_diffrn_protocol             'SINGLE WAVELENGTH' 
_diffrn_radiation.monochromator                    GRAPHITE 
_diffrn_radiation.wavelength_id                    1 
_diffrn_radiation.pdbx_monochromatic_or_laue_m_l   M 
_diffrn_radiation.pdbx_scattering_type             x-ray 
# 
_diffrn_radiation_wavelength.id           1 
_diffrn_radiation_wavelength.wavelength   0.9184 
_diffrn_radiation_wavelength.wt           1.0 
# 
_diffrn_source.diffrn_id                   1 
_diffrn_source.source                      SYNCHROTRON 
_diffrn_source.type                        'SSRL BEAMLINE BL9-2' 
_diffrn_source.pdbx_wavelength_list        0.9184 
_diffrn_source.pdbx_wavelength             ? 
_diffrn_source.pdbx_synchrotron_site       SSRL 
_diffrn_source.pdbx_synchrotron_beamline   BL9-2 
# 
_reflns.entry_id                     3ND3 
_reflns.d_resolution_high            1.370 
_reflns.d_resolution_low             18.309 
_reflns.number_all                   9679 
_reflns.number_obs                   9679 
_reflns.pdbx_netI_over_sigmaI        52.000 
_reflns.pdbx_Rsym_value              0.026 
_reflns.pdbx_redundancy              17.200 
_reflns.percent_possible_obs         99.800 
_reflns.observed_criterion_sigma_F   ? 
_reflns.observed_criterion_sigma_I   ? 
_reflns.pdbx_Rmerge_I_obs            ? 
_reflns.B_iso_Wilson_estimate        ? 
_reflns.R_free_details               ? 
_reflns.limit_h_max                  ? 
_reflns.limit_h_min                  ? 
_reflns.limit_k_max                  ? 
_reflns.limit_k_min                  ? 
_reflns.limit_l_max                  ? 
_reflns.limit_l_min                  ? 
_reflns.observed_criterion_F_max     ? 
_reflns.observed_criterion_F_min     ? 
_reflns.pdbx_chi_squared             ? 
_reflns.pdbx_scaling_rejects         ? 
_reflns.pdbx_ordinal                 1 
_reflns.pdbx_diffrn_id               1 
# 
loop_
_reflns_shell.d_res_high 
_reflns_shell.d_res_low 
_reflns_shell.number_measured_obs 
_reflns_shell.number_measured_all 
_reflns_shell.number_unique_obs 
_reflns_shell.Rmerge_I_obs 
_reflns_shell.meanI_over_sigI_obs 
_reflns_shell.pdbx_Rsym_value 
_reflns_shell.pdbx_chi_squared 
_reflns_shell.pdbx_redundancy 
_reflns_shell.percent_possible_obs 
_reflns_shell.number_unique_all 
_reflns_shell.percent_possible_all 
_reflns_shell.pdbx_ordinal 
_reflns_shell.pdbx_diffrn_id 
1.37 1.44  ? 17829 ? 0.503 1.6  0.503 ? 13.10 ? 1366 99.10  1  1 
1.44 1.53  ? 19331 ? 0.261 3.0  0.261 ? 14.60 ? 1325 100.00 2  1 
1.53 1.64  ? 17939 ? 0.110 6.8  0.110 ? 14.60 ? 1232 100.00 3  1 
1.64 1.77  ? 16894 ? 0.054 11.8 0.054 ? 14.60 ? 1156 100.00 4  1 
1.77 1.94  ? 15888 ? 0.046 15.7 0.046 ? 14.70 ? 1082 100.00 5  1 
1.94 2.17  ? 16624 ? 0.038 16.8 0.038 ? 17.20 ? 969  100.00 6  1 
2.17 2.50  ? 23004 ? 0.035 17.3 0.035 ? 26.40 ? 871  100.00 7  1 
2.50 3.06  ? 19373 ? 0.026 18.7 0.026 ? 26.00 ? 745  100.00 8  1 
3.06 4.33  ? 13332 ? 0.021 21.3 0.021 ? 22.60 ? 589  100.00 9  1 
4.33 19.06 ? 5965  ? 0.019 26.2 0.019 ? 17.30 ? 344  98.60  10 1 
# 
_refine.entry_id                                 3ND3 
_refine.ls_d_res_high                            1.370 
_refine.ls_d_res_low                             18.309 
_refine.pdbx_ls_sigma_F                          0.48 
_refine.pdbx_data_cutoff_high_absF               ? 
_refine.pdbx_data_cutoff_low_absF                ? 
_refine.ls_percent_reflns_obs                    99.450 
_refine.ls_number_reflns_obs                     9641 
_refine.ls_number_reflns_all                     ? 
_refine.pdbx_ls_cross_valid_method               ? 
_refine.pdbx_R_Free_selection_details            ? 
_refine.details                                  ? 
_refine.ls_R_factor_all                          ? 
_refine.ls_R_factor_obs                          0.187 
_refine.ls_R_factor_R_work                       0.182 
_refine.ls_wR_factor_R_work                      ? 
_refine.ls_R_factor_R_free                       0.229 
_refine.ls_wR_factor_R_free                      ? 
_refine.ls_percent_reflns_R_free                 9.940 
_refine.ls_number_reflns_R_free                  958 
_refine.ls_R_factor_R_free_error                 ? 
_refine.B_iso_mean                               34.966 
_refine.solvent_model_param_bsol                 44.297 
_refine.solvent_model_param_ksol                 0.448 
_refine.pdbx_isotropic_thermal_model             ? 
_refine.aniso_B[1][1]                            0.000 
_refine.aniso_B[2][2]                            0.000 
_refine.aniso_B[3][3]                            0.000 
_refine.aniso_B[1][2]                            0.000 
_refine.aniso_B[1][3]                            0.000 
_refine.aniso_B[2][3]                            0.000 
_refine.correlation_coeff_Fo_to_Fc               ? 
_refine.correlation_coeff_Fo_to_Fc_free          ? 
_refine.overall_SU_R_Cruickshank_DPI             ? 
_refine.overall_SU_R_free                        ? 
_refine.pdbx_overall_ESU_R_Free                  ? 
_refine.overall_SU_ML                            0.140 
_refine.overall_SU_B                             ? 
_refine.solvent_model_details                    'FLAT BULK SOLVENT MODEL' 
_refine.pdbx_solvent_vdw_probe_radii             1.110 
_refine.pdbx_solvent_ion_probe_radii             ? 
_refine.pdbx_solvent_shrinkage_radii             0.900 
_refine.ls_number_parameters                     ? 
_refine.ls_number_restraints                     ? 
_refine.pdbx_starting_model                      ? 
_refine.pdbx_method_to_determine_struct          'MOLECULAR REPLACEMENT' 
_refine.pdbx_stereochemistry_target_values       ML 
_refine.pdbx_stereochem_target_val_spec_case     ? 
_refine.overall_FOM_work_R_set                   0.820 
_refine.B_iso_max                                61.85 
_refine.B_iso_min                                19.72 
_refine.occupancy_max                            1.00 
_refine.occupancy_min                            0.18 
_refine.pdbx_ls_sigma_I                          ? 
_refine.ls_redundancy_reflns_obs                 ? 
_refine.ls_R_factor_R_free_error_details         ? 
_refine.pdbx_data_cutoff_high_rms_absF           ? 
_refine.overall_FOM_free_R_set                   ? 
_refine.pdbx_overall_phase_error                 ? 
_refine.pdbx_refine_id                           'X-RAY DIFFRACTION' 
_refine.pdbx_overall_ESU_R                       ? 
_refine.pdbx_diffrn_id                           1 
_refine.pdbx_TLS_residual_ADP_flag               ? 
_refine.pdbx_overall_SU_R_free_Cruickshank_DPI   ? 
_refine.pdbx_overall_SU_R_Blow_DPI               ? 
_refine.pdbx_overall_SU_R_free_Blow_DPI          ? 
# 
_refine_hist.pdbx_refine_id                   'X-RAY DIFFRACTION' 
_refine_hist.cycle_id                         LAST 
_refine_hist.pdbx_number_atoms_protein        0 
_refine_hist.pdbx_number_atoms_nucleic_acid   336 
_refine_hist.pdbx_number_atoms_ligand         2 
_refine_hist.number_atoms_solvent             79 
_refine_hist.number_atoms_total               417 
_refine_hist.d_res_high                       1.370 
_refine_hist.d_res_low                        18.309 
# 
loop_
_refine_ls_restr.type 
_refine_ls_restr.number 
_refine_ls_restr.dev_ideal 
_refine_ls_restr.dev_ideal_target 
_refine_ls_restr.weight 
_refine_ls_restr.pdbx_refine_id 
_refine_ls_restr.pdbx_restraint_function 
f_bond_d           383 0.019  ? ? 'X-RAY DIFFRACTION' ? 
f_angle_d          591 1.330  ? ? 'X-RAY DIFFRACTION' ? 
f_chiral_restr     79  0.063  ? ? 'X-RAY DIFFRACTION' ? 
f_plane_restr      16  0.020  ? ? 'X-RAY DIFFRACTION' ? 
f_dihedral_angle_d 188 12.579 ? ? 'X-RAY DIFFRACTION' ? 
# 
loop_
_refine_ls_shell.d_res_high 
_refine_ls_shell.d_res_low 
_refine_ls_shell.pdbx_total_number_of_bins_used 
_refine_ls_shell.percent_reflns_obs 
_refine_ls_shell.number_reflns_R_work 
_refine_ls_shell.R_factor_all 
_refine_ls_shell.R_factor_R_work 
_refine_ls_shell.R_factor_R_free 
_refine_ls_shell.percent_reflns_R_free 
_refine_ls_shell.number_reflns_R_free 
_refine_ls_shell.R_factor_R_free_error 
_refine_ls_shell.number_reflns_all 
_refine_ls_shell.number_reflns_obs 
_refine_ls_shell.redundancy_reflns_obs 
_refine_ls_shell.pdbx_refine_id 
1.370 1.443  7 99.000  1218 . 0.232 0.268 . 128 . 1346 . . 'X-RAY DIFFRACTION' 
1.443 1.533  7 100.000 1215 . 0.202 0.274 . 136 . 1351 . . 'X-RAY DIFFRACTION' 
1.533 1.651  7 99.000  1216 . 0.168 0.199 . 135 . 1351 . . 'X-RAY DIFFRACTION' 
1.651 1.817  7 99.000  1216 . 0.169 0.255 . 135 . 1351 . . 'X-RAY DIFFRACTION' 
1.817 2.080  7 100.000 1241 . 0.183 0.251 . 138 . 1379 . . 'X-RAY DIFFRACTION' 
2.080 2.619  7 100.000 1260 . 0.183 0.229 . 141 . 1401 . . 'X-RAY DIFFRACTION' 
2.619 18.311 7 99.000  1317 . 0.178 0.217 . 145 . 1462 . . 'X-RAY DIFFRACTION' 
# 
_struct.entry_id                  3ND3 
_struct.title                     'Uhelix 16-mer dsRNA' 
_struct.pdbx_model_details        ? 
_struct.pdbx_CASP_flag            ? 
_struct.pdbx_model_type_details   ? 
# 
_struct_keywords.entry_id        3ND3 
_struct_keywords.text            'double-stranded RNA, RNA, U-helix, oligo-U tail, polyU RNA' 
_struct_keywords.pdbx_keywords   RNA 
# 
loop_
_struct_asym.id 
_struct_asym.pdbx_blank_PDB_chainid_flag 
_struct_asym.pdbx_modified 
_struct_asym.entity_id 
_struct_asym.details 
A N N 1 ? 
B N N 2 ? 
C N N 3 ? 
D N N 4 ? 
# 
_struct_ref.id                         1 
_struct_ref.db_name                    PDB 
_struct_ref.db_code                    3ND3 
_struct_ref.pdbx_db_accession          3ND3 
_struct_ref.entity_id                  1 
_struct_ref.pdbx_align_begin           1 
_struct_ref.pdbx_seq_one_letter_code   AGAGAAGAUUUUUUUU 
_struct_ref.pdbx_db_isoform            ? 
# 
_struct_ref_seq.align_id                      1 
_struct_ref_seq.ref_id                        1 
_struct_ref_seq.pdbx_PDB_id_code              3ND3 
_struct_ref_seq.pdbx_strand_id                A 
_struct_ref_seq.seq_align_beg                 1 
_struct_ref_seq.pdbx_seq_align_beg_ins_code   ? 
_struct_ref_seq.seq_align_end                 16 
_struct_ref_seq.pdbx_seq_align_end_ins_code   ? 
_struct_ref_seq.pdbx_db_accession             3ND3 
_struct_ref_seq.db_align_beg                  1 
_struct_ref_seq.pdbx_db_align_beg_ins_code    ? 
_struct_ref_seq.db_align_end                  16 
_struct_ref_seq.pdbx_db_align_end_ins_code    ? 
_struct_ref_seq.pdbx_auth_seq_align_beg       1 
_struct_ref_seq.pdbx_auth_seq_align_end       16 
# 
_pdbx_struct_assembly.id                   1 
_pdbx_struct_assembly.details              author_and_software_defined_assembly 
_pdbx_struct_assembly.method_details       PISA 
_pdbx_struct_assembly.oligomeric_details   dimeric 
_pdbx_struct_assembly.oligomeric_count     2 
# 
loop_
_pdbx_struct_assembly_prop.biol_id 
_pdbx_struct_assembly_prop.type 
_pdbx_struct_assembly_prop.value 
_pdbx_struct_assembly_prop.details 
1 'ABSA (A^2)' 1670 ? 
1 MORE         -28  ? 
1 'SSA (A^2)'  5870 ? 
# 
_pdbx_struct_assembly_gen.assembly_id       1 
_pdbx_struct_assembly_gen.oper_expression   1,2 
_pdbx_struct_assembly_gen.asym_id_list      A,B,C,D 
# 
loop_
_pdbx_struct_oper_list.id 
_pdbx_struct_oper_list.type 
_pdbx_struct_oper_list.name 
_pdbx_struct_oper_list.symmetry_operation 
_pdbx_struct_oper_list.matrix[1][1] 
_pdbx_struct_oper_list.matrix[1][2] 
_pdbx_struct_oper_list.matrix[1][3] 
_pdbx_struct_oper_list.vector[1] 
_pdbx_struct_oper_list.matrix[2][1] 
_pdbx_struct_oper_list.matrix[2][2] 
_pdbx_struct_oper_list.matrix[2][3] 
_pdbx_struct_oper_list.vector[2] 
_pdbx_struct_oper_list.matrix[3][1] 
_pdbx_struct_oper_list.matrix[3][2] 
_pdbx_struct_oper_list.matrix[3][3] 
_pdbx_struct_oper_list.vector[3] 
1 'identity operation'         1_555 x,y,z  1.0000000000  0.0000000000 0.0000000000  0.0000000000  0.0000000000 1.0000000000 0.0000000000  0.0000000000  0.0000000000  0.0000000000  1.0000000000  0.0000000000  
2 'crystal symmetry operation' 4_555 y,x,-z -0.5682642914 0.7176534192 -0.4025534314 -2.4365481646 0.7176534192 0.1929206220 -0.6691451289 -0.3579552011 -0.4025534314 -0.6691451289 -0.6246563306 -3.2513264583 
# 
_struct_biol.id        1 
_struct_biol.details   ? 
# 
loop_
_struct_conn.id 
_struct_conn.conn_type_id 
_struct_conn.pdbx_leaving_atom_flag 
_struct_conn.pdbx_PDB_id 
_struct_conn.ptnr1_label_asym_id 
_struct_conn.ptnr1_label_comp_id 
_struct_conn.ptnr1_label_seq_id 
_struct_conn.ptnr1_label_atom_id 
_struct_conn.pdbx_ptnr1_label_alt_id 
_struct_conn.pdbx_ptnr1_PDB_ins_code 
_struct_conn.pdbx_ptnr1_standard_comp_id 
_struct_conn.ptnr1_symmetry 
_struct_conn.ptnr2_label_asym_id 
_struct_conn.ptnr2_label_comp_id 
_struct_conn.ptnr2_label_seq_id 
_struct_conn.ptnr2_label_atom_id 
_struct_conn.pdbx_ptnr2_label_alt_id 
_struct_conn.pdbx_ptnr2_PDB_ins_code 
_struct_conn.ptnr1_auth_asym_id 
_struct_conn.ptnr1_auth_comp_id 
_struct_conn.ptnr1_auth_seq_id 
_struct_conn.ptnr2_auth_asym_id 
_struct_conn.ptnr2_auth_comp_id 
_struct_conn.ptnr2_auth_seq_id 
_struct_conn.ptnr2_symmetry 
_struct_conn.pdbx_ptnr3_label_atom_id 
_struct_conn.pdbx_ptnr3_label_seq_id 
_struct_conn.pdbx_ptnr3_label_comp_id 
_struct_conn.pdbx_ptnr3_label_asym_id 
_struct_conn.pdbx_ptnr3_label_alt_id 
_struct_conn.pdbx_ptnr3_PDB_ins_code 
_struct_conn.details 
_struct_conn.pdbx_dist_value 
_struct_conn.pdbx_value_order 
_struct_conn.pdbx_role 
metalc1  metalc ? ? A A  5  "O2'" ? ? ? 1_555 C NA  .  NA ? ? A A  5  A NA  19  1_555 ? ? ? ? ? ? ?            2.545 ? ? 
metalc2  metalc ? ? A A  6  "O4'" ? ? ? 1_555 C NA  .  NA ? ? A A  6  A NA  19  1_555 ? ? ? ? ? ? ?            2.569 ? ? 
metalc3  metalc ? ? A U  13 "O2'" ? ? ? 1_555 B K   .  K  ? ? A U  13 A K   17  1_555 ? ? ? ? ? ? ?            2.958 ? ? 
metalc4  metalc ? ? C NA .  NA    ? ? ? 1_555 D HOH .  O  ? ? A NA 19 A HOH 119 1_555 ? ? ? ? ? ? ?            2.280 ? ? 
metalc5  metalc ? ? C NA .  NA    ? ? ? 1_555 D HOH .  O  ? ? A NA 19 A HOH 219 1_555 ? ? ? ? ? ? ?            2.326 ? ? 
metalc6  metalc ? ? C NA .  NA    ? ? ? 1_555 D HOH .  O  ? ? A NA 19 A HOH 319 1_555 ? ? ? ? ? ? ?            2.275 ? ? 
metalc7  metalc ? ? C NA .  NA    ? ? ? 1_555 D HOH .  O  ? ? A NA 19 A HOH 419 1_555 ? ? ? ? ? ? ?            2.252 ? ? 
hydrog1  hydrog ? ? A A  1  N1    ? ? ? 1_555 A U   16 N3 ? ? A A  1  A U   16  4_555 ? ? ? ? ? ? WATSON-CRICK ?     ? ? 
hydrog2  hydrog ? ? A A  1  N6    ? ? ? 1_555 A U   16 O4 ? ? A A  1  A U   16  4_555 ? ? ? ? ? ? WATSON-CRICK ?     ? ? 
hydrog3  hydrog ? ? A G  2  N1    ? ? ? 1_555 A U   15 O2 ? ? A G  2  A U   15  4_555 ? ? ? ? ? ? TYPE_28_PAIR ?     ? ? 
hydrog4  hydrog ? ? A G  2  O6    ? ? ? 1_555 A U   15 N3 ? ? A G  2  A U   15  4_555 ? ? ? ? ? ? TYPE_28_PAIR ?     ? ? 
hydrog5  hydrog ? ? A A  3  N1    ? ? ? 1_555 A U   14 N3 ? ? A A  3  A U   14  4_555 ? ? ? ? ? ? WATSON-CRICK ?     ? ? 
hydrog6  hydrog ? ? A A  3  N6    ? ? ? 1_555 A U   14 O4 ? ? A A  3  A U   14  4_555 ? ? ? ? ? ? WATSON-CRICK ?     ? ? 
hydrog7  hydrog ? ? A G  4  N1    ? ? ? 1_555 A U   13 O2 ? ? A G  4  A U   13  4_555 ? ? ? ? ? ? TYPE_28_PAIR ?     ? ? 
hydrog8  hydrog ? ? A G  4  O6    ? ? ? 1_555 A U   13 N3 ? ? A G  4  A U   13  4_555 ? ? ? ? ? ? TYPE_28_PAIR ?     ? ? 
hydrog9  hydrog ? ? A A  5  N1    ? ? ? 1_555 A U   12 N3 ? ? A A  5  A U   12  4_555 ? ? ? ? ? ? WATSON-CRICK ?     ? ? 
hydrog10 hydrog ? ? A A  5  N6    ? ? ? 1_555 A U   12 O4 ? ? A A  5  A U   12  4_555 ? ? ? ? ? ? WATSON-CRICK ?     ? ? 
hydrog11 hydrog ? ? A A  6  N1    ? ? ? 1_555 A U   11 N3 ? ? A A  6  A U   11  4_555 ? ? ? ? ? ? WATSON-CRICK ?     ? ? 
hydrog12 hydrog ? ? A A  6  N6    ? ? ? 1_555 A U   11 O4 ? ? A A  6  A U   11  4_555 ? ? ? ? ? ? WATSON-CRICK ?     ? ? 
hydrog13 hydrog ? ? A G  7  N1    ? ? ? 1_555 A U   10 O2 ? ? A G  7  A U   10  4_555 ? ? ? ? ? ? TYPE_28_PAIR ?     ? ? 
hydrog14 hydrog ? ? A G  7  O6    ? ? ? 1_555 A U   10 N3 ? ? A G  7  A U   10  4_555 ? ? ? ? ? ? TYPE_28_PAIR ?     ? ? 
hydrog15 hydrog ? ? A A  8  N1    ? ? ? 1_555 A U   9  N3 ? ? A A  8  A U   9   4_555 ? ? ? ? ? ? WATSON-CRICK ?     ? ? 
hydrog16 hydrog ? ? A A  8  N6    ? ? ? 1_555 A U   9  O4 ? ? A A  8  A U   9   4_555 ? ? ? ? ? ? WATSON-CRICK ?     ? ? 
hydrog17 hydrog ? ? A U  9  N3    ? ? ? 1_555 A A   8  N1 ? ? A U  9  A A   8   4_555 ? ? ? ? ? ? WATSON-CRICK ?     ? ? 
hydrog18 hydrog ? ? A U  9  O4    ? ? ? 1_555 A A   8  N6 ? ? A U  9  A A   8   4_555 ? ? ? ? ? ? WATSON-CRICK ?     ? ? 
hydrog19 hydrog ? ? A U  10 N3    ? ? ? 1_555 A G   7  O6 ? ? A U  10 A G   7   4_555 ? ? ? ? ? ? TYPE_28_PAIR ?     ? ? 
hydrog20 hydrog ? ? A U  10 O2    ? ? ? 1_555 A G   7  N1 ? ? A U  10 A G   7   4_555 ? ? ? ? ? ? TYPE_28_PAIR ?     ? ? 
hydrog21 hydrog ? ? A U  11 N3    ? ? ? 1_555 A A   6  N1 ? ? A U  11 A A   6   4_555 ? ? ? ? ? ? WATSON-CRICK ?     ? ? 
hydrog22 hydrog ? ? A U  11 O4    ? ? ? 1_555 A A   6  N6 ? ? A U  11 A A   6   4_555 ? ? ? ? ? ? WATSON-CRICK ?     ? ? 
hydrog23 hydrog ? ? A U  12 N3    ? ? ? 1_555 A A   5  N1 ? ? A U  12 A A   5   4_555 ? ? ? ? ? ? WATSON-CRICK ?     ? ? 
hydrog24 hydrog ? ? A U  12 O4    ? ? ? 1_555 A A   5  N6 ? ? A U  12 A A   5   4_555 ? ? ? ? ? ? WATSON-CRICK ?     ? ? 
hydrog25 hydrog ? ? A U  13 N3    ? ? ? 1_555 A G   4  O6 ? ? A U  13 A G   4   4_555 ? ? ? ? ? ? TYPE_28_PAIR ?     ? ? 
hydrog26 hydrog ? ? A U  13 O2    ? ? ? 1_555 A G   4  N1 ? ? A U  13 A G   4   4_555 ? ? ? ? ? ? TYPE_28_PAIR ?     ? ? 
hydrog27 hydrog ? ? A U  14 N3    ? ? ? 1_555 A A   3  N1 ? ? A U  14 A A   3   4_555 ? ? ? ? ? ? WATSON-CRICK ?     ? ? 
hydrog28 hydrog ? ? A U  14 O4    ? ? ? 1_555 A A   3  N6 ? ? A U  14 A A   3   4_555 ? ? ? ? ? ? WATSON-CRICK ?     ? ? 
hydrog29 hydrog ? ? A U  15 N3    ? ? ? 1_555 A G   2  O6 ? ? A U  15 A G   2   4_555 ? ? ? ? ? ? TYPE_28_PAIR ?     ? ? 
hydrog30 hydrog ? ? A U  15 O2    ? ? ? 1_555 A G   2  N1 ? ? A U  15 A G   2   4_555 ? ? ? ? ? ? TYPE_28_PAIR ?     ? ? 
hydrog31 hydrog ? ? A U  16 N3    ? ? ? 1_555 A A   1  N1 ? ? A U  16 A A   1   4_555 ? ? ? ? ? ? WATSON-CRICK ?     ? ? 
hydrog32 hydrog ? ? A U  16 O4    ? ? ? 1_555 A A   1  N6 ? ? A U  16 A A   1   4_555 ? ? ? ? ? ? WATSON-CRICK ?     ? ? 
# 
loop_
_struct_conn_type.id 
_struct_conn_type.criteria 
_struct_conn_type.reference 
metalc ? ? 
hydrog ? ? 
# 
loop_
_pdbx_struct_conn_angle.id 
_pdbx_struct_conn_angle.ptnr1_label_atom_id 
_pdbx_struct_conn_angle.ptnr1_label_alt_id 
_pdbx_struct_conn_angle.ptnr1_label_asym_id 
_pdbx_struct_conn_angle.ptnr1_label_comp_id 
_pdbx_struct_conn_angle.ptnr1_label_seq_id 
_pdbx_struct_conn_angle.ptnr1_auth_atom_id 
_pdbx_struct_conn_angle.ptnr1_auth_asym_id 
_pdbx_struct_conn_angle.ptnr1_auth_comp_id 
_pdbx_struct_conn_angle.ptnr1_auth_seq_id 
_pdbx_struct_conn_angle.ptnr1_PDB_ins_code 
_pdbx_struct_conn_angle.ptnr1_symmetry 
_pdbx_struct_conn_angle.ptnr2_label_atom_id 
_pdbx_struct_conn_angle.ptnr2_label_alt_id 
_pdbx_struct_conn_angle.ptnr2_label_asym_id 
_pdbx_struct_conn_angle.ptnr2_label_comp_id 
_pdbx_struct_conn_angle.ptnr2_label_seq_id 
_pdbx_struct_conn_angle.ptnr2_auth_atom_id 
_pdbx_struct_conn_angle.ptnr2_auth_asym_id 
_pdbx_struct_conn_angle.ptnr2_auth_comp_id 
_pdbx_struct_conn_angle.ptnr2_auth_seq_id 
_pdbx_struct_conn_angle.ptnr2_PDB_ins_code 
_pdbx_struct_conn_angle.ptnr2_symmetry 
_pdbx_struct_conn_angle.ptnr3_label_atom_id 
_pdbx_struct_conn_angle.ptnr3_label_alt_id 
_pdbx_struct_conn_angle.ptnr3_label_asym_id 
_pdbx_struct_conn_angle.ptnr3_label_comp_id 
_pdbx_struct_conn_angle.ptnr3_label_seq_id 
_pdbx_struct_conn_angle.ptnr3_auth_atom_id 
_pdbx_struct_conn_angle.ptnr3_auth_asym_id 
_pdbx_struct_conn_angle.ptnr3_auth_comp_id 
_pdbx_struct_conn_angle.ptnr3_auth_seq_id 
_pdbx_struct_conn_angle.ptnr3_PDB_ins_code 
_pdbx_struct_conn_angle.ptnr3_symmetry 
_pdbx_struct_conn_angle.value 
_pdbx_struct_conn_angle.value_esd 
1  "O2'" ? A A   5 ? A A   5   ? 1_555 NA ? C NA . ? A NA 19 ? 1_555 "O4'" ? A A   6 ? A A   6   ? 1_555 81.7  ? 
2  "O2'" ? A A   5 ? A A   5   ? 1_555 NA ? C NA . ? A NA 19 ? 1_555 O     ? D HOH . ? A HOH 119 ? 1_555 158.6 ? 
3  "O4'" ? A A   6 ? A A   6   ? 1_555 NA ? C NA . ? A NA 19 ? 1_555 O     ? D HOH . ? A HOH 119 ? 1_555 78.8  ? 
4  "O2'" ? A A   5 ? A A   5   ? 1_555 NA ? C NA . ? A NA 19 ? 1_555 O     ? D HOH . ? A HOH 219 ? 1_555 86.6  ? 
5  "O4'" ? A A   6 ? A A   6   ? 1_555 NA ? C NA . ? A NA 19 ? 1_555 O     ? D HOH . ? A HOH 219 ? 1_555 88.3  ? 
6  O     ? D HOH . ? A HOH 119 ? 1_555 NA ? C NA . ? A NA 19 ? 1_555 O     ? D HOH . ? A HOH 219 ? 1_555 83.9  ? 
7  "O2'" ? A A   5 ? A A   5   ? 1_555 NA ? C NA . ? A NA 19 ? 1_555 O     ? D HOH . ? A HOH 319 ? 1_555 112.9 ? 
8  "O4'" ? A A   6 ? A A   6   ? 1_555 NA ? C NA . ? A NA 19 ? 1_555 O     ? D HOH . ? A HOH 319 ? 1_555 164.7 ? 
9  O     ? D HOH . ? A HOH 119 ? 1_555 NA ? C NA . ? A NA 19 ? 1_555 O     ? D HOH . ? A HOH 319 ? 1_555 86.0  ? 
10 O     ? D HOH . ? A HOH 219 ? 1_555 NA ? C NA . ? A NA 19 ? 1_555 O     ? D HOH . ? A HOH 319 ? 1_555 88.3  ? 
11 "O2'" ? A A   5 ? A A   5   ? 1_555 NA ? C NA . ? A NA 19 ? 1_555 O     ? D HOH . ? A HOH 419 ? 1_555 96.4  ? 
12 "O4'" ? A A   6 ? A A   6   ? 1_555 NA ? C NA . ? A NA 19 ? 1_555 O     ? D HOH . ? A HOH 419 ? 1_555 81.7  ? 
13 O     ? D HOH . ? A HOH 119 ? 1_555 NA ? C NA . ? A NA 19 ? 1_555 O     ? D HOH . ? A HOH 419 ? 1_555 89.6  ? 
14 O     ? D HOH . ? A HOH 219 ? 1_555 NA ? C NA . ? A NA 19 ? 1_555 O     ? D HOH . ? A HOH 419 ? 1_555 169.0 ? 
15 O     ? D HOH . ? A HOH 319 ? 1_555 NA ? C NA . ? A NA 19 ? 1_555 O     ? D HOH . ? A HOH 419 ? 1_555 100.2 ? 
# 
loop_
_struct_site.id 
_struct_site.pdbx_evidence_code 
_struct_site.pdbx_auth_asym_id 
_struct_site.pdbx_auth_comp_id 
_struct_site.pdbx_auth_seq_id 
_struct_site.pdbx_auth_ins_code 
_struct_site.pdbx_num_residues 
_struct_site.details 
AC1 Software A K  17 ? 3 'BINDING SITE FOR RESIDUE K A 17'  
AC2 Software A NA 19 ? 6 'BINDING SITE FOR RESIDUE NA A 19' 
# 
loop_
_struct_site_gen.id 
_struct_site_gen.site_id 
_struct_site_gen.pdbx_num_res 
_struct_site_gen.label_comp_id 
_struct_site_gen.label_asym_id 
_struct_site_gen.label_seq_id 
_struct_site_gen.pdbx_auth_ins_code 
_struct_site_gen.auth_comp_id 
_struct_site_gen.auth_asym_id 
_struct_site_gen.auth_seq_id 
_struct_site_gen.label_atom_id 
_struct_site_gen.label_alt_id 
_struct_site_gen.symmetry 
_struct_site_gen.details 
1 AC1 3 U   A 13 ? U   A 13  . ? 3_565 ? 
2 AC1 3 U   A 13 ? U   A 13  . ? 1_555 ? 
3 AC1 3 U   A 13 ? U   A 13  . ? 2_665 ? 
4 AC2 6 A   A 5  ? A   A 5   . ? 1_555 ? 
5 AC2 6 A   A 6  ? A   A 6   . ? 1_555 ? 
6 AC2 6 HOH D .  ? HOH A 119 . ? 1_555 ? 
7 AC2 6 HOH D .  ? HOH A 219 . ? 1_555 ? 
8 AC2 6 HOH D .  ? HOH A 319 . ? 1_555 ? 
9 AC2 6 HOH D .  ? HOH A 419 . ? 1_555 ? 
# 
_pdbx_validate_rmsd_angle.id                         1 
_pdbx_validate_rmsd_angle.PDB_model_num              1 
_pdbx_validate_rmsd_angle.auth_atom_id_1             C5 
_pdbx_validate_rmsd_angle.auth_asym_id_1             A 
_pdbx_validate_rmsd_angle.auth_comp_id_1             A 
_pdbx_validate_rmsd_angle.auth_seq_id_1              5 
_pdbx_validate_rmsd_angle.PDB_ins_code_1             ? 
_pdbx_validate_rmsd_angle.label_alt_id_1             ? 
_pdbx_validate_rmsd_angle.auth_atom_id_2             C6 
_pdbx_validate_rmsd_angle.auth_asym_id_2             A 
_pdbx_validate_rmsd_angle.auth_comp_id_2             A 
_pdbx_validate_rmsd_angle.auth_seq_id_2              5 
_pdbx_validate_rmsd_angle.PDB_ins_code_2             ? 
_pdbx_validate_rmsd_angle.label_alt_id_2             ? 
_pdbx_validate_rmsd_angle.auth_atom_id_3             N1 
_pdbx_validate_rmsd_angle.auth_asym_id_3             A 
_pdbx_validate_rmsd_angle.auth_comp_id_3             A 
_pdbx_validate_rmsd_angle.auth_seq_id_3              5 
_pdbx_validate_rmsd_angle.PDB_ins_code_3             ? 
_pdbx_validate_rmsd_angle.label_alt_id_3             ? 
_pdbx_validate_rmsd_angle.angle_value                114.58 
_pdbx_validate_rmsd_angle.angle_target_value         117.70 
_pdbx_validate_rmsd_angle.angle_deviation            -3.12 
_pdbx_validate_rmsd_angle.angle_standard_deviation   0.50 
_pdbx_validate_rmsd_angle.linker_flag                N 
# 
loop_
_pdbx_struct_special_symmetry.id 
_pdbx_struct_special_symmetry.PDB_model_num 
_pdbx_struct_special_symmetry.auth_asym_id 
_pdbx_struct_special_symmetry.auth_comp_id 
_pdbx_struct_special_symmetry.auth_seq_id 
_pdbx_struct_special_symmetry.PDB_ins_code 
_pdbx_struct_special_symmetry.label_asym_id 
_pdbx_struct_special_symmetry.label_comp_id 
_pdbx_struct_special_symmetry.label_seq_id 
1 1 A K   17 ? B K   . 
2 1 A HOH 27 ? D HOH . 
3 1 A HOH 28 ? D HOH . 
4 1 A HOH 66 ? D HOH . 
# 
_phasing.method   MR 
# 
loop_
_chem_comp_atom.comp_id 
_chem_comp_atom.atom_id 
_chem_comp_atom.type_symbol 
_chem_comp_atom.pdbx_aromatic_flag 
_chem_comp_atom.pdbx_stereo_config 
_chem_comp_atom.pdbx_ordinal 
A   OP3    O  N N 1   
A   P      P  N N 2   
A   OP1    O  N N 3   
A   OP2    O  N N 4   
A   "O5'"  O  N N 5   
A   "C5'"  C  N N 6   
A   "C4'"  C  N R 7   
A   "O4'"  O  N N 8   
A   "C3'"  C  N S 9   
A   "O3'"  O  N N 10  
A   "C2'"  C  N R 11  
A   "O2'"  O  N N 12  
A   "C1'"  C  N R 13  
A   N9     N  Y N 14  
A   C8     C  Y N 15  
A   N7     N  Y N 16  
A   C5     C  Y N 17  
A   C6     C  Y N 18  
A   N6     N  N N 19  
A   N1     N  Y N 20  
A   C2     C  Y N 21  
A   N3     N  Y N 22  
A   C4     C  Y N 23  
A   HOP3   H  N N 24  
A   HOP2   H  N N 25  
A   "H5'"  H  N N 26  
A   "H5''" H  N N 27  
A   "H4'"  H  N N 28  
A   "H3'"  H  N N 29  
A   "HO3'" H  N N 30  
A   "H2'"  H  N N 31  
A   "HO2'" H  N N 32  
A   "H1'"  H  N N 33  
A   H8     H  N N 34  
A   H61    H  N N 35  
A   H62    H  N N 36  
A   H2     H  N N 37  
G   OP3    O  N N 38  
G   P      P  N N 39  
G   OP1    O  N N 40  
G   OP2    O  N N 41  
G   "O5'"  O  N N 42  
G   "C5'"  C  N N 43  
G   "C4'"  C  N R 44  
G   "O4'"  O  N N 45  
G   "C3'"  C  N S 46  
G   "O3'"  O  N N 47  
G   "C2'"  C  N R 48  
G   "O2'"  O  N N 49  
G   "C1'"  C  N R 50  
G   N9     N  Y N 51  
G   C8     C  Y N 52  
G   N7     N  Y N 53  
G   C5     C  Y N 54  
G   C6     C  N N 55  
G   O6     O  N N 56  
G   N1     N  N N 57  
G   C2     C  N N 58  
G   N2     N  N N 59  
G   N3     N  N N 60  
G   C4     C  Y N 61  
G   HOP3   H  N N 62  
G   HOP2   H  N N 63  
G   "H5'"  H  N N 64  
G   "H5''" H  N N 65  
G   "H4'"  H  N N 66  
G   "H3'"  H  N N 67  
G   "HO3'" H  N N 68  
G   "H2'"  H  N N 69  
G   "HO2'" H  N N 70  
G   "H1'"  H  N N 71  
G   H8     H  N N 72  
G   H1     H  N N 73  
G   H21    H  N N 74  
G   H22    H  N N 75  
HOH O      O  N N 76  
HOH H1     H  N N 77  
HOH H2     H  N N 78  
K   K      K  N N 79  
NA  NA     NA N N 80  
U   OP3    O  N N 81  
U   P      P  N N 82  
U   OP1    O  N N 83  
U   OP2    O  N N 84  
U   "O5'"  O  N N 85  
U   "C5'"  C  N N 86  
U   "C4'"  C  N R 87  
U   "O4'"  O  N N 88  
U   "C3'"  C  N S 89  
U   "O3'"  O  N N 90  
U   "C2'"  C  N R 91  
U   "O2'"  O  N N 92  
U   "C1'"  C  N R 93  
U   N1     N  N N 94  
U   C2     C  N N 95  
U   O2     O  N N 96  
U   N3     N  N N 97  
U   C4     C  N N 98  
U   O4     O  N N 99  
U   C5     C  N N 100 
U   C6     C  N N 101 
U   HOP3   H  N N 102 
U   HOP2   H  N N 103 
U   "H5'"  H  N N 104 
U   "H5''" H  N N 105 
U   "H4'"  H  N N 106 
U   "H3'"  H  N N 107 
U   "HO3'" H  N N 108 
U   "H2'"  H  N N 109 
U   "HO2'" H  N N 110 
U   "H1'"  H  N N 111 
U   H3     H  N N 112 
U   H5     H  N N 113 
U   H6     H  N N 114 
# 
loop_
_chem_comp_bond.comp_id 
_chem_comp_bond.atom_id_1 
_chem_comp_bond.atom_id_2 
_chem_comp_bond.value_order 
_chem_comp_bond.pdbx_aromatic_flag 
_chem_comp_bond.pdbx_stereo_config 
_chem_comp_bond.pdbx_ordinal 
A   OP3   P      sing N N 1   
A   OP3   HOP3   sing N N 2   
A   P     OP1    doub N N 3   
A   P     OP2    sing N N 4   
A   P     "O5'"  sing N N 5   
A   OP2   HOP2   sing N N 6   
A   "O5'" "C5'"  sing N N 7   
A   "C5'" "C4'"  sing N N 8   
A   "C5'" "H5'"  sing N N 9   
A   "C5'" "H5''" sing N N 10  
A   "C4'" "O4'"  sing N N 11  
A   "C4'" "C3'"  sing N N 12  
A   "C4'" "H4'"  sing N N 13  
A   "O4'" "C1'"  sing N N 14  
A   "C3'" "O3'"  sing N N 15  
A   "C3'" "C2'"  sing N N 16  
A   "C3'" "H3'"  sing N N 17  
A   "O3'" "HO3'" sing N N 18  
A   "C2'" "O2'"  sing N N 19  
A   "C2'" "C1'"  sing N N 20  
A   "C2'" "H2'"  sing N N 21  
A   "O2'" "HO2'" sing N N 22  
A   "C1'" N9     sing N N 23  
A   "C1'" "H1'"  sing N N 24  
A   N9    C8     sing Y N 25  
A   N9    C4     sing Y N 26  
A   C8    N7     doub Y N 27  
A   C8    H8     sing N N 28  
A   N7    C5     sing Y N 29  
A   C5    C6     sing Y N 30  
A   C5    C4     doub Y N 31  
A   C6    N6     sing N N 32  
A   C6    N1     doub Y N 33  
A   N6    H61    sing N N 34  
A   N6    H62    sing N N 35  
A   N1    C2     sing Y N 36  
A   C2    N3     doub Y N 37  
A   C2    H2     sing N N 38  
A   N3    C4     sing Y N 39  
G   OP3   P      sing N N 40  
G   OP3   HOP3   sing N N 41  
G   P     OP1    doub N N 42  
G   P     OP2    sing N N 43  
G   P     "O5'"  sing N N 44  
G   OP2   HOP2   sing N N 45  
G   "O5'" "C5'"  sing N N 46  
G   "C5'" "C4'"  sing N N 47  
G   "C5'" "H5'"  sing N N 48  
G   "C5'" "H5''" sing N N 49  
G   "C4'" "O4'"  sing N N 50  
G   "C4'" "C3'"  sing N N 51  
G   "C4'" "H4'"  sing N N 52  
G   "O4'" "C1'"  sing N N 53  
G   "C3'" "O3'"  sing N N 54  
G   "C3'" "C2'"  sing N N 55  
G   "C3'" "H3'"  sing N N 56  
G   "O3'" "HO3'" sing N N 57  
G   "C2'" "O2'"  sing N N 58  
G   "C2'" "C1'"  sing N N 59  
G   "C2'" "H2'"  sing N N 60  
G   "O2'" "HO2'" sing N N 61  
G   "C1'" N9     sing N N 62  
G   "C1'" "H1'"  sing N N 63  
G   N9    C8     sing Y N 64  
G   N9    C4     sing Y N 65  
G   C8    N7     doub Y N 66  
G   C8    H8     sing N N 67  
G   N7    C5     sing Y N 68  
G   C5    C6     sing N N 69  
G   C5    C4     doub Y N 70  
G   C6    O6     doub N N 71  
G   C6    N1     sing N N 72  
G   N1    C2     sing N N 73  
G   N1    H1     sing N N 74  
G   C2    N2     sing N N 75  
G   C2    N3     doub N N 76  
G   N2    H21    sing N N 77  
G   N2    H22    sing N N 78  
G   N3    C4     sing N N 79  
HOH O     H1     sing N N 80  
HOH O     H2     sing N N 81  
U   OP3   P      sing N N 82  
U   OP3   HOP3   sing N N 83  
U   P     OP1    doub N N 84  
U   P     OP2    sing N N 85  
U   P     "O5'"  sing N N 86  
U   OP2   HOP2   sing N N 87  
U   "O5'" "C5'"  sing N N 88  
U   "C5'" "C4'"  sing N N 89  
U   "C5'" "H5'"  sing N N 90  
U   "C5'" "H5''" sing N N 91  
U   "C4'" "O4'"  sing N N 92  
U   "C4'" "C3'"  sing N N 93  
U   "C4'" "H4'"  sing N N 94  
U   "O4'" "C1'"  sing N N 95  
U   "C3'" "O3'"  sing N N 96  
U   "C3'" "C2'"  sing N N 97  
U   "C3'" "H3'"  sing N N 98  
U   "O3'" "HO3'" sing N N 99  
U   "C2'" "O2'"  sing N N 100 
U   "C2'" "C1'"  sing N N 101 
U   "C2'" "H2'"  sing N N 102 
U   "O2'" "HO2'" sing N N 103 
U   "C1'" N1     sing N N 104 
U   "C1'" "H1'"  sing N N 105 
U   N1    C2     sing N N 106 
U   N1    C6     sing N N 107 
U   C2    O2     doub N N 108 
U   C2    N3     sing N N 109 
U   N3    C4     sing N N 110 
U   N3    H3     sing N N 111 
U   C4    O4     doub N N 112 
U   C4    C5     sing N N 113 
U   C5    C6     doub N N 114 
U   C5    H5     sing N N 115 
U   C6    H6     sing N N 116 
# 
loop_
_ndb_struct_conf_na.entry_id 
_ndb_struct_conf_na.feature 
3ND3 'a-form double helix'  
3ND3 'mismatched base pair' 
# 
loop_
_ndb_struct_na_base_pair.model_number 
_ndb_struct_na_base_pair.i_label_asym_id 
_ndb_struct_na_base_pair.i_label_comp_id 
_ndb_struct_na_base_pair.i_label_seq_id 
_ndb_struct_na_base_pair.i_symmetry 
_ndb_struct_na_base_pair.j_label_asym_id 
_ndb_struct_na_base_pair.j_label_comp_id 
_ndb_struct_na_base_pair.j_label_seq_id 
_ndb_struct_na_base_pair.j_symmetry 
_ndb_struct_na_base_pair.shear 
_ndb_struct_na_base_pair.stretch 
_ndb_struct_na_base_pair.stagger 
_ndb_struct_na_base_pair.buckle 
_ndb_struct_na_base_pair.propeller 
_ndb_struct_na_base_pair.opening 
_ndb_struct_na_base_pair.pair_number 
_ndb_struct_na_base_pair.pair_name 
_ndb_struct_na_base_pair.i_auth_asym_id 
_ndb_struct_na_base_pair.i_auth_seq_id 
_ndb_struct_na_base_pair.i_PDB_ins_code 
_ndb_struct_na_base_pair.j_auth_asym_id 
_ndb_struct_na_base_pair.j_auth_seq_id 
_ndb_struct_na_base_pair.j_PDB_ins_code 
_ndb_struct_na_base_pair.hbond_type_28 
_ndb_struct_na_base_pair.hbond_type_12 
1 A A 1  1_555 A U 16 4_555 0.015  -0.082 -0.104 -6.868 -8.027  1.041  1  A_A1:U16_A A 1  ? A 16 ? 20 1 
1 A G 2  1_555 A U 15 4_555 -2.384 -0.608 0.064  0.827  -13.188 -2.005 2  A_G2:U15_A A 2  ? A 15 ? 28 1 
1 A A 3  1_555 A U 14 4_555 -0.048 -0.128 0.019  -0.475 -12.498 2.783  3  A_A3:U14_A A 3  ? A 14 ? 20 1 
1 A G 4  1_555 A U 13 4_555 -2.494 -0.561 0.038  -0.256 -10.345 -2.026 4  A_G4:U13_A A 4  ? A 13 ? 28 1 
1 A A 5  1_555 A U 12 4_555 0.006  -0.015 -0.001 2.790  -11.197 6.647  5  A_A5:U12_A A 5  ? A 12 ? 20 1 
1 A A 6  1_555 A U 11 4_555 0.119  -0.048 0.055  1.766  -13.876 5.641  6  A_A6:U11_A A 6  ? A 11 ? 20 1 
1 A G 7  1_555 A U 10 4_555 -2.415 -0.560 0.108  -0.482 -10.612 -0.503 7  A_G7:U10_A A 7  ? A 10 ? 28 1 
1 A A 8  1_555 A U 9  4_555 -0.079 -0.044 0.227  0.261  -15.149 4.056  8  A_A8:U9_A  A 8  ? A 9  ? 20 1 
1 A U 9  1_555 A A 8  4_555 0.079  -0.044 0.227  -0.261 -15.149 4.056  9  A_U9:A8_A  A 9  ? A 8  ? 20 1 
1 A U 10 1_555 A G 7  4_555 2.415  -0.560 0.108  0.482  -10.612 -0.503 10 A_U10:G7_A A 10 ? A 7  ? 28 1 
1 A U 11 1_555 A A 6  4_555 -0.119 -0.048 0.055  -1.766 -13.876 5.641  11 A_U11:A6_A A 11 ? A 6  ? 20 1 
1 A U 12 1_555 A A 5  4_555 -0.006 -0.015 -0.001 -2.790 -11.197 6.647  12 A_U12:A5_A A 12 ? A 5  ? 20 1 
1 A U 13 1_555 A G 4  4_555 2.494  -0.561 0.038  0.256  -10.345 -2.026 13 A_U13:G4_A A 13 ? A 4  ? 28 1 
1 A U 14 1_555 A A 3  4_555 0.048  -0.128 0.019  0.475  -12.498 2.783  14 A_U14:A3_A A 14 ? A 3  ? 20 1 
1 A U 15 1_555 A G 2  4_555 2.384  -0.608 0.064  -0.827 -13.188 -2.005 15 A_U15:G2_A A 15 ? A 2  ? 28 1 
1 A U 16 1_555 A A 1  4_555 -0.015 -0.082 -0.104 6.868  -8.027  1.041  16 A_U16:A1_A A 16 ? A 1  ? 20 1 
# 
loop_
_ndb_struct_na_base_pair_step.model_number 
_ndb_struct_na_base_pair_step.i_label_asym_id_1 
_ndb_struct_na_base_pair_step.i_label_comp_id_1 
_ndb_struct_na_base_pair_step.i_label_seq_id_1 
_ndb_struct_na_base_pair_step.i_symmetry_1 
_ndb_struct_na_base_pair_step.j_label_asym_id_1 
_ndb_struct_na_base_pair_step.j_label_comp_id_1 
_ndb_struct_na_base_pair_step.j_label_seq_id_1 
_ndb_struct_na_base_pair_step.j_symmetry_1 
_ndb_struct_na_base_pair_step.i_label_asym_id_2 
_ndb_struct_na_base_pair_step.i_label_comp_id_2 
_ndb_struct_na_base_pair_step.i_label_seq_id_2 
_ndb_struct_na_base_pair_step.i_symmetry_2 
_ndb_struct_na_base_pair_step.j_label_asym_id_2 
_ndb_struct_na_base_pair_step.j_label_comp_id_2 
_ndb_struct_na_base_pair_step.j_label_seq_id_2 
_ndb_struct_na_base_pair_step.j_symmetry_2 
_ndb_struct_na_base_pair_step.shift 
_ndb_struct_na_base_pair_step.slide 
_ndb_struct_na_base_pair_step.rise 
_ndb_struct_na_base_pair_step.tilt 
_ndb_struct_na_base_pair_step.roll 
_ndb_struct_na_base_pair_step.twist 
_ndb_struct_na_base_pair_step.x_displacement 
_ndb_struct_na_base_pair_step.y_displacement 
_ndb_struct_na_base_pair_step.helical_rise 
_ndb_struct_na_base_pair_step.inclination 
_ndb_struct_na_base_pair_step.tip 
_ndb_struct_na_base_pair_step.helical_twist 
_ndb_struct_na_base_pair_step.step_number 
_ndb_struct_na_base_pair_step.step_name 
_ndb_struct_na_base_pair_step.i_auth_asym_id_1 
_ndb_struct_na_base_pair_step.i_auth_seq_id_1 
_ndb_struct_na_base_pair_step.i_PDB_ins_code_1 
_ndb_struct_na_base_pair_step.j_auth_asym_id_1 
_ndb_struct_na_base_pair_step.j_auth_seq_id_1 
_ndb_struct_na_base_pair_step.j_PDB_ins_code_1 
_ndb_struct_na_base_pair_step.i_auth_asym_id_2 
_ndb_struct_na_base_pair_step.i_auth_seq_id_2 
_ndb_struct_na_base_pair_step.i_PDB_ins_code_2 
_ndb_struct_na_base_pair_step.j_auth_asym_id_2 
_ndb_struct_na_base_pair_step.j_auth_seq_id_2 
_ndb_struct_na_base_pair_step.j_PDB_ins_code_2 
1 A A 1  1_555 A U 16 4_555 A G 2  1_555 A U 15 4_555 -0.090 -1.416 2.897 -3.624 5.816  24.623 -4.593 -0.662 2.489 13.310 8.294  
25.545 1  AA_A1G2:U15U16_AA A 1  ? A 16 ? A 2  ? A 15 ? 
1 A G 2  1_555 A U 15 4_555 A A 3  1_555 A U 14 4_555 0.244  -1.267 3.343 -1.335 3.893  41.835 -2.171 -0.480 3.209 5.437  1.864  
42.028 2  AA_G2A3:U14U15_AA A 2  ? A 15 ? A 3  ? A 14 ? 
1 A A 3  1_555 A U 14 4_555 A G 4  1_555 A U 13 4_555 0.062  -2.228 2.988 -4.043 11.663 21.496 -7.835 -1.060 1.552 28.447 9.861  
24.751 3  AA_A3G4:U13U14_AA A 3  ? A 14 ? A 4  ? A 13 ? 
1 A G 4  1_555 A U 13 4_555 A A 5  1_555 A U 12 4_555 0.067  -1.317 3.256 -1.976 7.468  39.988 -2.688 -0.306 2.967 10.798 2.857  
40.698 4  AA_G4A5:U12U13_AA A 4  ? A 13 ? A 5  ? A 12 ? 
1 A A 5  1_555 A U 12 4_555 A A 6  1_555 A U 11 4_555 -0.097 -1.269 3.269 1.529  9.595  31.744 -3.747 0.413  2.771 17.049 -2.716 
33.161 5  AA_A5A6:U11U12_AA A 5  ? A 12 ? A 6  ? A 11 ? 
1 A A 6  1_555 A U 11 4_555 A G 7  1_555 A U 10 4_555 0.203  -2.201 3.007 -2.625 12.199 20.731 -8.128 -1.102 1.464 30.583 6.580  
24.161 6  AA_A6G7:U10U11_AA A 6  ? A 11 ? A 7  ? A 10 ? 
1 A G 7  1_555 A U 10 4_555 A A 8  1_555 A U 9  4_555 -0.060 -1.401 3.237 -1.902 3.501  39.886 -2.433 -0.124 3.107 5.117  2.779  
40.076 7  AA_G7A8:U9U10_AA  A 7  ? A 10 ? A 8  ? A 9  ? 
1 A A 8  1_555 A U 9  4_555 A U 9  1_555 A A 8  4_555 0.000  -1.367 3.152 0.000  3.744  33.111 -2.970 0.000  2.984 6.544  0.000  
33.317 8  AA_A8U9:A8U9_AA   A 8  ? A 9  ? A 9  ? A 8  ? 
1 A U 9  1_555 A A 8  4_555 A U 10 1_555 A G 7  4_555 0.060  -1.401 3.237 1.902  3.501  39.886 -2.433 0.124  3.107 5.117  -2.779 
40.076 9  AA_U9U10:G7A8_AA  A 9  ? A 8  ? A 10 ? A 7  ? 
1 A U 10 1_555 A G 7  4_555 A U 11 1_555 A A 6  4_555 -0.203 -2.201 3.007 2.625  12.199 20.731 -8.128 1.102  1.464 30.583 -6.580 
24.161 10 AA_U10U11:A6G7_AA A 10 ? A 7  ? A 11 ? A 6  ? 
1 A U 11 1_555 A A 6  4_555 A U 12 1_555 A A 5  4_555 0.097  -1.269 3.269 -1.529 9.595  31.744 -3.747 -0.413 2.771 17.049 2.716  
33.161 11 AA_U11U12:A5A6_AA A 11 ? A 6  ? A 12 ? A 5  ? 
1 A U 12 1_555 A A 5  4_555 A U 13 1_555 A G 4  4_555 -0.067 -1.317 3.256 1.976  7.468  39.988 -2.688 0.306  2.967 10.798 -2.857 
40.698 12 AA_U12U13:G4A5_AA A 12 ? A 5  ? A 13 ? A 4  ? 
1 A U 13 1_555 A G 4  4_555 A U 14 1_555 A A 3  4_555 -0.062 -2.228 2.988 4.043  11.663 21.496 -7.835 1.060  1.552 28.447 -9.861 
24.751 13 AA_U13U14:A3G4_AA A 13 ? A 4  ? A 14 ? A 3  ? 
1 A U 14 1_555 A A 3  4_555 A U 15 1_555 A G 2  4_555 -0.244 -1.267 3.343 1.335  3.893  41.835 -2.171 0.480  3.209 5.437  -1.864 
42.028 14 AA_U14U15:G2A3_AA A 14 ? A 3  ? A 15 ? A 2  ? 
1 A U 15 1_555 A G 2  4_555 A U 16 1_555 A A 1  4_555 0.090  -1.416 2.897 3.624  5.816  24.623 -4.593 0.662  2.489 13.310 -8.295 
25.545 15 AA_U15U16:A1G2_AA A 15 ? A 2  ? A 16 ? A 1  ? 
# 
_atom_sites.entry_id                    3ND3 
_atom_sites.fract_transf_matrix[1][1]   -0.00650555 
_atom_sites.fract_transf_matrix[1][2]   -0.02622356 
_atom_sites.fract_transf_matrix[1][3]   0.00028796 
_atom_sites.fract_transf_matrix[2][1]   -0.01523848 
_atom_sites.fract_transf_matrix[2][2]   -0.00992048 
_atom_sites.fract_transf_matrix[2][3]   0.01998633 
_atom_sites.fract_transf_matrix[3][1]   -0.00652448 
_atom_sites.fract_transf_matrix[3][2]   0.00157254 
_atom_sites.fract_transf_matrix[3][3]   -0.00419401 
_atom_sites.fract_transf_vector[1]      0.406174 
_atom_sites.fract_transf_vector[2]      0.430475 
_atom_sites.fract_transf_vector[3]      -0.014485 
# 
loop_
_atom_type.symbol 
C  
H  
K  
N  
NA 
O  
P  
# 
loop_
_atom_site.group_PDB 
_atom_site.id 
_atom_site.type_symbol 
_atom_site.label_atom_id 
_atom_site.label_alt_id 
_atom_site.label_comp_id 
_atom_site.label_asym_id 
_atom_site.label_entity_id 
_atom_site.label_seq_id 
_atom_site.pdbx_PDB_ins_code 
_atom_site.Cartn_x 
_atom_site.Cartn_y 
_atom_site.Cartn_z 
_atom_site.occupancy 
_atom_site.B_iso_or_equiv 
_atom_site.pdbx_formal_charge 
_atom_site.auth_seq_id 
_atom_site.auth_comp_id 
_atom_site.auth_asym_id 
_atom_site.auth_atom_id 
_atom_site.pdbx_PDB_model_num 
ATOM   1   O  "O5'"  . A   A 1 1  ? -13.829 11.124  -8.972  1.00 37.83 ? 1   A   A "O5'"  1 
ATOM   2   C  "C5'"  . A   A 1 1  ? -14.325 12.096  -8.066  1.00 38.22 ? 1   A   A "C5'"  1 
ATOM   3   C  "C4'"  . A   A 1 1  ? -15.412 11.528  -7.185  1.00 30.03 ? 1   A   A "C4'"  1 
ATOM   4   O  "O4'"  . A   A 1 1  ? -16.630 11.291  -7.966  1.00 27.19 ? 1   A   A "O4'"  1 
ATOM   5   C  "C3'"  . A   A 1 1  ? -15.123 10.193  -6.550  1.00 30.75 ? 1   A   A "C3'"  1 
ATOM   6   O  "O3'"  . A   A 1 1  ? -14.280 10.298  -5.403  1.00 34.95 ? 1   A   A "O3'"  1 
ATOM   7   C  "C2'"  . A   A 1 1  ? -16.518 9.690   -6.248  1.00 28.45 ? 1   A   A "C2'"  1 
ATOM   8   O  "O2'"  . A   A 1 1  ? -17.056 10.402  -5.123  1.00 35.33 ? 1   A   A "O2'"  1 
ATOM   9   C  "C1'"  . A   A 1 1  ? -17.268 10.122  -7.523  1.00 27.62 ? 1   A   A "C1'"  1 
ATOM   10  N  N9     . A   A 1 1  ? -17.170 9.109   -8.618  1.00 22.01 ? 1   A   A N9     1 
ATOM   11  C  C8     . A   A 1 1  ? -16.374 9.204   -9.737  1.00 24.40 ? 1   A   A C8     1 
ATOM   12  N  N7     . A   A 1 1  ? -16.449 8.164   -10.510 1.00 21.59 ? 1   A   A N7     1 
ATOM   13  C  C5     . A   A 1 1  ? -17.363 7.312   -9.908  1.00 20.66 ? 1   A   A C5     1 
ATOM   14  C  C6     . A   A 1 1  ? -17.887 6.042   -10.287 1.00 21.18 ? 1   A   A C6     1 
ATOM   15  N  N6     . A   A 1 1  ? -17.593 5.333   -11.379 1.00 21.64 ? 1   A   A N6     1 
ATOM   16  N  N1     . A   A 1 1  ? -18.787 5.504   -9.458  1.00 22.39 ? 1   A   A N1     1 
ATOM   17  C  C2     . A   A 1 1  ? -19.167 6.174   -8.337  1.00 24.13 ? 1   A   A C2     1 
ATOM   18  N  N3     . A   A 1 1  ? -18.736 7.380   -7.875  1.00 24.83 ? 1   A   A N3     1 
ATOM   19  C  C4     . A   A 1 1  ? -17.829 7.908   -8.736  1.00 22.81 ? 1   A   A C4     1 
ATOM   20  H  "H5'"  . A   A 1 1  ? -14.687 12.852  -8.574  1.00 45.86 ? 1   A   A "H5'"  1 
ATOM   21  H  "H5''" . A   A 1 1  ? -13.589 12.413  -7.502  1.00 45.86 ? 1   A   A "H5''" 1 
ATOM   22  H  "H4'"  . A   A 1 1  ? -15.613 12.176  -6.477  1.00 36.03 ? 1   A   A "H4'"  1 
ATOM   23  H  "H3'"  . A   A 1 1  ? -14.701 9.605   -7.212  1.00 36.90 ? 1   A   A "H3'"  1 
ATOM   24  H  "H2'"  . A   A 1 1  ? -16.538 8.718   -6.120  1.00 34.14 ? 1   A   A "H2'"  1 
ATOM   25  H  "HO2'" . A   A 1 1  ? -17.773 10.993  -5.433  1.00 42.39 ? 1   A   A "HO2'" 1 
ATOM   26  H  "H1'"  . A   A 1 1  ? -18.208 10.307  -7.316  1.00 33.15 ? 1   A   A "H1'"  1 
ATOM   27  H  H8     . A   A 1 1  ? -15.769 9.956   -9.905  1.00 29.28 ? 1   A   A H8     1 
ATOM   28  H  H61    . A   A 1 1  ? -18.029 4.469   -11.533 1.00 25.96 ? 1   A   A H61    1 
ATOM   29  H  H62    . A   A 1 1  ? -16.940 5.675   -12.024 1.00 25.96 ? 1   A   A H62    1 
ATOM   30  H  H2     . A   A 1 1  ? -19.820 5.712   -7.770  1.00 28.95 ? 1   A   A H2     1 
ATOM   31  H  "HO5'" . A   A 1 1  ? -12.953 11.250  -9.394  1.00 45.40 ? 1   A   A "HO5'" 1 
ATOM   32  P  P      . G   A 1 2  ? -13.429 9.047   -4.924  1.00 39.29 ? 2   G   A P      1 
ATOM   33  O  OP1    . G   A 1 2  ? -12.529 9.519   -3.856  1.00 44.21 ? 2   G   A OP1    1 
ATOM   34  O  OP2    . G   A 1 2  ? -12.845 8.413   -6.134  1.00 43.77 ? 2   G   A OP2    1 
ATOM   35  O  "O5'"  . G   A 1 2  ? -14.536 8.092   -4.327  1.00 37.19 ? 2   G   A "O5'"  1 
ATOM   36  C  "C5'"  . G   A 1 2  ? -15.169 8.361   -3.093  1.00 40.10 ? 2   G   A "C5'"  1 
ATOM   37  C  "C4'"  . G   A 1 2  ? -16.199 7.307   -2.774  1.00 35.65 ? 2   G   A "C4'"  1 
ATOM   38  O  "O4'"  . G   A 1 2  ? -17.166 7.202   -3.871  1.00 38.43 ? 2   G   A "O4'"  1 
ATOM   39  C  "C3'"  . G   A 1 2  ? -15.670 5.886   -2.634  1.00 36.10 ? 2   G   A "C3'"  1 
ATOM   40  O  "O3'"  . G   A 1 2  ? -15.068 5.620   -1.380  1.00 42.69 ? 2   G   A "O3'"  1 
ATOM   41  C  "C2'"  . G   A 1 2  ? -16.918 5.057   -2.893  1.00 33.66 ? 2   G   A "C2'"  1 
ATOM   42  O  "O2'"  . G   A 1 2  ? -17.768 5.057   -1.744  1.00 37.39 ? 2   G   A "O2'"  1 
ATOM   43  C  "C1'"  . G   A 1 2  ? -17.582 5.855   -4.016  1.00 33.99 ? 2   G   A "C1'"  1 
ATOM   44  N  N9     . G   A 1 2  ? -17.147 5.384   -5.340  1.00 31.03 ? 2   G   A N9     1 
ATOM   45  C  C8     . G   A 1 2  ? -16.228 5.985   -6.160  1.00 29.24 ? 2   G   A C8     1 
ATOM   46  N  N7     . G   A 1 2  ? -16.035 5.268   -7.242  1.00 29.12 ? 2   G   A N7     1 
ATOM   47  C  C5     . G   A 1 2  ? -16.861 4.144   -7.130  1.00 27.60 ? 2   G   A C5     1 
ATOM   48  C  C6     . G   A 1 2  ? -17.050 3.044   -7.999  1.00 22.68 ? 2   G   A C6     1 
ATOM   49  O  O6     . G   A 1 2  ? -16.546 2.875   -9.112  1.00 22.38 ? 2   G   A O6     1 
ATOM   50  N  N1     . G   A 1 2  ? -17.930 2.125   -7.452  1.00 24.78 ? 2   G   A N1     1 
ATOM   51  C  C2     . G   A 1 2  ? -18.593 2.243   -6.251  1.00 27.10 ? 2   G   A C2     1 
ATOM   52  N  N2     . G   A 1 2  ? -19.425 1.242   -5.935  1.00 28.92 ? 2   G   A N2     1 
ATOM   53  N  N3     . G   A 1 2  ? -18.445 3.293   -5.450  1.00 29.86 ? 2   G   A N3     1 
ATOM   54  C  C4     . G   A 1 2  ? -17.554 4.193   -5.947  1.00 29.99 ? 2   G   A C4     1 
ATOM   55  H  "H5'"  . G   A 1 2  ? -15.608 9.235   -3.140  1.00 48.12 ? 2   G   A "H5'"  1 
ATOM   56  H  "H5''" . G   A 1 2  ? -14.495 8.377   -2.382  1.00 48.12 ? 2   G   A "H5''" 1 
ATOM   57  H  "H4'"  . G   A 1 2  ? -16.671 7.556   -1.953  1.00 42.77 ? 2   G   A "H4'"  1 
ATOM   58  H  "H3'"  . G   A 1 2  ? -15.019 5.715   -3.345  1.00 43.32 ? 2   G   A "H3'"  1 
ATOM   59  H  "H2'"  . G   A 1 2  ? -16.693 4.148   -3.181  1.00 40.39 ? 2   G   A "H2'"  1 
ATOM   60  H  "HO2'" . G   A 1 2  ? -17.215 5.125   -0.938  1.00 44.86 ? 2   G   A "HO2'" 1 
ATOM   61  H  "H1'"  . G   A 1 2  ? -18.558 5.796   -3.940  1.00 40.79 ? 2   G   A "H1'"  1 
ATOM   62  H  H8     . G   A 1 2  ? -15.797 6.847   -5.978  1.00 35.08 ? 2   G   A H8     1 
ATOM   63  H  H1     . G   A 1 2  ? -18.149 1.345   -8.003  1.00 29.73 ? 2   G   A H1     1 
ATOM   64  H  H21    . G   A 1 2  ? -19.520 0.476   -6.538  1.00 34.71 ? 2   G   A H21    1 
ATOM   65  H  H22    . G   A 1 2  ? -19.937 1.275   -5.100  1.00 34.71 ? 2   G   A H22    1 
ATOM   66  P  P      . A   A 1 3  ? -13.828 4.628   -1.314  1.00 42.26 ? 3   A   A P      1 
ATOM   67  O  OP1    . A   A 1 3  ? -13.354 4.633   0.090   1.00 44.58 ? 3   A   A OP1    1 
ATOM   68  O  OP2    . A   A 1 3  ? -12.890 5.018   -2.386  1.00 44.32 ? 3   A   A OP2    1 
ATOM   69  O  "O5'"  . A   A 1 3  ? -14.477 3.221   -1.664  1.00 40.34 ? 3   A   A "O5'"  1 
ATOM   70  C  "C5'"  . A   A 1 3  ? -15.470 2.646   -0.842  1.00 41.21 ? 3   A   A "C5'"  1 
ATOM   71  C  "C4'"  . A   A 1 3  ? -15.985 1.350   -1.425  1.00 40.45 ? 3   A   A "C4'"  1 
ATOM   72  O  "O4'"  . A   A 1 3  ? -16.685 1.628   -2.659  1.00 35.04 ? 3   A   A "O4'"  1 
ATOM   73  C  "C3'"  . A   A 1 3  ? -14.928 0.325   -1.821  1.00 42.76 ? 3   A   A "C3'"  1 
ATOM   74  O  "O3'"  . A   A 1 3  ? -14.401 -0.429  -0.712  1.00 44.90 ? 3   A   A "O3'"  1 
ATOM   75  C  "C2'"  . A   A 1 3  ? -15.676 -0.508  -2.852  1.00 36.99 ? 3   A   A "C2'"  1 
ATOM   76  O  "O2'"  . A   A 1 3  ? -16.598 -1.391  -2.224  1.00 39.41 ? 3   A   A "O2'"  1 
ATOM   77  C  "C1'"  . A   A 1 3  ? -16.454 0.577   -3.587  1.00 32.96 ? 3   A   A "C1'"  1 
ATOM   78  N  N9     . A   A 1 3  ? -15.670 1.118   -4.707  1.00 28.47 ? 3   A   A N9     1 
ATOM   79  C  C8     . A   A 1 3  ? -14.936 2.257   -4.719  1.00 33.47 ? 3   A   A C8     1 
ATOM   80  N  N7     . A   A 1 3  ? -14.261 2.451   -5.825  1.00 31.00 ? 3   A   A N7     1 
ATOM   81  C  C5     . A   A 1 3  ? -14.602 1.356   -6.605  1.00 27.24 ? 3   A   A C5     1 
ATOM   82  C  C6     . A   A 1 3  ? -14.212 0.968   -7.899  1.00 24.56 ? 3   A   A C6     1 
ATOM   83  N  N6     . A   A 1 3  ? -13.423 1.687   -8.691  1.00 26.02 ? 3   A   A N6     1 
ATOM   84  N  N1     . A   A 1 3  ? -14.678 -0.209  -8.357  1.00 21.66 ? 3   A   A N1     1 
ATOM   85  C  C2     . A   A 1 3  ? -15.477 -0.940  -7.568  1.00 23.97 ? 3   A   A C2     1 
ATOM   86  N  N3     . A   A 1 3  ? -15.905 -0.660  -6.348  1.00 26.15 ? 3   A   A N3     1 
ATOM   87  C  C4     . A   A 1 3  ? -15.451 0.522   -5.932  1.00 26.36 ? 3   A   A C4     1 
ATOM   88  H  "H5'"  . A   A 1 3  ? -16.216 3.275   -0.752  1.00 49.45 ? 3   A   A "H5'"  1 
ATOM   89  H  "H5''" . A   A 1 3  ? -15.090 2.471   0.044   1.00 49.45 ? 3   A   A "H5''" 1 
ATOM   90  H  "H4'"  . A   A 1 3  ? -16.606 0.938   -0.789  1.00 48.54 ? 3   A   A "H4'"  1 
ATOM   91  H  "H3'"  . A   A 1 3  ? -14.188 0.790   -2.267  1.00 51.32 ? 3   A   A "H3'"  1 
ATOM   92  H  "H2'"  . A   A 1 3  ? -15.062 -0.982  -3.451  1.00 44.39 ? 3   A   A "H2'"  1 
ATOM   93  H  "HO2'" . A   A 1 3  ? -16.100 -2.089  -1.750  1.00 47.29 ? 3   A   A "HO2'" 1 
ATOM   94  H  "H1'"  . A   A 1 3  ? -17.306 0.220   -3.911  1.00 39.55 ? 3   A   A "H1'"  1 
ATOM   95  H  H8     . A   A 1 3  ? -14.921 2.889   -3.970  1.00 40.17 ? 3   A   A H8     1 
ATOM   96  H  H61    . A   A 1 3  ? -13.194 1.357   -9.585  1.00 31.22 ? 3   A   A H61    1 
ATOM   97  H  H62    . A   A 1 3  ? -13.071 2.547   -8.381  1.00 31.22 ? 3   A   A H62    1 
ATOM   98  H  H2     . A   A 1 3  ? -15.814 -1.774  -7.956  1.00 28.77 ? 3   A   A H2     1 
ATOM   99  P  P      . G   A 1 4  ? -12.876 -0.939  -0.756  1.00 47.60 ? 4   G   A P      1 
ATOM   100 O  OP1    . G   A 1 4  ? -12.538 -1.493  0.605   1.00 51.70 ? 4   G   A OP1    1 
ATOM   101 O  OP2    . G   A 1 4  ? -12.066 0.159   -1.286  1.00 51.99 ? 4   G   A OP2    1 
ATOM   102 O  "O5'"  . G   A 1 4  ? -12.932 -2.121  -1.829  1.00 46.16 ? 4   G   A "O5'"  1 
ATOM   103 C  "C5'"  . G   A 1 4  ? -13.753 -3.228  -1.585  1.00 46.37 ? 4   G   A "C5'"  1 
ATOM   104 C  "C4'"  . G   A 1 4  ? -13.730 -4.195  -2.720  1.00 39.69 ? 4   G   A "C4'"  1 
ATOM   105 O  "O4'"  . G   A 1 4  ? -14.319 -3.600  -3.887  1.00 33.87 ? 4   G   A "O4'"  1 
ATOM   106 C  "C3'"  . G   A 1 4  ? -12.373 -4.648  -3.204  1.00 35.67 ? 4   G   A "C3'"  1 
ATOM   107 O  "O3'"  . G   A 1 4  ? -11.765 -5.577  -2.300  1.00 35.59 ? 4   G   A "O3'"  1 
ATOM   108 C  "C2'"  . G   A 1 4  ? -12.746 -5.228  -4.562  1.00 31.32 ? 4   G   A "C2'"  1 
ATOM   109 O  "O2'"  . G   A 1 4  ? -13.460 -6.436  -4.411  1.00 35.69 ? 4   G   A "O2'"  1 
ATOM   110 C  "C1'"  . G   A 1 4  ? -13.734 -4.178  -5.040  1.00 30.22 ? 4   G   A "C1'"  1 
ATOM   111 N  N9     . G   A 1 4  ? -13.063 -3.135  -5.811  1.00 27.78 ? 4   G   A N9     1 
ATOM   112 C  C8     . G   A 1 4  ? -12.798 -1.820  -5.504  1.00 27.76 ? 4   G   A C8     1 
ATOM   113 N  N7     . G   A 1 4  ? -12.198 -1.194  -6.487  1.00 27.06 ? 4   G   A N7     1 
ATOM   114 C  C5     . G   A 1 4  ? -12.075 -2.140  -7.483  1.00 24.40 ? 4   G   A C5     1 
ATOM   115 C  C6     . G   A 1 4  ? -11.493 -2.060  -8.767  1.00 21.30 ? 4   G   A C6     1 
ATOM   116 O  O6     . G   A 1 4  ? -11.031 -1.040  -9.310  1.00 21.32 ? 4   G   A O6     1 
ATOM   117 N  N1     . G   A 1 4  ? -11.565 -3.264  -9.477  1.00 23.17 ? 4   G   A N1     1 
ATOM   118 C  C2     . G   A 1 4  ? -12.133 -4.405  -9.008  1.00 23.26 ? 4   G   A C2     1 
ATOM   119 N  N2     . G   A 1 4  ? -12.057 -5.467  -9.801  1.00 24.03 ? 4   G   A N2     1 
ATOM   120 N  N3     . G   A 1 4  ? -12.681 -4.497  -7.794  1.00 24.39 ? 4   G   A N3     1 
ATOM   121 C  C4     . G   A 1 4  ? -12.610 -3.336  -7.093  1.00 25.49 ? 4   G   A C4     1 
ATOM   122 H  "H5'"  . G   A 1 4  ? -14.672 -2.920  -1.446  1.00 55.64 ? 4   G   A "H5'"  1 
ATOM   123 H  "H5''" . G   A 1 4  ? -13.442 -3.683  -0.773  1.00 55.64 ? 4   G   A "H5''" 1 
ATOM   124 H  "H4'"  . G   A 1 4  ? -14.255 -4.984  -2.471  1.00 47.63 ? 4   G   A "H4'"  1 
ATOM   125 H  "H3'"  . G   A 1 4  ? -11.789 -3.871  -3.325  1.00 42.81 ? 4   G   A "H3'"  1 
ATOM   126 H  "H2'"  . G   A 1 4  ? -11.974 -5.313  -5.160  1.00 37.59 ? 4   G   A "H2'"  1 
ATOM   127 H  "HO2'" . G   A 1 4  ? -13.108 -6.919  -3.633  1.00 42.83 ? 4   G   A "HO2'" 1 
ATOM   128 H  "H1'"  . G   A 1 4  ? -14.429 -4.601  -5.588  1.00 36.26 ? 4   G   A "H1'"  1 
ATOM   129 H  H8     . G   A 1 4  ? -13.047 -1.396  -4.655  1.00 33.31 ? 4   G   A H8     1 
ATOM   130 H  H1     . G   A 1 4  ? -11.200 -3.279  -10.385 1.00 27.80 ? 4   G   A H1     1 
ATOM   131 H  H21    . G   A 1 4  ? -11.651 -5.387  -10.690 1.00 28.83 ? 4   G   A H21    1 
ATOM   132 H  H22    . G   A 1 4  ? -12.403 -6.331  -9.496  1.00 28.83 ? 4   G   A H22    1 
ATOM   133 P  P      . A   A 1 5  ? -10.172 -5.599  -2.097  1.00 38.75 ? 5   A   A P      1 
ATOM   134 O  OP1    . A   A 1 5  ? -9.881  -6.567  -1.015  1.00 42.13 ? 5   A   A OP1    1 
ATOM   135 O  OP2    . A   A 1 5  ? -9.714  -4.218  -1.926  1.00 38.90 ? 5   A   A OP2    1 
ATOM   136 O  "O5'"  . A   A 1 5  ? -9.651  -6.159  -3.491  1.00 38.50 ? 5   A   A "O5'"  1 
ATOM   137 C  "C5'"  . A   A 1 5  ? -9.946  -7.490  -3.903  1.00 40.53 ? 5   A   A "C5'"  1 
ATOM   138 C  "C4'"  . A   A 1 5  ? -9.393  -7.764  -5.268  1.00 34.32 ? 5   A   A "C4'"  1 
ATOM   139 O  "O4'"  . A   A 1 5  ? -10.071 -6.926  -6.247  1.00 30.22 ? 5   A   A "O4'"  1 
ATOM   140 C  "C3'"  . A   A 1 5  ? -7.934  -7.439  -5.472  1.00 33.33 ? 5   A   A "C3'"  1 
ATOM   141 O  "O3'"  . A   A 1 5  ? -7.083  -8.446  -4.947  1.00 35.20 ? 5   A   A "O3'"  1 
ATOM   142 C  "C2'"  . A   A 1 5  ? -7.837  -7.281  -6.977  1.00 31.87 ? 5   A   A "C2'"  1 
ATOM   143 O  "O2'"  . A   A 1 5  ? -7.850  -8.536  -7.617  1.00 35.64 ? 5   A   A "O2'"  1 
ATOM   144 C  "C1'"  . A   A 1 5  ? -9.162  -6.559  -7.272  1.00 28.92 ? 5   A   A "C1'"  1 
ATOM   145 N  N9     . A   A 1 5  ? -8.986  -5.107  -7.229  1.00 25.61 ? 5   A   A N9     1 
ATOM   146 C  C8     . A   A 1 5  ? -9.265  -4.264  -6.183  1.00 27.35 ? 5   A   A C8     1 
ATOM   147 N  N7     . A   A 1 5  ? -8.977  -3.023  -6.433  1.00 26.72 ? 5   A   A N7     1 
ATOM   148 C  C5     . A   A 1 5  ? -8.492  -3.024  -7.729  1.00 23.34 ? 5   A   A C5     1 
ATOM   149 C  C6     . A   A 1 5  ? -7.997  -2.002  -8.567  1.00 25.34 ? 5   A   A C6     1 
ATOM   150 N  N6     . A   A 1 5  ? -7.946  -0.699  -8.277  1.00 29.44 ? 5   A   A N6     1 
ATOM   151 N  N1     . A   A 1 5  ? -7.591  -2.418  -9.774  1.00 24.44 ? 5   A   A N1     1 
ATOM   152 C  C2     . A   A 1 5  ? -7.649  -3.716  -10.129 1.00 24.73 ? 5   A   A C2     1 
ATOM   153 N  N3     . A   A 1 5  ? -8.082  -4.732  -9.446  1.00 25.68 ? 5   A   A N3     1 
ATOM   154 C  C4     . A   A 1 5  ? -8.484  -4.315  -8.239  1.00 24.73 ? 5   A   A C4     1 
ATOM   155 H  "H5'"  . A   A 1 5  ? -10.917 -7.615  -3.917  1.00 48.64 ? 5   A   A "H5'"  1 
ATOM   156 H  "H5''" . A   A 1 5  ? -9.550  -8.119  -3.263  1.00 48.64 ? 5   A   A "H5''" 1 
ATOM   157 H  "H4'"  . A   A 1 5  ? -9.546  -8.706  -5.493  1.00 41.18 ? 5   A   A "H4'"  1 
ATOM   158 H  "H3'"  . A   A 1 5  ? -7.730  -6.583  -5.042  1.00 40.00 ? 5   A   A "H3'"  1 
ATOM   159 H  "H2'"  . A   A 1 5  ? -7.062  -6.741  -7.238  1.00 38.24 ? 5   A   A "H2'"  1 
ATOM   160 H  "HO2'" . A   A 1 5  ? -8.700  -8.643  -8.093  1.00 42.77 ? 5   A   A "HO2'" 1 
ATOM   161 H  "H1'"  . A   A 1 5  ? -9.510  -6.833  -8.146  1.00 34.71 ? 5   A   A "H1'"  1 
ATOM   162 H  H8     . A   A 1 5  ? -9.638  -4.570  -5.330  1.00 32.82 ? 5   A   A H8     1 
ATOM   163 H  H61    . A   A 1 5  ? -7.614  -0.062  -8.944  1.00 35.33 ? 5   A   A H61    1 
ATOM   164 H  H62    . A   A 1 5  ? -8.240  -0.381  -7.399  1.00 35.33 ? 5   A   A H62    1 
ATOM   165 H  H2     . A   A 1 5  ? -7.333  -3.919  -11.034 1.00 29.67 ? 5   A   A H2     1 
ATOM   166 P  P      . A   A 1 6  ? -5.642  -8.077  -4.285  1.00 39.57 ? 6   A   A P      1 
ATOM   167 O  OP1    . A   A 1 6  ? -5.235  -9.247  -3.485  1.00 43.63 ? 6   A   A OP1    1 
ATOM   168 O  OP2    . A   A 1 6  ? -5.790  -6.772  -3.605  1.00 38.07 ? 6   A   A OP2    1 
ATOM   169 O  "O5'"  . A   A 1 6  ? -4.709  -7.906  -5.563  1.00 37.50 ? 6   A   A "O5'"  1 
ATOM   170 C  "C5'"  . A   A 1 6  ? -4.507  -8.973  -6.461  1.00 41.33 ? 6   A   A "C5'"  1 
ATOM   171 C  "C4'"  . A   A 1 6  ? -3.853  -8.482  -7.707  1.00 37.51 ? 6   A   A "C4'"  1 
ATOM   172 O  "O4'"  . A   A 1 6  ? -4.749  -7.567  -8.410  1.00 37.05 ? 6   A   A "O4'"  1 
ATOM   173 C  "C3'"  . A   A 1 6  ? -2.604  -7.650  -7.505  1.00 39.27 ? 6   A   A "C3'"  1 
ATOM   174 O  "O3'"  . A   A 1 6  ? -1.477  -8.454  -7.274  1.00 43.53 ? 6   A   A "O3'"  1 
ATOM   175 C  "C2'"  . A   A 1 6  ? -2.525  -6.886  -8.799  1.00 36.15 ? 6   A   A "C2'"  1 
ATOM   176 O  "O2'"  . A   A 1 6  ? -2.103  -7.741  -9.846  1.00 37.54 ? 6   A   A "O2'"  1 
ATOM   177 C  "C1'"  . A   A 1 6  ? -3.997  -6.539  -9.001  1.00 33.68 ? 6   A   A "C1'"  1 
ATOM   178 N  N9     . A   A 1 6  ? -4.328  -5.288  -8.324  1.00 29.95 ? 6   A   A N9     1 
ATOM   179 C  C8     . A   A 1 6  ? -4.921  -5.112  -7.108  1.00 32.69 ? 6   A   A C8     1 
ATOM   180 N  N7     . A   A 1 6  ? -5.078  -3.855  -6.791  1.00 28.78 ? 6   A   A N7     1 
ATOM   181 C  C5     . A   A 1 6  ? -4.591  -3.135  -7.891  1.00 29.82 ? 6   A   A C5     1 
ATOM   182 C  C6     . A   A 1 6  ? -4.472  -1.742  -8.208  1.00 29.17 ? 6   A   A C6     1 
ATOM   183 N  N6     . A   A 1 6  ? -4.862  -0.727  -7.432  1.00 28.94 ? 6   A   A N6     1 
ATOM   184 N  N1     . A   A 1 6  ? -3.928  -1.426  -9.411  1.00 26.97 ? 6   A   A N1     1 
ATOM   185 C  C2     . A   A 1 6  ? -3.554  -2.404  -10.246 1.00 29.33 ? 6   A   A C2     1 
ATOM   186 N  N3     . A   A 1 6  ? -3.592  -3.716  -10.038 1.00 29.41 ? 6   A   A N3     1 
ATOM   187 C  C4     . A   A 1 6  ? -4.121  -4.027  -8.837  1.00 30.00 ? 6   A   A C4     1 
ATOM   188 H  "H5'"  . A   A 1 6  ? -5.371  -9.375  -6.685  1.00 49.59 ? 6   A   A "H5'"  1 
ATOM   189 H  "H5''" . A   A 1 6  ? -3.934  -9.647  -6.038  1.00 49.59 ? 6   A   A "H5''" 1 
ATOM   190 H  "H4'"  . A   A 1 6  ? -3.645  -9.244  -8.288  1.00 45.01 ? 6   A   A "H4'"  1 
ATOM   191 H  "H3'"  . A   A 1 6  ? -2.734  -7.030  -6.758  1.00 47.12 ? 6   A   A "H3'"  1 
ATOM   192 H  "H2'"  . A   A 1 6  ? -1.966  -6.086  -8.721  1.00 43.38 ? 6   A   A "H2'"  1 
ATOM   193 H  "HO2'" . A   A 1 6  ? -1.157  -7.962  -9.714  1.00 45.05 ? 6   A   A "HO2'" 1 
ATOM   194 H  "H1'"  . A   A 1 6  ? -4.203  -6.474  -9.957  1.00 40.42 ? 6   A   A "H1'"  1 
ATOM   195 H  H8     . A   A 1 6  ? -5.156  -5.853  -6.511  1.00 39.23 ? 6   A   A H8     1 
ATOM   196 H  H61    . A   A 1 6  ? -4.749  0.197   -7.740  1.00 34.73 ? 6   A   A H61    1 
ATOM   197 H  H62    . A   A 1 6  ? -5.260  -0.905  -6.555  1.00 34.73 ? 6   A   A H62    1 
ATOM   198 H  H2     . A   A 1 6  ? -3.150  -2.114  -11.091 1.00 35.20 ? 6   A   A H2     1 
ATOM   199 P  P      . G   A 1 7  ? -0.224  -7.907  -6.417  1.00 45.70 ? 7   G   A P      1 
ATOM   200 O  OP1    . G   A 1 7  ? 0.703   -9.051  -6.262  1.00 47.95 ? 7   G   A OP1    1 
ATOM   201 O  OP2    . G   A 1 7  ? -0.772  -7.280  -5.205  1.00 49.89 ? 7   G   A OP2    1 
ATOM   202 O  "O5'"  . G   A 1 7  ? 0.434   -6.764  -7.321  1.00 42.88 ? 7   G   A "O5'"  1 
ATOM   203 C  "C5'"  . G   A 1 7  ? 1.169   -7.066  -8.464  1.00 47.66 ? 7   G   A "C5'"  1 
ATOM   204 C  "C4'"  . G   A 1 7  ? 1.559   -5.821  -9.217  1.00 42.35 ? 7   G   A "C4'"  1 
ATOM   205 O  "O4'"  . G   A 1 7  ? 0.390   -5.057  -9.583  1.00 34.65 ? 7   G   A "O4'"  1 
ATOM   206 C  "C3'"  . G   A 1 7  ? 2.396   -4.783  -8.506  1.00 37.95 ? 7   G   A "C3'"  1 
ATOM   207 O  "O3'"  . G   A 1 7  ? 3.729   -5.185  -8.320  1.00 36.13 ? 7   G   A "O3'"  1 
ATOM   208 C  "C2'"  . G   A 1 7  ? 2.270   -3.643  -9.483  1.00 33.17 ? 7   G   A "C2'"  1 
ATOM   209 O  "O2'"  . G   A 1 7  ? 3.012   -3.938  -10.652 1.00 33.79 ? 7   G   A "O2'"  1 
ATOM   210 C  "C1'"  . G   A 1 7  ? 0.779   -3.734  -9.823  1.00 32.93 ? 7   G   A "C1'"  1 
ATOM   211 N  N9     . G   A 1 7  ? -0.014  -2.838  -8.984  1.00 31.38 ? 7   G   A N9     1 
ATOM   212 C  C8     . G   A 1 7  ? -0.822  -3.107  -7.907  1.00 32.48 ? 7   G   A C8     1 
ATOM   213 N  N7     . G   A 1 7  ? -1.313  -2.017  -7.376  1.00 30.38 ? 7   G   A N7     1 
ATOM   214 C  C5     . G   A 1 7  ? -0.808  -0.987  -8.166  1.00 29.76 ? 7   G   A C5     1 
ATOM   215 C  C6     . G   A 1 7  ? -1.013  0.419   -8.097  1.00 26.81 ? 7   G   A C6     1 
ATOM   216 O  O6     . G   A 1 7  ? -1.731  1.036   -7.312  1.00 26.15 ? 7   G   A O6     1 
ATOM   217 N  N1     . G   A 1 7  ? -0.277  1.100   -9.055  1.00 27.51 ? 7   G   A N1     1 
ATOM   218 C  C2     . G   A 1 7  ? 0.525   0.519   -9.995  1.00 30.70 ? 7   G   A C2     1 
ATOM   219 N  N2     . G   A 1 7  ? 1.126   1.355   -10.856 1.00 32.37 ? 7   G   A N2     1 
ATOM   220 N  N3     . G   A 1 7  ? 0.708   -0.778  -10.094 1.00 30.30 ? 7   G   A N3     1 
ATOM   221 C  C4     . G   A 1 7  ? 0.009   -1.472  -9.156  1.00 30.60 ? 7   G   A C4     1 
ATOM   222 H  "H5'"  . G   A 1 7  ? 0.630   -7.639  -9.049  1.00 57.20 ? 7   G   A "H5'"  1 
ATOM   223 H  "H5''" . G   A 1 7  ? 1.981   -7.549  -8.204  1.00 57.20 ? 7   G   A "H5''" 1 
ATOM   224 H  "H4'"  . G   A 1 7  ? 2.026   -6.088  -10.037 1.00 50.81 ? 7   G   A "H4'"  1 
ATOM   225 H  "H3'"  . G   A 1 7  ? 1.986   -4.545  -7.648  1.00 45.54 ? 7   G   A "H3'"  1 
ATOM   226 H  "H2'"  . G   A 1 7  ? 2.511   -2.779  -9.086  1.00 39.80 ? 7   G   A "H2'"  1 
ATOM   227 H  "HO2'" . G   A 1 7  ? 2.965   -3.172  -11.261 1.00 40.55 ? 7   G   A "HO2'" 1 
ATOM   228 H  "H1'"  . G   A 1 7  ? 0.640   -3.514  -10.768 1.00 39.51 ? 7   G   A "H1'"  1 
ATOM   229 H  H8     . G   A 1 7  ? -1.006  -4.009  -7.574  1.00 38.98 ? 7   G   A H8     1 
ATOM   230 H  H1     . G   A 1 7  ? -0.370  2.074   -9.085  1.00 33.01 ? 7   G   A H1     1 
ATOM   231 H  H21    . G   A 1 7  ? 0.986   2.321   -10.779 1.00 38.85 ? 7   G   A H21    1 
ATOM   232 H  H22    . G   A 1 7  ? 1.704   0.998   -11.563 1.00 38.85 ? 7   G   A H22    1 
ATOM   233 P  P      . A   A 1 8  ? 4.658   -4.511  -7.170  1.00 38.47 ? 8   A   A P      1 
ATOM   234 O  OP1    . A   A 1 8  ? 5.948   -5.281  -7.155  1.00 42.47 ? 8   A   A OP1    1 
ATOM   235 O  OP2    . A   A 1 8  ? 3.867   -4.431  -5.936  1.00 37.00 ? 8   A   A OP2    1 
ATOM   236 O  "O5'"  . A   A 1 8  ? 4.901   -3.057  -7.699  1.00 42.22 ? 8   A   A "O5'"  1 
ATOM   237 C  "C5'"  . A   A 1 8  ? 5.646   -2.827  -8.874  1.00 47.85 ? 8   A   A "C5'"  1 
ATOM   238 C  "C4'"  . A   A 1 8  ? 5.605   -1.383  -9.241  1.00 46.53 ? 8   A   A "C4'"  1 
ATOM   239 O  "O4'"  . A   A 1 8  ? 4.224   -0.964  -9.389  1.00 45.48 ? 8   A   A "O4'"  1 
ATOM   240 C  "C3'"  . A   A 1 8  ? 6.153   -0.432  -8.198  1.00 47.09 ? 8   A   A "C3'"  1 
ATOM   241 O  "O3'"  . A   A 1 8  ? 7.565   -0.366  -8.197  1.00 47.17 ? 8   A   A "O3'"  1 
ATOM   242 C  "C2'"  . A   A 1 8  ? 5.474   0.872   -8.586  1.00 48.63 ? 8   A   A "C2'"  1 
ATOM   243 O  "O2'"  . A   A 1 8  ? 6.077   1.428   -9.737  1.00 51.55 ? 8   A   A "O2'"  1 
ATOM   244 C  "C1'"  . A   A 1 8  ? 4.084   0.372   -8.964  1.00 46.64 ? 8   A   A "C1'"  1 
ATOM   245 N  N9     . A   A 1 8  ? 3.152   0.391   -7.815  1.00 45.62 ? 8   A   A N9     1 
ATOM   246 C  C8     . A   A 1 8  ? 2.685   -0.695  -7.113  1.00 44.01 ? 8   A   A C8     1 
ATOM   247 N  N7     . A   A 1 8  ? 1.848   -0.377  -6.162  1.00 43.07 ? 8   A   A N7     1 
ATOM   248 C  C5     . A   A 1 8  ? 1.727   0.993   -6.261  1.00 41.76 ? 8   A   A C5     1 
ATOM   249 C  C6     . A   A 1 8  ? 0.986   1.922   -5.545  1.00 42.64 ? 8   A   A C6     1 
ATOM   250 N  N6     . A   A 1 8  ? 0.154   1.595   -4.593  1.00 48.11 ? 8   A   A N6     1 
ATOM   251 N  N1     . A   A 1 8  ? 1.097   3.218   -5.887  1.00 44.98 ? 8   A   A N1     1 
ATOM   252 C  C2     . A   A 1 8  ? 1.893   3.543   -6.913  1.00 45.40 ? 8   A   A C2     1 
ATOM   253 N  N3     . A   A 1 8  ? 2.646   2.758   -7.646  1.00 46.51 ? 8   A   A N3     1 
ATOM   254 C  C4     . A   A 1 8  ? 2.522   1.481   -7.279  1.00 44.89 ? 8   A   A C4     1 
ATOM   255 H  "H5'"  . A   A 1 8  ? 5.268   -3.359  -9.605  1.00 57.42 ? 8   A   A "H5'"  1 
ATOM   256 H  "H5''" . A   A 1 8  ? 6.576   -3.098  -8.724  1.00 57.42 ? 8   A   A "H5''" 1 
ATOM   257 H  "H4'"  . A   A 1 8  ? 6.079   -1.248  -10.088 1.00 55.84 ? 8   A   A "H4'"  1 
ATOM   258 H  "H3'"  . A   A 1 8  ? 5.840   -0.709  -7.312  1.00 56.51 ? 8   A   A "H3'"  1 
ATOM   259 H  "H2'"  . A   A 1 8  ? 5.444   1.506   -7.838  1.00 58.35 ? 8   A   A "H2'"  1 
ATOM   260 H  "HO2'" . A   A 1 8  ? 6.971   1.753   -9.505  1.00 61.85 ? 8   A   A "HO2'" 1 
ATOM   261 H  "H1'"  . A   A 1 8  ? 3.723   0.916   -9.694  1.00 55.97 ? 8   A   A "H1'"  1 
ATOM   262 H  H8     . A   A 1 8  ? 2.973   -1.615  -7.290  1.00 52.81 ? 8   A   A H8     1 
ATOM   263 H  H61    . A   A 1 8  ? -0.375  2.288   -4.145  1.00 57.73 ? 8   A   A H61    1 
ATOM   264 H  H62    . A   A 1 8  ? 0.057   0.656   -4.328  1.00 57.73 ? 8   A   A H62    1 
ATOM   265 H  H2     . A   A 1 8  ? 1.946   4.499   -7.123  1.00 54.49 ? 8   A   A H2     1 
ATOM   266 P  P      . U   A 1 9  ? 8.386   -0.162  -6.820  1.00 48.54 ? 9   U   A P      1 
ATOM   267 O  OP1    . U   A 1 9  ? 9.833   -0.402  -7.136  1.00 50.52 ? 9   U   A OP1    1 
ATOM   268 O  OP2    . U   A 1 9  ? 7.744   -0.987  -5.778  1.00 47.88 ? 9   U   A OP2    1 
ATOM   269 O  "O5'"  . U   A 1 9  ? 8.174   1.378   -6.504  1.00 45.95 ? 9   U   A "O5'"  1 
ATOM   270 C  "C5'"  . U   A 1 9  ? 8.597   2.361   -7.435  1.00 50.70 ? 9   U   A "C5'"  1 
ATOM   271 C  "C4'"  . U   A 1 9  ? 8.016   3.706   -7.124  1.00 47.75 ? 9   U   A "C4'"  1 
ATOM   272 O  "O4'"  . U   A 1 9  ? 6.557   3.684   -7.261  1.00 48.79 ? 9   U   A "O4'"  1 
ATOM   273 C  "C3'"  . U   A 1 9  ? 8.241   4.198   -5.702  1.00 45.38 ? 9   U   A "C3'"  1 
ATOM   274 O  "O3'"  . U   A 1 9  ? 9.549   4.696   -5.488  1.00 43.86 ? 9   U   A "O3'"  1 
ATOM   275 C  "C2'"  . U   A 1 9  ? 7.145   5.237   -5.560  1.00 47.61 ? 9   U   A "C2'"  1 
ATOM   276 O  "O2'"  . U   A 1 9  ? 7.470   6.421   -6.276  1.00 48.90 ? 9   U   A "O2'"  1 
ATOM   277 C  "C1'"  . U   A 1 9  ? 5.988   4.532   -6.283  1.00 47.84 ? 9   U   A "C1'"  1 
ATOM   278 N  N1     . U   A 1 9  ? 5.186   3.699   -5.371  1.00 45.09 ? 9   U   A N1     1 
ATOM   279 C  C2     . U   A 1 9  ? 4.290   4.333   -4.586  1.00 41.55 ? 9   U   A C2     1 
ATOM   280 O  O2     . U   A 1 9  ? 4.188   5.534   -4.635  1.00 41.95 ? 9   U   A O2     1 
ATOM   281 N  N3     . U   A 1 9  ? 3.549   3.504   -3.776  1.00 41.13 ? 9   U   A N3     1 
ATOM   282 C  C4     . U   A 1 9  ? 3.648   2.158   -3.641  1.00 41.99 ? 9   U   A C4     1 
ATOM   283 O  O4     . U   A 1 9  ? 2.900   1.567   -2.845  1.00 44.14 ? 9   U   A O4     1 
ATOM   284 C  C5     . U   A 1 9  ? 4.610   1.563   -4.492  1.00 46.25 ? 9   U   A C5     1 
ATOM   285 C  C6     . U   A 1 9  ? 5.316   2.334   -5.309  1.00 44.88 ? 9   U   A C6     1 
ATOM   286 H  "H5'"  . U   A 1 9  ? 8.316   2.092   -8.333  1.00 60.84 ? 9   U   A "H5'"  1 
ATOM   287 H  "H5''" . U   A 1 9  ? 9.575   2.422   -7.410  1.00 60.84 ? 9   U   A "H5''" 1 
ATOM   288 H  "H4'"  . U   A 1 9  ? 8.385   4.363   -7.749  1.00 57.30 ? 9   U   A "H4'"  1 
ATOM   289 H  "H3'"  . U   A 1 9  ? 8.071   3.464   -5.077  1.00 54.46 ? 9   U   A "H3'"  1 
ATOM   290 H  "H2'"  . U   A 1 9  ? 6.932   5.419   -4.620  1.00 57.14 ? 9   U   A "H2'"  1 
ATOM   291 H  "HO2'" . U   A 1 9  ? 8.208   6.877   -5.821  1.00 58.68 ? 9   U   A "HO2'" 1 
ATOM   292 H  "H1'"  . U   A 1 9  ? 5.413   5.197   -6.716  1.00 57.41 ? 9   U   A "H1'"  1 
ATOM   293 H  H3     . U   A 1 9  ? 2.907   3.947   -3.182  1.00 49.36 ? 9   U   A H3     1 
ATOM   294 H  H5     . U   A 1 9  ? 4.737   0.591   -4.494  1.00 55.50 ? 9   U   A H5     1 
ATOM   295 H  H6     . U   A 1 9  ? 5.978   1.906   -5.891  1.00 53.86 ? 9   U   A H6     1 
ATOM   296 P  P      . U   A 1 10 ? 10.313  4.451   -4.082  1.00 44.28 ? 10  U   A P      1 
ATOM   297 O  OP1    . U   A 1 10 ? 11.708  4.965   -4.264  1.00 45.65 ? 10  U   A OP1    1 
ATOM   298 O  OP2    . U   A 1 10 ? 10.123  3.036   -3.699  1.00 45.31 ? 10  U   A OP2    1 
ATOM   299 O  "O5'"  . U   A 1 10 ? 9.510   5.369   -3.074  1.00 43.71 ? 10  U   A "O5'"  1 
ATOM   300 C  "C5'"  . U   A 1 10 ? 9.468   6.771   -3.245  1.00 46.29 ? 10  U   A "C5'"  1 
ATOM   301 C  "C4'"  . U   A 1 10 ? 8.370   7.378   -2.436  1.00 41.72 ? 10  U   A "C4'"  1 
ATOM   302 O  "O4'"  . U   A 1 10 ? 7.097   6.778   -2.806  1.00 39.58 ? 10  U   A "O4'"  1 
ATOM   303 C  "C3'"  . U   A 1 10 ? 8.459   7.140   -0.947  1.00 36.68 ? 10  U   A "C3'"  1 
ATOM   304 O  "O3'"  . U   A 1 10 ? 9.406   7.984   -0.329  1.00 36.95 ? 10  U   A "O3'"  1 
ATOM   305 C  "C2'"  . U   A 1 10 ? 7.025   7.386   -0.511  1.00 35.90 ? 10  U   A "C2'"  1 
ATOM   306 O  "O2'"  . U   A 1 10 ? 6.735   8.781   -0.504  1.00 35.36 ? 10  U   A "O2'"  1 
ATOM   307 C  "C1'"  . U   A 1 10 ? 6.262   6.719   -1.668  1.00 35.96 ? 10  U   A "C1'"  1 
ATOM   308 N  N1     . U   A 1 10 ? 5.949   5.294   -1.394  1.00 34.68 ? 10  U   A N1     1 
ATOM   309 C  C2     . U   A 1 10 ? 4.862   5.047   -0.577  1.00 32.01 ? 10  U   A C2     1 
ATOM   310 O  O2     . U   A 1 10 ? 4.253   5.952   -0.073  1.00 31.18 ? 10  U   A O2     1 
ATOM   311 N  N3     . U   A 1 10 ? 4.573   3.733   -0.306  1.00 32.63 ? 10  U   A N3     1 
ATOM   312 C  C4     . U   A 1 10 ? 5.218   2.616   -0.819  1.00 32.78 ? 10  U   A C4     1 
ATOM   313 O  O4     . U   A 1 10 ? 4.878   1.465   -0.522  1.00 32.33 ? 10  U   A O4     1 
ATOM   314 C  C5     . U   A 1 10 ? 6.359   2.957   -1.652  1.00 36.18 ? 10  U   A C5     1 
ATOM   315 C  C6     . U   A 1 10 ? 6.653   4.247   -1.922  1.00 37.52 ? 10  U   A C6     1 
ATOM   316 H  "H5'"  . U   A 1 10 ? 9.320   6.975   -4.192  1.00 55.55 ? 10  U   A "H5'"  1 
ATOM   317 H  "H5''" . U   A 1 10 ? 10.325  7.155   -2.963  1.00 55.55 ? 10  U   A "H5''" 1 
ATOM   318 H  "H4'"  . U   A 1 10 ? 8.335   8.342   -2.608  1.00 50.06 ? 10  U   A "H4'"  1 
ATOM   319 H  "H3'"  . U   A 1 10 ? 8.694   6.203   -0.780  1.00 44.02 ? 10  U   A "H3'"  1 
ATOM   320 H  "H2'"  . U   A 1 10 ? 6.827   6.962   0.349   1.00 43.07 ? 10  U   A "H2'"  1 
ATOM   321 H  "HO2'" . U   A 1 10 ? 7.222   9.205   0.234   1.00 42.43 ? 10  U   A "HO2'" 1 
ATOM   322 H  "H1'"  . U   A 1 10 ? 5.433   7.212   -1.842  1.00 43.16 ? 10  U   A "H1'"  1 
ATOM   323 H  H3     . U   A 1 10 ? 3.805   3.566   0.279   1.00 39.16 ? 10  U   A H3     1 
ATOM   324 H  H5     . U   A 1 10 ? 6.883   2.244   -2.073  1.00 43.42 ? 10  U   A H5     1 
ATOM   325 H  H6     . U   A 1 10 ? 7.412   4.442   -2.510  1.00 45.02 ? 10  U   A H6     1 
ATOM   326 P  P      . U   A 1 11 ? 10.092  7.593   1.073   1.00 35.25 ? 11  U   A P      1 
ATOM   327 O  OP1    . U   A 1 11 ? 11.239  8.511   1.220   1.00 35.53 ? 11  U   A OP1    1 
ATOM   328 O  OP2    . U   A 1 11 ? 10.334  6.129   1.102   1.00 37.27 ? 11  U   A OP2    1 
ATOM   329 O  "O5'"  . U   A 1 11 ? 8.974   7.942   2.124   1.00 33.20 ? 11  U   A "O5'"  1 
ATOM   330 C  "C5'"  . U   A 1 11 ? 8.548   9.270   2.334   1.00 34.95 ? 11  U   A "C5'"  1 
ATOM   331 C  "C4'"  . U   A 1 11 ? 7.394   9.295   3.299   1.00 32.51 ? 11  U   A "C4'"  1 
ATOM   332 O  "O4'"  . U   A 1 11 ? 6.263   8.585   2.730   1.00 31.72 ? 11  U   A "O4'"  1 
ATOM   333 C  "C3'"  . U   A 1 11 ? 7.619   8.574   4.602   1.00 30.16 ? 11  U   A "C3'"  1 
ATOM   334 O  "O3'"  . U   A 1 11 ? 8.412   9.327   5.519   1.00 28.76 ? 11  U   A "O3'"  1 
ATOM   335 C  "C2'"  . U   A 1 11 ? 6.182   8.340   5.071   1.00 29.96 ? 11  U   A "C2'"  1 
ATOM   336 O  "O2'"  . U   A 1 11 ? 5.604   9.563   5.501   1.00 31.62 ? 11  U   A "O2'"  1 
ATOM   337 C  "C1'"  . U   A 1 11 ? 5.521   7.950   3.768   1.00 30.34 ? 11  U   A "C1'"  1 
ATOM   338 N  N1     . U   A 1 11 ? 5.511   6.494   3.544   1.00 30.43 ? 11  U   A N1     1 
ATOM   339 C  C2     . U   A 1 11 ? 4.508   5.751   4.159   1.00 28.46 ? 11  U   A C2     1 
ATOM   340 O  O2     . U   A 1 11 ? 3.736   6.233   4.967   1.00 29.56 ? 11  U   A O2     1 
ATOM   341 N  N3     . U   A 1 11 ? 4.519   4.408   3.866   1.00 27.58 ? 11  U   A N3     1 
ATOM   342 C  C4     . U   A 1 11 ? 5.366   3.767   3.006   1.00 28.95 ? 11  U   A C4     1 
ATOM   343 O  O4     . U   A 1 11 ? 5.247   2.564   2.798   1.00 30.14 ? 11  U   A O4     1 
ATOM   344 C  C5     . U   A 1 11 ? 6.375   4.585   2.416   1.00 28.79 ? 11  U   A C5     1 
ATOM   345 C  C6     . U   A 1 11 ? 6.387   5.891   2.690   1.00 29.44 ? 11  U   A C6     1 
ATOM   346 H  "H5'"  . U   A 1 11 ? 8.267   9.660   1.481   1.00 41.94 ? 11  U   A "H5'"  1 
ATOM   347 H  "H5''" . U   A 1 11 ? 9.291   9.794   2.703   1.00 41.94 ? 11  U   A "H5''" 1 
ATOM   348 H  "H4'"  . U   A 1 11 ? 7.138   10.224  3.479   1.00 39.01 ? 11  U   A "H4'"  1 
ATOM   349 H  "H3'"  . U   A 1 11 ? 8.050   7.711   4.428   1.00 36.19 ? 11  U   A "H3'"  1 
ATOM   350 H  "H2'"  . U   A 1 11 ? 6.118   7.633   5.746   1.00 35.95 ? 11  U   A "H2'"  1 
ATOM   351 H  "HO2'" . U   A 1 11 ? 6.020   9.833   6.347   1.00 37.94 ? 11  U   A "HO2'" 1 
ATOM   352 H  "H1'"  . U   A 1 11 ? 4.601   8.285   3.758   1.00 36.41 ? 11  U   A "H1'"  1 
ATOM   353 H  H3     . U   A 1 11 ? 3.834   3.858   4.301   1.00 33.10 ? 11  U   A H3     1 
ATOM   354 H  H5     . U   A 1 11 ? 7.006   4.207   1.769   1.00 34.55 ? 11  U   A H5     1 
ATOM   355 H  H6     . U   A 1 11 ? 7.054   6.452   2.239   1.00 35.33 ? 11  U   A H6     1 
ATOM   356 P  P      . U   A 1 12 ? 9.368   8.570   6.570   1.00 28.87 ? 12  U   A P      1 
ATOM   357 O  OP1    . U   A 1 12 ? 10.181  9.624   7.232   1.00 31.29 ? 12  U   A OP1    1 
ATOM   358 O  OP2    . U   A 1 12 ? 10.061  7.475   5.878   1.00 30.84 ? 12  U   A OP2    1 
ATOM   359 O  "O5'"  . U   A 1 12 ? 8.345   7.948   7.619   1.00 26.48 ? 12  U   A "O5'"  1 
ATOM   360 C  "C5'"  . U   A 1 12 ? 7.557   8.771   8.461   1.00 28.84 ? 12  U   A "C5'"  1 
ATOM   361 C  "C4'"  . U   A 1 12 ? 6.565   7.945   9.232   1.00 26.52 ? 12  U   A "C4'"  1 
ATOM   362 O  "O4'"  . U   A 1 12 ? 5.574   7.354   8.343   1.00 26.35 ? 12  U   A "O4'"  1 
ATOM   363 C  "C3'"  . U   A 1 12 ? 7.128   6.747   9.963   1.00 23.60 ? 12  U   A "C3'"  1 
ATOM   364 O  "O3'"  . U   A 1 12 ? 7.787   7.126   11.138  1.00 24.06 ? 12  U   A "O3'"  1 
ATOM   365 C  "C2'"  . U   A 1 12 ? 5.880   5.930   10.207  1.00 25.47 ? 12  U   A "C2'"  1 
ATOM   366 O  "O2'"  . U   A 1 12 ? 5.075   6.529   11.213  1.00 26.68 ? 12  U   A "O2'"  1 
ATOM   367 C  "C1'"  . U   A 1 12 ? 5.187   6.089   8.864   1.00 25.26 ? 12  U   A "C1'"  1 
ATOM   368 N  N1     . U   A 1 12 ? 5.610   5.031   7.917   1.00 24.08 ? 12  U   A N1     1 
ATOM   369 C  C2     . U   A 1 12 ? 4.960   3.804   8.040   1.00 24.08 ? 12  U   A C2     1 
ATOM   370 O  O2     . U   A 1 12 ? 4.091   3.588   8.883   1.00 24.61 ? 12  U   A O2     1 
ATOM   371 N  N3     . U   A 1 12 ? 5.380   2.837   7.164   1.00 24.99 ? 12  U   A N3     1 
ATOM   372 C  C4     . U   A 1 12 ? 6.345   2.978   6.201   1.00 25.81 ? 12  U   A C4     1 
ATOM   373 O  O4     . U   A 1 12 ? 6.578   2.034   5.499   1.00 26.85 ? 12  U   A O4     1 
ATOM   374 C  C5     . U   A 1 12 ? 6.988   4.251   6.122   1.00 26.57 ? 12  U   A C5     1 
ATOM   375 C  C6     . U   A 1 12 ? 6.587   5.203   6.960   1.00 25.69 ? 12  U   A C6     1 
ATOM   376 H  "H5'"  . U   A 1 12 ? 7.077   9.427   7.915   1.00 34.60 ? 12  U   A "H5'"  1 
ATOM   377 H  "H5''" . U   A 1 12 ? 8.143   9.242   9.090   1.00 34.60 ? 12  U   A "H5''" 1 
ATOM   378 H  "H4'"  . U   A 1 12 ? 6.106   8.523   9.877   1.00 31.83 ? 12  U   A "H4'"  1 
ATOM   379 H  "H3'"  . U   A 1 12 ? 7.741   6.256   9.377   1.00 28.32 ? 12  U   A "H3'"  1 
ATOM   380 H  "H2'"  . U   A 1 12 ? 6.087   4.991   10.403  1.00 30.56 ? 12  U   A "H2'"  1 
ATOM   381 H  "HO2'" . U   A 1 12 ? 5.520   6.428   12.081  1.00 32.02 ? 12  U   A "HO2'" 1 
ATOM   382 H  "H1'"  . U   A 1 12 ? 4.215   6.061   8.985   1.00 30.31 ? 12  U   A "H1'"  1 
ATOM   383 H  H3     . U   A 1 12 ? 4.939   1.964   7.223   1.00 29.99 ? 12  U   A H3     1 
ATOM   384 H  H5     . U   A 1 12 ? 7.678   4.428   5.450   1.00 31.89 ? 12  U   A H5     1 
ATOM   385 H  H6     . U   A 1 12 ? 7.025   6.077   6.905   1.00 30.83 ? 12  U   A H6     1 
ATOM   386 P  P      . U   A 1 13 ? 9.107   6.379   11.634  1.00 23.17 ? 13  U   A P      1 
ATOM   387 O  OP1    . U   A 1 13 ? 9.632   7.213   12.730  1.00 23.94 ? 13  U   A OP1    1 
ATOM   388 O  OP2    . U   A 1 13 ? 9.958   6.114   10.468  1.00 24.31 ? 13  U   A OP2    1 
ATOM   389 O  "O5'"  . U   A 1 13 ? 8.534   4.985   12.193  1.00 22.08 ? 13  U   A "O5'"  1 
ATOM   390 C  "C5'"  . U   A 1 13 ? 7.617   4.941   13.262  1.00 21.24 ? 13  U   A "C5'"  1 
ATOM   391 C  "C4'"  . U   A 1 13 ? 6.965   3.596   13.362  1.00 20.29 ? 13  U   A "C4'"  1 
ATOM   392 O  "O4'"  . U   A 1 13 ? 6.247   3.320   12.133  1.00 21.97 ? 13  U   A "O4'"  1 
ATOM   393 C  "C3'"  . U   A 1 13 ? 7.896   2.386   13.503  1.00 20.57 ? 13  U   A "C3'"  1 
ATOM   394 O  "O3'"  . U   A 1 13 ? 8.386   2.222   14.838  1.00 21.96 ? 13  U   A "O3'"  1 
ATOM   395 C  "C2'"  . U   A 1 13 ? 6.998   1.250   13.018  1.00 21.80 ? 13  U   A "C2'"  1 
ATOM   396 O  "O2'"  . U   A 1 13 ? 5.998   0.966   13.987  1.00 23.88 ? 13  U   A "O2'"  1 
ATOM   397 C  "C1'"  . U   A 1 13 ? 6.296   1.941   11.842  1.00 21.75 ? 13  U   A "C1'"  1 
ATOM   398 N  N1     . U   A 1 13 ? 7.015   1.751   10.567  1.00 22.97 ? 13  U   A N1     1 
ATOM   399 C  C2     . U   A 1 13 ? 6.794   0.532   9.959   1.00 22.05 ? 13  U   A C2     1 
ATOM   400 O  O2     . U   A 1 13 ? 6.041   -0.342  10.405  1.00 22.39 ? 13  U   A O2     1 
ATOM   401 N  N3     . U   A 1 13 ? 7.491   0.320   8.808   1.00 24.13 ? 13  U   A N3     1 
ATOM   402 C  C4     . U   A 1 13 ? 8.377   1.198   8.226   1.00 26.49 ? 13  U   A C4     1 
ATOM   403 O  O4     . U   A 1 13 ? 8.927   0.882   7.162   1.00 26.69 ? 13  U   A O4     1 
ATOM   404 C  C5     . U   A 1 13 ? 8.580   2.443   8.905   1.00 27.13 ? 13  U   A C5     1 
ATOM   405 C  C6     . U   A 1 13 ? 7.907   2.669   10.053  1.00 25.98 ? 13  U   A C6     1 
ATOM   406 H  "H5'"  . U   A 1 13 ? 6.926   5.623   13.122  1.00 25.49 ? 13  U   A "H5'"  1 
ATOM   407 H  "H5''" . U   A 1 13 ? 8.090   5.132   14.099  1.00 25.49 ? 13  U   A "H5''" 1 
ATOM   408 H  "H4'"  . U   A 1 13 ? 6.331   3.601   14.109  1.00 24.35 ? 13  U   A "H4'"  1 
ATOM   409 H  "H3'"  . U   A 1 13 ? 8.653   2.486   12.889  1.00 24.69 ? 13  U   A "H3'"  1 
ATOM   410 H  "H2'"  . U   A 1 13 ? 7.504   0.457   12.742  1.00 26.15 ? 13  U   A "H2'"  1 
ATOM   411 H  "HO2'" . U   A 1 13 ? 5.132   1.282   13.653  1.00 28.66 ? 13  U   A "HO2'" 1 
ATOM   412 H  "H1'"  . U   A 1 13 ? 5.384   1.593   11.757  1.00 26.10 ? 13  U   A "H1'"  1 
ATOM   413 H  H3     . U   A 1 13 ? 7.343   -0.533  8.350   1.00 28.95 ? 13  U   A H3     1 
ATOM   414 H  H5     . U   A 1 13 ? 9.189   3.117   8.541   1.00 32.55 ? 13  U   A H5     1 
ATOM   415 H  H6     . U   A 1 13 ? 8.041   3.519   10.522  1.00 31.18 ? 13  U   A H6     1 
ATOM   416 P  P      . U   A 1 14 ? 9.721   1.388   15.131  1.00 21.10 ? 14  U   A P      1 
ATOM   417 O  OP1    . U   A 1 14 ? 10.041  1.667   16.565  1.00 22.98 ? 14  U   A OP1    1 
ATOM   418 O  OP2    . U   A 1 14 ? 10.714  1.707   14.071  1.00 23.18 ? 14  U   A OP2    1 
ATOM   419 O  "O5'"  . U   A 1 14 ? 9.263   -0.128  14.941  1.00 21.36 ? 14  U   A "O5'"  1 
ATOM   420 C  "C5'"  . U   A 1 14 ? 8.519   -0.794  15.948  1.00 22.47 ? 14  U   A "C5'"  1 
ATOM   421 C  "C4'"  . U   A 1 14 ? 8.071   -2.150  15.490  1.00 21.67 ? 14  U   A "C4'"  1 
ATOM   422 O  "O4'"  . U   A 1 14 ? 7.378   -2.058  14.208  1.00 20.38 ? 14  U   A "O4'"  1 
ATOM   423 C  "C3'"  . U   A 1 14 ? 9.178   -3.153  15.221  1.00 20.17 ? 14  U   A "C3'"  1 
ATOM   424 O  "O3'"  . U   A 1 14 ? 9.671   -3.707  16.420  1.00 19.93 ? 14  U   A "O3'"  1 
ATOM   425 C  "C2'"  . U   A 1 14 ? 8.456   -4.159  14.358  1.00 21.24 ? 14  U   A "C2'"  1 
ATOM   426 O  "O2'"  . U   A 1 14 ? 7.574   -4.903  15.186  1.00 20.77 ? 14  U   A "O2'"  1 
ATOM   427 C  "C1'"  . U   A 1 14 ? 7.643   -3.239  13.469  1.00 21.72 ? 14  U   A "C1'"  1 
ATOM   428 N  N1     . U   A 1 14 ? 8.358   -2.885  12.208  1.00 19.97 ? 14  U   A N1     1 
ATOM   429 C  C2     . U   A 1 14 ? 8.382   -3.819  11.175  1.00 20.54 ? 14  U   A C2     1 
ATOM   430 O  O2     . U   A 1 14 ? 7.841   -4.903  11.293  1.00 21.69 ? 14  U   A O2     1 
ATOM   431 N  N3     . U   A 1 14 ? 9.042   -3.398  10.041  1.00 21.54 ? 14  U   A N3     1 
ATOM   432 C  C4     . U   A 1 14 ? 9.626   -2.175  9.819   1.00 20.32 ? 14  U   A C4     1 
ATOM   433 O  O4     . U   A 1 14 ? 10.169  -1.969  8.711   1.00 22.78 ? 14  U   A O4     1 
ATOM   434 C  C5     . U   A 1 14 ? 9.624   -1.281  10.967  1.00 19.72 ? 14  U   A C5     1 
ATOM   435 C  C6     . U   A 1 14 ? 8.988   -1.667  12.076  1.00 20.74 ? 14  U   A C6     1 
ATOM   436 H  "H5'"  . U   A 1 14 ? 7.733   -0.255  16.174  1.00 26.97 ? 14  U   A "H5'"  1 
ATOM   437 H  "H5''" . U   A 1 14 ? 9.080   -0.894  16.746  1.00 26.97 ? 14  U   A "H5''" 1 
ATOM   438 H  "H4'"  . U   A 1 14 ? 7.457   -2.525  16.157  1.00 26.00 ? 14  U   A "H4'"  1 
ATOM   439 H  "H3'"  . U   A 1 14 ? 9.904   -2.730  14.715  1.00 24.20 ? 14  U   A "H3'"  1 
ATOM   440 H  "H2'"  . U   A 1 14 ? 9.071   -4.727  13.849  1.00 25.48 ? 14  U   A "H2'"  1 
ATOM   441 H  "HO2'" . U   A 1 14 ? 6.651   -4.642  14.983  1.00 24.92 ? 14  U   A "HO2'" 1 
ATOM   442 H  "H1'"  . U   A 1 14 ? 6.795   -3.675  13.246  1.00 26.07 ? 14  U   A "H1'"  1 
ATOM   443 H  H3     . U   A 1 14 ? 9.045   -4.022  9.285   1.00 25.85 ? 14  U   A H3     1 
ATOM   444 H  H5     . U   A 1 14 ? 10.017  -0.386  10.904  1.00 23.66 ? 14  U   A H5     1 
ATOM   445 H  H6     . U   A 1 14 ? 8.940   -1.038  12.826  1.00 24.89 ? 14  U   A H6     1 
ATOM   446 P  P      . U   A 1 15 ? 11.134  -4.332  16.500  1.00 21.79 ? 15  U   A P      1 
ATOM   447 O  OP1    . U   A 1 15 ? 11.304  -4.731  17.911  1.00 23.42 ? 15  U   A OP1    1 
ATOM   448 O  OP2    . U   A 1 15 ? 12.074  -3.360  15.905  1.00 24.88 ? 15  U   A OP2    1 
ATOM   449 O  "O5'"  . U   A 1 15 ? 11.073  -5.604  15.540  1.00 20.50 ? 15  U   A "O5'"  1 
ATOM   450 C  "C5'"  . U   A 1 15 ? 10.230  -6.716  15.810  1.00 23.88 ? 15  U   A "C5'"  1 
ATOM   451 C  "C4'"  . U   A 1 15 ? 10.233  -7.673  14.654  1.00 20.86 ? 15  U   A "C4'"  1 
ATOM   452 O  "O4'"  . U   A 1 15 ? 9.779   -6.993  13.470  1.00 21.35 ? 15  U   A "O4'"  1 
ATOM   453 C  "C3'"  . U   A 1 15 ? 11.583  -8.252  14.260  1.00 20.73 ? 15  U   A "C3'"  1 
ATOM   454 O  "O3'"  . U   A 1 15 ? 11.914  -9.370  15.072  1.00 22.95 ? 15  U   A "O3'"  1 
ATOM   455 C  "C2'"  . U   A 1 15 ? 11.387  -8.597  12.790  1.00 20.04 ? 15  U   A "C2'"  1 
ATOM   456 O  "O2'"  . U   A 1 15 ? 10.658  -9.833  12.620  1.00 23.67 ? 15  U   A "O2'"  1 
ATOM   457 C  "C1'"  . U   A 1 15 ? 10.501  -7.445  12.346  1.00 21.96 ? 15  U   A "C1'"  1 
ATOM   458 N  N1     . U   A 1 15 ? 11.252  -6.292  11.778  1.00 20.97 ? 15  U   A N1     1 
ATOM   459 C  C2     . U   A 1 15 ? 11.579  -6.370  10.452  1.00 22.25 ? 15  U   A C2     1 
ATOM   460 O  O2     . U   A 1 15 ? 11.378  -7.400  9.831   1.00 22.20 ? 15  U   A O2     1 
ATOM   461 N  N3     . U   A 1 15 ? 12.175  -5.278  9.905   1.00 21.75 ? 15  U   A N3     1 
ATOM   462 C  C4     . U   A 1 15 ? 12.448  -4.099  10.558  1.00 22.95 ? 15  U   A C4     1 
ATOM   463 O  O4     . U   A 1 15 ? 12.931  -3.162  9.903   1.00 21.95 ? 15  U   A O4     1 
ATOM   464 C  C5     . U   A 1 15 ? 12.089  -4.070  11.960  1.00 23.46 ? 15  U   A C5     1 
ATOM   465 C  C6     . U   A 1 15 ? 11.508  -5.144  12.502  1.00 21.90 ? 15  U   A C6     1 
ATOM   466 H  "H5'"  . U   A 1 15 ? 9.316   -6.399  15.963  1.00 28.65 ? 15  U   A "H5'"  1 
ATOM   467 H  "H5''" . U   A 1 15 ? 10.552  -7.177  16.612  1.00 28.65 ? 15  U   A "H5''" 1 
ATOM   468 H  "H4'"  . U   A 1 15 ? 9.618   -8.410  14.852  1.00 25.04 ? 15  U   A "H4'"  1 
ATOM   469 H  "H3'"  . U   A 1 15 ? 12.276  -7.563  14.347  1.00 24.88 ? 15  U   A "H3'"  1 
ATOM   470 H  "H2'"  . U   A 1 15 ? 12.238  -8.606  12.303  1.00 24.05 ? 15  U   A "H2'"  1 
ATOM   471 H  "HO2'" . U   A 1 15 ? 11.225  -10.580 12.905  1.00 28.40 ? 15  U   A "HO2'" 1 
ATOM   472 H  "H1'"  . U   A 1 15 ? 9.868   -7.772  11.673  1.00 26.35 ? 15  U   A "H1'"  1 
ATOM   473 H  H3     . U   A 1 15 ? 12.415  -5.329  8.957   1.00 26.10 ? 15  U   A H3     1 
ATOM   474 H  H5     . U   A 1 15 ? 12.222  -3.257  12.491  1.00 28.16 ? 15  U   A H5     1 
ATOM   475 H  H6     . U   A 1 15 ? 11.216  -5.100  13.437  1.00 26.28 ? 15  U   A H6     1 
ATOM   476 P  P      . U   A 1 16 ? 13.433  -9.662  15.468  1.00 27.19 ? 16  U   A P      1 
ATOM   477 O  OP1    . U   A 1 16 ? 13.405  -10.642 16.577  1.00 37.07 ? 16  U   A OP1    1 
ATOM   478 O  OP2    . U   A 1 16 ? 14.141  -8.372  15.677  1.00 30.54 ? 16  U   A OP2    1 
ATOM   479 O  "O5'"  . U   A 1 16 ? 13.987  -10.348 14.167  1.00 22.57 ? 16  U   A "O5'"  1 
ATOM   480 C  "C5'"  . U   A 1 16 ? 13.558  -11.643 13.786  1.00 23.61 ? 16  U   A "C5'"  1 
ATOM   481 C  "C4'"  . U   A 1 16 ? 14.025  -11.979 12.397  1.00 21.53 ? 16  U   A "C4'"  1 
ATOM   482 O  "O4'"  . U   A 1 16 ? 13.466  -11.059 11.435  1.00 21.92 ? 16  U   A "O4'"  1 
ATOM   483 C  "C3'"  . U   A 1 16 ? 15.516  -11.895 12.175  1.00 22.11 ? 16  U   A "C3'"  1 
ATOM   484 O  "O3'"  . U   A 1 16 ? 16.171  -13.045 12.628  1.00 26.71 ? 16  U   A "O3'"  1 
ATOM   485 C  "C2'"  . U   A 1 16 ? 15.620  -11.697 10.665  1.00 24.12 ? 16  U   A "C2'"  1 
ATOM   486 O  "O2'"  . U   A 1 16 ? 15.482  -12.948 9.998   1.00 27.18 ? 16  U   A "O2'"  1 
ATOM   487 C  "C1'"  . U   A 1 16 ? 14.377  -10.865 10.379  1.00 22.05 ? 16  U   A "C1'"  1 
ATOM   488 N  N1     . U   A 1 16 ? 14.655  -9.422  10.284  1.00 22.47 ? 16  U   A N1     1 
ATOM   489 C  C2     . U   A 1 16 ? 14.968  -8.875  9.064   1.00 23.51 ? 16  U   A C2     1 
ATOM   490 O  O2     . U   A 1 16 ? 15.012  -9.535  8.034   1.00 25.94 ? 16  U   A O2     1 
ATOM   491 N  N3     . U   A 1 16 ? 15.163  -7.543  9.042   1.00 24.06 ? 16  U   A N3     1 
ATOM   492 C  C4     . U   A 1 16 ? 15.167  -6.698  10.114  1.00 22.55 ? 16  U   A C4     1 
ATOM   493 O  O4     . U   A 1 16 ? 15.387  -5.523  9.919   1.00 23.15 ? 16  U   A O4     1 
ATOM   494 C  C5     . U   A 1 16 ? 14.871  -7.293  11.364  1.00 24.33 ? 16  U   A C5     1 
ATOM   495 C  C6     . U   A 1 16 ? 14.647  -8.629  11.411  1.00 25.05 ? 16  U   A C6     1 
ATOM   496 H  "H5'"  . U   A 1 16 ? 12.579  -11.679 13.813  1.00 28.33 ? 16  U   A "H5'"  1 
ATOM   497 H  "H5''" . U   A 1 16 ? 13.921  -12.301 14.416  1.00 28.33 ? 16  U   A "H5''" 1 
ATOM   498 H  "H4'"  . U   A 1 16 ? 13.726  -12.886 12.176  1.00 25.84 ? 16  U   A "H4'"  1 
ATOM   499 H  "H3'"  . U   A 1 16 ? 15.874  -11.107 12.636  1.00 26.53 ? 16  U   A "H3'"  1 
ATOM   500 H  "HO3'" . U   A 1 16 ? 16.691  -13.592 12.002  1.00 32.05 ? 16  U   A "HO3'" 1 
ATOM   501 H  "H2'"  . U   A 1 16 ? 16.441  -11.228 10.410  1.00 28.94 ? 16  U   A "H2'"  1 
ATOM   502 H  "HO2'" . U   A 1 16 ? 16.277  -13.493 10.174  1.00 32.62 ? 16  U   A "HO2'" 1 
ATOM   503 H  "H1'"  . U   A 1 16 ? 13.969  -11.171 9.542   1.00 26.46 ? 16  U   A "H1'"  1 
ATOM   504 H  H3     . U   A 1 16 ? 15.388  -7.148  8.174   1.00 28.87 ? 16  U   A H3     1 
ATOM   505 H  H5     . U   A 1 16 ? 14.832  -6.750  12.179  1.00 29.20 ? 16  U   A H5     1 
ATOM   506 H  H6     . U   A 1 16 ? 14.420  -9.039  12.273  1.00 30.06 ? 16  U   A H6     1 
HETATM 507 K  K      . K   B 2 .  ? 5.569   1.581   16.848  0.18 28.40 ? 17  K   A K      1 
HETATM 508 NA NA     . NA  C 3 .  ? -6.483  -8.930  -9.727  1.00 40.13 ? 19  NA  A NA     1 
HETATM 509 O  O      . HOH D 4 .  ? 4.311   -0.920  12.903  1.00 25.30 ? 20  HOH A O      1 
HETATM 510 O  O      A HOH D 4 .  ? 11.984  1.572   20.322  0.67 38.82 ? 21  HOH A O      1 
HETATM 511 O  O      B HOH D 4 .  ? 12.663  -1.065  17.367  0.33 41.69 ? 21  HOH A O      1 
HETATM 512 O  O      . HOH D 4 .  ? 12.062  4.145   14.189  1.00 25.43 ? 22  HOH A O      1 
HETATM 513 O  O      . HOH D 4 .  ? -1.422  -9.406  -3.189  1.00 39.01 ? 23  HOH A O      1 
HETATM 514 O  O      . HOH D 4 .  ? -2.722  -1.839  -4.874  1.00 36.96 ? 24  HOH A O      1 
HETATM 515 O  O      . HOH D 4 .  ? 10.364  -10.572 10.084  1.00 25.21 ? 25  HOH A O      1 
HETATM 516 O  O      . HOH D 4 .  ? 5.489   -2.040  -4.512  1.00 47.81 ? 26  HOH A O      1 
HETATM 517 O  O      . HOH D 4 .  ? 1.658   -10.440 -8.779  0.33 39.17 ? 27  HOH A O      1 
HETATM 518 O  O      . HOH D 4 .  ? 3.325   7.373   -5.861  0.50 35.65 ? 28  HOH A O      1 
HETATM 519 O  O      . HOH D 4 .  ? 2.293   -0.966  -2.403  1.00 45.81 ? 29  HOH A O      1 
HETATM 520 O  O      A HOH D 4 .  ? 10.313  5.123   7.874   0.63 25.06 ? 30  HOH A O      1 
HETATM 521 O  O      B HOH D 4 .  ? 11.932  3.512   7.675   0.37 37.29 ? 30  HOH A O      1 
HETATM 522 O  O      . HOH D 4 .  ? 8.233   0.621   -3.340  1.00 44.37 ? 31  HOH A O      1 
HETATM 523 O  O      A HOH D 4 .  ? -0.410  -1.384  -3.649  0.47 36.55 ? 32  HOH A O      1 
HETATM 524 O  O      B HOH D 4 .  ? 1.199   -3.312  -4.997  0.53 37.05 ? 32  HOH A O      1 
HETATM 525 O  O      . HOH D 4 .  ? 9.878   5.365   4.248   1.00 36.45 ? 33  HOH A O      1 
HETATM 526 O  O      . HOH D 4 .  ? -10.896 1.414   -6.245  1.00 35.27 ? 34  HOH A O      1 
HETATM 527 O  O      . HOH D 4 .  ? 13.288  -0.459  10.766  1.00 48.36 ? 35  HOH A O      1 
HETATM 528 O  O      A HOH D 4 .  ? -17.636 -2.645  -5.617  0.60 31.63 ? 36  HOH A O      1 
HETATM 529 O  O      B HOH D 4 .  ? -17.439 -3.566  -3.414  0.40 34.08 ? 36  HOH A O      1 
HETATM 530 O  O      A HOH D 4 .  ? 12.055  0.170   8.361   0.53 37.66 ? 37  HOH A O      1 
HETATM 531 O  O      B HOH D 4 .  ? 11.394  -0.679  6.307   0.47 36.94 ? 37  HOH A O      1 
HETATM 532 O  O      . HOH D 4 .  ? 15.668  -3.746  12.179  1.00 40.05 ? 38  HOH A O      1 
HETATM 533 O  O      . HOH D 4 .  ? -14.573 3.846   -11.155 1.00 26.93 ? 39  HOH A O      1 
HETATM 534 O  O      . HOH D 4 .  ? 11.293  1.623   11.355  1.00 29.52 ? 40  HOH A O      1 
HETATM 535 O  O      . HOH D 4 .  ? -9.025  -1.929  -4.144  1.00 43.64 ? 41  HOH A O      1 
HETATM 536 O  O      . HOH D 4 .  ? -8.442  0.212   -5.412  1.00 42.07 ? 42  HOH A O      1 
HETATM 537 O  O      . HOH D 4 .  ? 11.510  -13.270 16.373  1.00 36.48 ? 43  HOH A O      1 
HETATM 538 O  O      . HOH D 4 .  ? -12.006 3.805   -5.640  1.00 34.33 ? 44  HOH A O      1 
HETATM 539 O  O      . HOH D 4 .  ? 9.180   3.482   0.848   1.00 45.02 ? 45  HOH A O      1 
HETATM 540 O  O      . HOH D 4 .  ? -15.325 -5.813  -7.948  1.00 29.56 ? 46  HOH A O      1 
HETATM 541 O  O      . HOH D 4 .  ? -12.123 4.373   -8.027  1.00 38.06 ? 47  HOH A O      1 
HETATM 542 O  O      . HOH D 4 .  ? 3.587   5.064   12.594  1.00 35.60 ? 48  HOH A O      1 
HETATM 543 O  O      . HOH D 4 .  ? 12.678  8.934   3.315   1.00 44.08 ? 49  HOH A O      1 
HETATM 544 O  O      . HOH D 4 .  ? -19.455 10.358  -3.946  1.00 36.65 ? 50  HOH A O      1 
HETATM 545 O  O      . HOH D 4 .  ? 14.835  -6.182  14.524  1.00 45.28 ? 51  HOH A O      1 
HETATM 546 O  O      . HOH D 4 .  ? -13.097 -8.491  -2.321  1.00 38.91 ? 52  HOH A O      1 
HETATM 547 O  O      A HOH D 4 .  ? 15.923  -12.016 6.953   0.62 47.35 ? 53  HOH A O      1 
HETATM 548 O  O      B HOH D 4 .  ? 16.468  -11.200 6.120   0.38 45.31 ? 53  HOH A O      1 
HETATM 549 O  O      . HOH D 4 .  ? 11.933  4.157   10.762  1.00 38.23 ? 54  HOH A O      1 
HETATM 550 O  O      . HOH D 4 .  ? 3.797   4.114   -9.761  1.00 42.01 ? 55  HOH A O      1 
HETATM 551 O  O      A HOH D 4 .  ? -3.305  -4.814  -3.838  0.49 25.58 ? 56  HOH A O      1 
HETATM 552 O  O      B HOH D 4 .  ? -1.754  -5.161  -5.457  0.51 31.68 ? 56  HOH A O      1 
HETATM 553 O  O      . HOH D 4 .  ? -3.388  1.048   -4.969  1.00 32.64 ? 57  HOH A O      1 
HETATM 554 O  O      A HOH D 4 .  ? -5.021  -3.148  -4.369  0.59 32.09 ? 58  HOH A O      1 
HETATM 555 O  O      B HOH D 4 .  ? -6.358  -1.635  -4.964  0.41 30.25 ? 58  HOH A O      1 
HETATM 556 O  O      . HOH D 4 .  ? 11.224  1.539   6.468   1.00 37.63 ? 59  HOH A O      1 
HETATM 557 O  O      . HOH D 4 .  ? 10.867  10.147  9.687   1.00 41.10 ? 60  HOH A O      1 
HETATM 558 O  O      . HOH D 4 .  ? 15.813  -1.169  15.282  1.00 50.53 ? 61  HOH A O      1 
HETATM 559 O  O      . HOH D 4 .  ? 3.185   6.792   -8.206  1.00 40.07 ? 62  HOH A O      1 
HETATM 560 O  O      . HOH D 4 .  ? 3.392   8.806   -9.899  1.00 56.34 ? 63  HOH A O      1 
HETATM 561 O  O      . HOH D 4 .  ? 5.727   7.182   -9.227  1.00 57.27 ? 64  HOH A O      1 
HETATM 562 O  O      . HOH D 4 .  ? -15.980 -1.902  0.783   1.00 50.12 ? 65  HOH A O      1 
HETATM 563 O  O      . HOH D 4 .  ? -0.574  -9.903  -10.214 0.33 39.86 ? 66  HOH A O      1 
HETATM 564 O  O      . HOH D 4 .  ? -10.137 1.851   -8.949  1.00 30.88 ? 67  HOH A O      1 
HETATM 565 O  O      A HOH D 4 .  ? 20.279  -13.445 12.122  0.56 37.69 ? 68  HOH A O      1 
HETATM 566 O  O      B HOH D 4 .  ? 18.983  -13.103 12.214  0.44 41.22 ? 68  HOH A O      1 
HETATM 567 O  O      . HOH D 4 .  ? 14.490  -3.690  15.051  1.00 39.87 ? 70  HOH A O      1 
HETATM 568 O  O      . HOH D 4 .  ? 6.854   0.244   2.578   1.00 44.47 ? 71  HOH A O      1 
HETATM 569 O  O      . HOH D 4 .  ? 2.738   2.137   13.088  1.00 46.12 ? 72  HOH A O      1 
HETATM 570 O  O      . HOH D 4 .  ? -7.835  -10.951 -6.292  1.00 35.55 ? 73  HOH A O      1 
HETATM 571 O  O      . HOH D 4 .  ? 8.534   1.256   4.328   1.00 38.06 ? 74  HOH A O      1 
HETATM 572 O  O      . HOH D 4 .  ? -19.413 2.706   -1.419  1.00 47.05 ? 75  HOH A O      1 
HETATM 573 O  O      . HOH D 4 .  ? 13.924  -4.957  19.126  1.00 42.78 ? 76  HOH A O      1 
HETATM 574 O  O      . HOH D 4 .  ? 1.585   4.239   -11.485 1.00 34.52 ? 77  HOH A O      1 
HETATM 575 O  O      . HOH D 4 .  ? 18.095  -11.968 14.202  1.00 44.60 ? 78  HOH A O      1 
HETATM 576 O  O      . HOH D 4 .  ? 7.993   11.381  -0.640  1.00 46.24 ? 79  HOH A O      1 
HETATM 577 O  O      . HOH D 4 .  ? 5.532   8.634   -5.844  1.00 43.18 ? 80  HOH A O      1 
HETATM 578 O  O      . HOH D 4 .  ? 4.095   0.445   -12.279 1.00 45.72 ? 81  HOH A O      1 
HETATM 579 O  O      . HOH D 4 .  ? -6.970  -11.031 -3.877  1.00 40.99 ? 82  HOH A O      1 
HETATM 580 O  O      . HOH D 4 .  ? 12.577  2.065   17.595  1.00 29.43 ? 83  HOH A O      1 
HETATM 581 O  O      . HOH D 4 .  ? 10.443  3.128   4.734   1.00 45.63 ? 84  HOH A O      1 
HETATM 582 O  O      . HOH D 4 .  ? -4.326  -10.351 -1.334  1.00 43.30 ? 85  HOH A O      1 
HETATM 583 O  O      . HOH D 4 .  ? 13.967  4.449   6.816   1.00 47.56 ? 86  HOH A O      1 
HETATM 584 O  O      . HOH D 4 .  ? 3.020   10.228  4.791   1.00 40.93 ? 87  HOH A O      1 
HETATM 585 O  O      . HOH D 4 .  ? -17.407 -4.282  -7.498  1.00 41.65 ? 88  HOH A O      1 
HETATM 586 O  O      . HOH D 4 .  ? -12.930 11.436  -11.689 1.00 43.61 ? 89  HOH A O      1 
HETATM 587 O  O      . HOH D 4 .  ? 12.185  8.512   12.578  1.00 37.97 ? 91  HOH A O      1 
HETATM 588 O  O      . HOH D 4 .  ? -14.035 5.761   -9.048  1.00 42.35 ? 94  HOH A O      1 
HETATM 589 O  O      . HOH D 4 .  ? 5.787   -1.101  -1.062  1.00 49.26 ? 95  HOH A O      1 
HETATM 590 O  O      . HOH D 4 .  ? -20.337 8.211   -5.834  1.00 38.63 ? 102 HOH A O      1 
HETATM 591 O  O      . HOH D 4 .  ? -20.780 1.366   -3.063  1.00 42.24 ? 105 HOH A O      1 
HETATM 592 O  O      . HOH D 4 .  ? 12.453  -0.659  14.301  1.00 42.48 ? 106 HOH A O      1 
HETATM 593 O  O      . HOH D 4 .  ? -4.640  -9.166  -11.048 1.00 45.19 ? 119 HOH A O      1 
HETATM 594 O  O      . HOH D 4 .  ? -5.673  -10.842 -8.679  1.00 39.10 ? 219 HOH A O      1 
HETATM 595 O  O      . HOH D 4 .  ? -7.535  -10.280 -11.226 1.00 50.98 ? 319 HOH A O      1 
HETATM 596 O  O      . HOH D 4 .  ? -6.874  -6.917  -10.659 1.00 33.25 ? 419 HOH A O      1 
# 
loop_
_atom_site_anisotrop.id 
_atom_site_anisotrop.type_symbol 
_atom_site_anisotrop.pdbx_label_atom_id 
_atom_site_anisotrop.pdbx_label_alt_id 
_atom_site_anisotrop.pdbx_label_comp_id 
_atom_site_anisotrop.pdbx_label_asym_id 
_atom_site_anisotrop.pdbx_label_seq_id 
_atom_site_anisotrop.pdbx_PDB_ins_code 
_atom_site_anisotrop.U[1][1] 
_atom_site_anisotrop.U[2][2] 
_atom_site_anisotrop.U[3][3] 
_atom_site_anisotrop.U[1][2] 
_atom_site_anisotrop.U[1][3] 
_atom_site_anisotrop.U[2][3] 
_atom_site_anisotrop.pdbx_auth_seq_id 
_atom_site_anisotrop.pdbx_auth_comp_id 
_atom_site_anisotrop.pdbx_auth_asym_id 
_atom_site_anisotrop.pdbx_auth_atom_id 
1   O "O5'" . A A 1  ? 0.2953 0.4642 0.6779 -0.0424 0.0414  -0.0370 1  A A "O5'" 
2   C "C5'" . A A 1  ? 0.3513 0.4441 0.6565 0.0053  0.0371  -0.0388 1  A A "C5'" 
3   C "C4'" . A A 1  ? 0.3652 0.2877 0.4880 0.0242  0.0186  0.0165  1  A A "C4'" 
4   O "O4'" . A A 1  ? 0.3243 0.2284 0.4803 0.0707  0.0411  0.0065  1  A A "O4'" 
5   C "C3'" . A A 1  ? 0.4638 0.3282 0.3764 0.0312  -0.0291 -0.0063 1  A A "C3'" 
6   O "O3'" . A A 1  ? 0.5978 0.3354 0.3947 -0.0371 -0.1451 0.0176  1  A A "O3'" 
7   C "C2'" . A A 1  ? 0.4579 0.2203 0.4028 0.0552  -0.0223 0.0261  1  A A "C2'" 
8   O "O2'" . A A 1  ? 0.5425 0.3861 0.4136 0.0628  -0.0506 -0.0400 1  A A "O2'" 
9   C "C1'" . A A 1  ? 0.3724 0.1941 0.4831 0.0795  -0.0142 0.0214  1  A A "C1'" 
10  N N9    . A A 1  ? 0.2775 0.2453 0.3136 0.0799  0.0017  0.0459  1  A A N9    
11  C C8    . A A 1  ? 0.3168 0.3022 0.3080 0.1403  -0.0223 0.0317  1  A A C8    
12  N N7    . A A 1  ? 0.2526 0.3104 0.2572 0.1021  -0.0053 0.0625  1  A A N7    
13  C C5    . A A 1  ? 0.2445 0.2252 0.3154 0.0665  -0.0115 0.0899  1  A A C5    
14  C C6    . A A 1  ? 0.2883 0.2565 0.2601 0.1078  0.0056  0.0999  1  A A C6    
15  N N6    . A A 1  ? 0.2174 0.3029 0.3019 0.0506  0.0311  0.0568  1  A A N6    
16  N N1    . A A 1  ? 0.2988 0.3048 0.2472 0.0728  0.0097  0.0338  1  A A N1    
17  C C2    . A A 1  ? 0.3047 0.2924 0.3197 0.0601  0.0140  0.0230  1  A A C2    
18  N N3    . A A 1  ? 0.2970 0.2635 0.3830 0.0431  -0.0130 0.0765  1  A A N3    
19  C C4    . A A 1  ? 0.2811 0.2214 0.3642 0.0376  -0.0283 0.0904  1  A A C4    
32  P P     . G A 2  ? 0.6548 0.4407 0.3973 -0.0745 -0.2161 0.0300  2  G A P     
33  O OP1   . G A 2  ? 0.6796 0.5206 0.4795 -0.1184 -0.2684 0.0345  2  G A OP1   
34  O OP2   . G A 2  ? 0.6434 0.4854 0.5343 -0.0270 -0.2515 0.0999  2  G A OP2   
35  O "O5'" . G A 2  ? 0.5939 0.4877 0.3316 -0.1283 -0.1439 0.0252  2  G A "O5'" 
36  C "C5'" . G A 2  ? 0.7086 0.4354 0.3795 -0.1045 -0.1350 0.0713  2  G A "C5'" 
37  C "C4'" . G A 2  ? 0.6946 0.3922 0.2677 -0.0230 -0.1043 0.0408  2  G A "C4'" 
38  O "O4'" . G A 2  ? 0.7269 0.4053 0.3281 0.0795  -0.1237 -0.0329 2  G A "O4'" 
39  C "C3'" . G A 2  ? 0.7156 0.4003 0.2558 0.0056  -0.1060 0.0350  2  G A "C3'" 
40  O "O3'" . G A 2  ? 0.8736 0.5251 0.2234 0.1090  -0.1716 -0.0616 2  G A "O3'" 
41  C "C2'" . G A 2  ? 0.6375 0.3246 0.3166 -0.0261 -0.0810 0.0408  2  G A "C2'" 
42  O "O2'" . G A 2  ? 0.6748 0.3967 0.3491 0.0306  -0.0752 0.0071  2  G A "O2'" 
43  C "C1'" . G A 2  ? 0.6289 0.3722 0.2905 0.0166  -0.0747 -0.0025 2  G A "C1'" 
44  N N9    . G A 2  ? 0.5718 0.3082 0.2989 0.0197  -0.0923 0.0248  2  G A N9    
45  C C8    . G A 2  ? 0.5475 0.2645 0.2989 -0.0169 -0.1064 0.0435  2  G A C8    
46  N N7    . G A 2  ? 0.6017 0.2399 0.2650 0.0870  -0.1478 -0.0329 2  G A N7    
47  C C5    . G A 2  ? 0.5584 0.2004 0.2896 0.1080  -0.1386 -0.0327 2  G A C5    
48  C C6    . G A 2  ? 0.3869 0.2508 0.2240 0.0570  -0.0483 0.0633  2  G A C6    
49  O O6    . G A 2  ? 0.2878 0.3041 0.2585 0.0432  -0.0725 0.0393  2  G A O6    
50  N N1    . G A 2  ? 0.4304 0.3202 0.1908 0.0646  -0.0536 0.0637  2  G A N1    
51  C C2    . G A 2  ? 0.4524 0.3246 0.2525 -0.0043 -0.0623 0.0430  2  G A C2    
52  N N2    . G A 2  ? 0.4654 0.4197 0.2138 0.0429  -0.0145 -0.0140 2  G A N2    
53  N N3    . G A 2  ? 0.5411 0.2922 0.3011 0.0455  -0.1040 -0.0132 2  G A N3    
54  C C4    . G A 2  ? 0.5576 0.2584 0.3236 0.0306  -0.1232 0.0035  2  G A C4    
66  P P     . A A 3  ? 0.8880 0.4014 0.3162 0.0312  -0.2169 -0.0270 3  A A P     
67  O OP1   . A A 3  ? 0.9319 0.4374 0.3247 0.1020  -0.2498 -0.0758 3  A A OP1   
68  O OP2   . A A 3  ? 0.8490 0.5536 0.2812 0.0308  -0.2034 -0.0406 3  A A OP2   
69  O "O5'" . A A 3  ? 0.9239 0.3218 0.2870 0.0004  -0.2252 0.0440  3  A A "O5'" 
70  C "C5'" . A A 3  ? 0.8920 0.3084 0.3652 -0.0421 -0.1942 0.1117  3  A A "C5'" 
71  C "C4'" . A A 3  ? 0.8883 0.3521 0.2964 0.0656  -0.1551 0.0905  3  A A "C4'" 
72  O "O4'" . A A 3  ? 0.7778 0.3366 0.2170 0.1258  -0.0593 0.0202  3  A A "O4'" 
73  C "C3'" . A A 3  ? 0.8917 0.4926 0.2405 0.1490  -0.1252 0.0445  3  A A "C3'" 
74  O "O3'" . A A 3  ? 0.9308 0.4481 0.3269 0.1294  -0.1908 0.0281  3  A A "O3'" 
75  C "C2'" . A A 3  ? 0.7925 0.3989 0.2142 0.1454  -0.0595 0.1214  3  A A "C2'" 
76  O "O2'" . A A 3  ? 0.7954 0.4188 0.2831 0.1894  -0.0527 0.0729  3  A A "O2'" 
77  C "C1'" . A A 3  ? 0.6999 0.3684 0.1839 0.1373  -0.0296 0.0523  3  A A "C1'" 
78  N N9    . A A 3  ? 0.6118 0.2800 0.1898 0.1366  -0.0540 0.0417  3  A A N9    
79  C C8    . A A 3  ? 0.6702 0.2345 0.3671 0.1052  -0.1554 0.0721  3  A A C8    
80  N N7    . A A 3  ? 0.6003 0.3042 0.2735 0.1579  -0.1289 0.0355  3  A A N7    
81  C C5    . A A 3  ? 0.5071 0.3230 0.2047 0.1610  -0.0852 0.0359  3  A A C5    
82  C C6    . A A 3  ? 0.4206 0.2618 0.2508 0.1022  -0.1277 0.0128  3  A A C6    
83  N N6    . A A 3  ? 0.4703 0.2962 0.2221 0.0944  -0.1132 0.0223  3  A A N6    
84  N N1    . A A 3  ? 0.3310 0.2759 0.2160 0.0829  -0.0574 0.0485  3  A A N1    
85  C C2    . A A 3  ? 0.4058 0.3016 0.2035 0.1082  -0.0703 0.0505  3  A A C2    
86  N N3    . A A 3  ? 0.4371 0.3467 0.2100 0.1474  -0.0704 0.0097  3  A A N3    
87  C C4    . A A 3  ? 0.5067 0.3174 0.1774 0.1424  -0.0591 0.0286  3  A A C4    
99  P P     . G A 4  ? 1.0060 0.4225 0.3800 0.0671  -0.3409 0.0251  4  G A P     
100 O OP1   . G A 4  ? 1.0224 0.4927 0.4494 0.1018  -0.3510 0.0206  4  G A OP1   
101 O OP2   . G A 4  ? 0.9939 0.4564 0.5251 -0.0004 -0.4215 0.0440  4  G A OP2   
102 O "O5'" . G A 4  ? 0.9602 0.4814 0.3125 0.1362  -0.2408 0.0560  4  G A "O5'" 
103 C "C5'" . G A 4  ? 0.9604 0.5112 0.2902 0.1503  -0.1454 0.1073  4  G A "C5'" 
104 C "C4'" . G A 4  ? 0.7851 0.4311 0.2919 0.1467  -0.1077 0.1000  4  G A "C4'" 
105 O "O4'" . G A 4  ? 0.6731 0.3546 0.2590 0.1437  -0.0723 0.0876  4  G A "O4'" 
106 C "C3'" . G A 4  ? 0.6862 0.4748 0.1944 0.1629  -0.0500 0.0762  4  G A "C3'" 
107 O "O3'" . G A 4  ? 0.6617 0.4119 0.2788 0.1391  -0.1202 0.0959  4  G A "O3'" 
108 C "C2'" . G A 4  ? 0.6287 0.3037 0.2576 0.1088  -0.0606 0.1579  4  G A "C2'" 
109 O "O2'" . G A 4  ? 0.6508 0.3621 0.3432 0.1362  -0.0752 0.0966  4  G A "O2'" 
110 C "C1'" . G A 4  ? 0.5589 0.3229 0.2663 0.0723  -0.0576 0.0955  4  G A "C1'" 
111 N N9    . G A 4  ? 0.4460 0.3454 0.2642 0.0667  -0.0725 0.0871  4  G A N9    
112 C C8    . G A 4  ? 0.4458 0.3531 0.2558 0.0485  -0.0833 0.0588  4  G A C8    
113 N N7    . G A 4  ? 0.3586 0.4201 0.2496 0.0827  -0.0760 0.0253  4  G A N7    
114 C C5    . G A 4  ? 0.3089 0.4110 0.2075 0.0983  -0.0639 0.0343  4  G A C5    
115 C C6    . G A 4  ? 0.2844 0.2548 0.2700 0.0585  -0.0927 0.0572  4  G A C6    
116 O O6    . G A 4  ? 0.2437 0.3130 0.2532 0.0434  -0.1068 0.0099  4  G A O6    
117 N N1    . G A 4  ? 0.3181 0.3029 0.2592 0.0946  -0.0843 0.0308  4  G A N1    
118 C C2    . G A 4  ? 0.3377 0.2743 0.2718 0.0700  -0.1087 0.0553  4  G A C2    
119 N N2    . G A 4  ? 0.3724 0.2783 0.2623 0.0096  -0.1047 0.0330  4  G A N2    
120 N N3    . G A 4  ? 0.3351 0.3353 0.2565 0.0632  -0.0811 0.0566  4  G A N3    
121 C C4    . G A 4  ? 0.3520 0.4144 0.2021 0.1096  -0.0411 0.0486  4  G A C4    
133 P P     . A A 5  ? 0.6746 0.5113 0.2863 0.2285  -0.1347 0.0842  5  A A P     
134 O OP1   . A A 5  ? 0.6790 0.6708 0.2510 0.3062  -0.1075 0.0879  5  A A OP1   
135 O OP2   . A A 5  ? 0.6390 0.4077 0.4312 0.1624  -0.1702 0.0712  5  A A OP2   
136 O "O5'" . A A 5  ? 0.6678 0.4563 0.3387 0.2122  -0.1059 0.1347  5  A A "O5'" 
137 C "C5'" . A A 5  ? 0.7322 0.4496 0.3581 0.2111  -0.0741 0.1480  5  A A "C5'" 
138 C "C4'" . A A 5  ? 0.5826 0.3804 0.3409 0.1406  -0.0828 0.1230  5  A A "C4'" 
139 O "O4'" . A A 5  ? 0.4628 0.3483 0.3371 0.0928  -0.1084 0.1004  5  A A "O4'" 
140 C "C3'" . A A 5  ? 0.4684 0.3862 0.4118 0.0759  -0.0507 0.1231  5  A A "C3'" 
141 O "O3'" . A A 5  ? 0.4388 0.4601 0.4384 0.0998  -0.1124 0.1897  5  A A "O3'" 
142 C "C2'" . A A 5  ? 0.4526 0.3412 0.4170 0.0850  -0.0355 0.1091  5  A A "C2'" 
143 O "O2'" . A A 5  ? 0.5563 0.3748 0.4231 0.1309  -0.0179 0.0952  5  A A "O2'" 
144 C "C1'" . A A 5  ? 0.4268 0.3455 0.3265 0.0917  -0.0501 0.0843  5  A A "C1'" 
145 N N9    . A A 5  ? 0.3463 0.3582 0.2685 0.0468  -0.0609 0.0562  5  A A N9    
146 C C8    . A A 5  ? 0.3652 0.4521 0.2218 0.0395  -0.0482 0.0381  5  A A C8    
147 N N7    . A A 5  ? 0.3413 0.4114 0.2626 0.0238  -0.0973 0.0757  5  A A N7    
148 C C5    . A A 5  ? 0.2671 0.3708 0.2488 0.0096  -0.0785 0.0803  5  A A C5    
149 C C6    . A A 5  ? 0.2487 0.5342 0.1801 0.0236  -0.0762 -0.0389 5  A A C6    
150 N N6    . A A 5  ? 0.3753 0.4788 0.2644 -0.0266 -0.0933 -0.0489 5  A A N6    
151 N N1    . A A 5  ? 0.3199 0.3345 0.2744 0.0112  -0.0955 0.0667  5  A A N1    
152 C C2    . A A 5  ? 0.3216 0.3349 0.2831 -0.0198 -0.0746 0.0391  5  A A C2    
153 N N3    . A A 5  ? 0.3335 0.3167 0.3253 0.0343  -0.1130 0.0475  5  A A N3    
154 C C4    . A A 5  ? 0.3091 0.3341 0.2964 0.0254  -0.1024 0.0298  5  A A C4    
166 P P     . A A 6  ? 0.4216 0.6263 0.4556 0.0738  -0.1558 0.1902  6  A A P     
167 O OP1   . A A 6  ? 0.4263 0.7357 0.4959 0.1435  -0.1824 0.2380  6  A A OP1   
168 O OP2   . A A 6  ? 0.4232 0.6849 0.3385 0.0966  -0.1240 0.1137  6  A A OP2   
169 O "O5'" . A A 6  ? 0.4168 0.5363 0.4717 0.0493  -0.0976 0.2427  6  A A "O5'" 
170 C "C5'" . A A 6  ? 0.5622 0.4185 0.5895 0.0117  -0.0592 0.2225  6  A A "C5'" 
171 C "C4'" . A A 6  ? 0.5406 0.3257 0.5589 0.0099  -0.0453 0.2458  6  A A "C4'" 
172 O "O4'" . A A 6  ? 0.5391 0.3342 0.5343 0.0154  -0.0232 0.1921  6  A A "O4'" 
173 C "C3'" . A A 6  ? 0.4987 0.4075 0.5859 -0.0017 -0.0757 0.2052  6  A A "C3'" 
174 O "O3'" . A A 6  ? 0.4129 0.7163 0.5247 0.0462  -0.1245 0.1864  6  A A "O3'" 
175 C "C2'" . A A 6  ? 0.4272 0.3986 0.5478 0.0160  -0.0354 0.1261  6  A A "C2'" 
176 O "O2'" . A A 6  ? 0.4340 0.4100 0.5823 0.0842  -0.0235 0.1178  6  A A "O2'" 
177 C "C1'" . A A 6  ? 0.4384 0.3636 0.4776 -0.0076 -0.0481 0.1239  6  A A "C1'" 
178 N N9    . A A 6  ? 0.3685 0.4022 0.3672 -0.0577 -0.1375 0.0819  6  A A N9    
179 C C8    . A A 6  ? 0.3807 0.4741 0.3874 -0.0520 -0.1041 0.0586  6  A A C8    
180 N N7    . A A 6  ? 0.3219 0.4459 0.3256 -0.0495 -0.1079 0.0881  6  A A N7    
181 C C5    . A A 6  ? 0.3119 0.5032 0.3178 -0.0460 -0.1489 0.0244  6  A A C5    
182 C C6    . A A 6  ? 0.3163 0.4851 0.3070 -0.0453 -0.1609 0.0249  6  A A C6    
183 N N6    . A A 6  ? 0.3905 0.4118 0.2973 -0.1054 -0.1132 0.0455  6  A A N6    
184 N N1    . A A 6  ? 0.3102 0.3937 0.3208 -0.0055 -0.1363 0.0948  6  A A N1    
185 C C2    . A A 6  ? 0.3554 0.3815 0.3776 -0.0195 -0.1175 0.0494  6  A A C2    
186 N N3    . A A 6  ? 0.3234 0.4141 0.3798 -0.0401 -0.1393 0.0112  6  A A N3    
187 C C4    . A A 6  ? 0.3166 0.4432 0.3801 -0.0695 -0.1524 0.0333  6  A A C4    
199 P P     . G A 7  ? 0.3439 0.8555 0.5372 0.0554  -0.1569 0.1615  7  G A P     
200 O OP1   . G A 7  ? 0.3120 0.9953 0.5147 0.0583  -0.1207 0.3073  7  G A OP1   
201 O OP2   . G A 7  ? 0.4452 0.9210 0.5295 0.1116  -0.2579 -0.1096 7  G A OP2   
202 O "O5'" . G A 7  ? 0.3404 0.7972 0.4918 0.0381  -0.0546 0.1786  7  G A "O5'" 
203 C "C5'" . G A 7  ? 0.5589 0.6584 0.5938 0.0154  -0.0396 0.0949  7  G A "C5'" 
204 C "C4'" . G A 7  ? 0.5290 0.5215 0.5583 -0.0468 -0.0922 0.0685  7  G A "C4'" 
205 O "O4'" . G A 7  ? 0.4566 0.3826 0.4773 -0.1170 -0.1279 0.0534  7  G A "O4'" 
206 C "C3'" . G A 7  ? 0.4632 0.5391 0.4395 -0.0506 -0.0699 -0.0027 7  G A "C3'" 
207 O "O3'" . G A 7  ? 0.4133 0.6147 0.3447 -0.0351 -0.1095 -0.0437 7  G A "O3'" 
208 C "C2'" . G A 7  ? 0.3872 0.4823 0.3907 -0.1212 -0.0598 -0.0160 7  G A "C2'" 
209 O "O2'" . G A 7  ? 0.4239 0.4851 0.3748 -0.0885 -0.0603 -0.0479 7  G A "O2'" 
210 C "C1'" . G A 7  ? 0.4457 0.4523 0.3531 -0.1127 -0.1147 0.0155  7  G A "C1'" 
211 N N9    . G A 7  ? 0.4003 0.4574 0.3347 -0.1280 -0.1680 0.0430  7  G A N9    
212 C C8    . G A 7  ? 0.4097 0.4940 0.3305 -0.1048 -0.1527 -0.0158 7  G A C8    
213 N N7    . G A 7  ? 0.3160 0.5380 0.3005 -0.1050 -0.1615 0.0648  7  G A N7    
214 C C5    . G A 7  ? 0.3118 0.4676 0.3514 -0.1009 -0.1746 0.0042  7  G A C5    
215 C C6    . G A 7  ? 0.3367 0.4531 0.2288 -0.0587 -0.1379 -0.0317 7  G A C6    
216 O O6    . G A 7  ? 0.3202 0.4293 0.2442 -0.0534 -0.1537 0.0145  7  G A O6    
217 N N1    . G A 7  ? 0.4354 0.4129 0.1970 -0.1030 -0.1582 -0.0128 7  G A N1    
218 C C2    . G A 7  ? 0.4271 0.5044 0.2351 -0.0980 -0.1535 -0.0129 7  G A C2    
219 N N2    . G A 7  ? 0.5165 0.4855 0.2280 -0.1469 -0.1372 -0.0048 7  G A N2    
220 N N3    . G A 7  ? 0.3944 0.4160 0.3411 -0.1318 -0.1997 0.0184  7  G A N3    
221 C C4    . G A 7  ? 0.3806 0.4344 0.3477 -0.1141 -0.1938 0.0197  7  G A C4    
233 P P     . A A 8  ? 0.3342 0.7664 0.3612 -0.0477 -0.1281 -0.0788 8  A A P     
234 O OP1   . A A 8  ? 0.3118 0.8302 0.4715 0.0591  -0.1465 -0.0683 8  A A OP1   
235 O OP2   . A A 8  ? 0.3936 0.6803 0.3319 -0.0046 -0.1401 -0.0265 8  A A OP2   
236 O "O5'" . A A 8  ? 0.3798 0.7393 0.4850 -0.1643 -0.1337 -0.1646 8  A A "O5'" 
237 C "C5'" . A A 8  ? 0.5033 0.7989 0.5160 -0.2327 -0.0554 -0.1630 8  A A "C5'" 
238 C "C4'" . A A 8  ? 0.4944 0.7818 0.4917 -0.2969 -0.0688 -0.1882 8  A A "C4'" 
239 O "O4'" . A A 8  ? 0.5116 0.7575 0.4590 -0.3220 -0.0921 -0.1971 8  A A "O4'" 
240 C "C3'" . A A 8  ? 0.5285 0.6731 0.5876 -0.3549 -0.1078 -0.1415 8  A A "C3'" 
241 O "O3'" . A A 8  ? 0.5241 0.6733 0.5947 -0.3123 -0.1105 -0.1753 8  A A "O3'" 
242 C "C2'" . A A 8  ? 0.5388 0.7238 0.5850 -0.3717 -0.1098 -0.1196 8  A A "C2'" 
243 O "O2'" . A A 8  ? 0.5868 0.7361 0.6355 -0.3688 -0.1260 -0.1077 8  A A "O2'" 
244 C "C1'" . A A 8  ? 0.5401 0.7769 0.4551 -0.3316 -0.1040 -0.1663 8  A A "C1'" 
245 N N9    . A A 8  ? 0.5598 0.8203 0.3534 -0.3092 -0.1716 -0.1596 8  A A N9    
246 C C8    . A A 8  ? 0.6257 0.7190 0.3274 -0.3131 -0.2022 -0.1315 8  A A C8    
247 N N7    . A A 8  ? 0.6051 0.6669 0.3646 -0.3337 -0.2338 -0.0616 8  A A N7    
248 C C5    . A A 8  ? 0.5945 0.7322 0.2600 -0.3467 -0.2305 -0.1129 8  A A C5    
249 C C6    . A A 8  ? 0.7605 0.5948 0.2650 -0.3194 -0.3049 -0.0204 8  A A C6    
250 N N6    . A A 8  ? 0.9535 0.5896 0.2847 -0.2382 -0.2884 0.0557  8  A A N6    
251 N N1    . A A 8  ? 0.6986 0.7121 0.2981 -0.2750 -0.2640 -0.0685 8  A A N1    
252 C C2    . A A 8  ? 0.6613 0.7786 0.2852 -0.2850 -0.2185 -0.1094 8  A A C2    
253 N N3    . A A 8  ? 0.5307 0.9119 0.3247 -0.3129 -0.2008 -0.1441 8  A A N3    
254 C C4    . A A 8  ? 0.5236 0.9082 0.2738 -0.3218 -0.1794 -0.1593 8  A A C4    
266 P P     . U A 9  ? 0.4657 0.7746 0.6040 -0.2855 -0.0895 -0.1775 9  U A P     
267 O OP1   . U A 9  ? 0.4664 0.8032 0.6498 -0.2829 -0.0977 -0.1432 9  U A OP1   
268 O OP2   . U A 9  ? 0.4703 0.7881 0.5607 -0.2232 -0.0819 -0.1959 9  U A OP2   
269 O "O5'" . U A 9  ? 0.5167 0.7639 0.4652 -0.2879 -0.0699 -0.1871 9  U A "O5'" 
270 C "C5'" . U A 9  ? 0.6045 0.9029 0.4190 -0.2714 -0.0682 -0.2297 9  U A "C5'" 
271 C "C4'" . U A 9  ? 0.5816 0.8743 0.3584 -0.3493 -0.1074 -0.2194 9  U A "C4'" 
272 O "O4'" . U A 9  ? 0.6060 0.8953 0.3526 -0.3576 -0.1209 -0.2007 9  U A "O4'" 
273 C "C3'" . U A 9  ? 0.6088 0.7832 0.3323 -0.3470 -0.1083 -0.1414 9  U A "C3'" 
274 O "O3'" . U A 9  ? 0.5665 0.7746 0.3255 -0.3120 -0.0847 -0.1243 9  U A "O3'" 
275 C "C2'" . U A 9  ? 0.6398 0.7985 0.3706 -0.3930 -0.1239 -0.0835 9  U A "C2'" 
276 O "O2'" . U A 9  ? 0.6737 0.8565 0.3278 -0.3798 -0.1240 -0.0998 9  U A "O2'" 
277 C "C1'" . U A 9  ? 0.6395 0.7982 0.3802 -0.3896 -0.1394 -0.1009 9  U A "C1'" 
278 N N1    . U A 9  ? 0.6257 0.7105 0.3771 -0.3913 -0.2035 -0.0845 9  U A N1    
279 C C2    . U A 9  ? 0.5895 0.6445 0.3447 -0.4048 -0.2113 -0.0142 9  U A C2    
280 O O2    . U A 9  ? 0.6198 0.6759 0.2981 -0.3409 -0.2144 0.0557  9  U A O2    
281 N N3    . U A 9  ? 0.5462 0.7027 0.3140 -0.3996 -0.2024 -0.0816 9  U A N3    
282 C C4    . U A 9  ? 0.5914 0.6708 0.3331 -0.3416 -0.2365 -0.0620 9  U A C4    
283 O O4    . U A 9  ? 0.5746 0.7431 0.3593 -0.2613 -0.2480 -0.0135 9  U A O4    
284 C C5    . U A 9  ? 0.6688 0.7631 0.3255 -0.2828 -0.2012 -0.1255 9  U A C5    
285 C C6    . U A 9  ? 0.6532 0.6625 0.3896 -0.3751 -0.2198 -0.1015 9  U A C6    
296 P P     . U A 10 ? 0.4669 0.8373 0.3781 -0.3084 -0.0790 -0.1261 10 U A P     
297 O OP1   . U A 10 ? 0.5413 0.8501 0.3430 -0.2174 -0.1062 -0.1381 10 U A OP1   
298 O OP2   . U A 10 ? 0.5114 0.7690 0.4412 -0.2435 -0.1207 -0.1170 10 U A OP2   
299 O "O5'" . U A 10 ? 0.4550 0.9344 0.2713 -0.2997 -0.0352 -0.1197 10 U A "O5'" 
300 C "C5'" . U A 10 ? 0.5975 0.8850 0.2763 -0.2336 -0.0542 -0.1220 10 U A "C5'" 
301 C "C4'" . U A 10 ? 0.5757 0.8112 0.1982 -0.2512 -0.0949 -0.1280 10 U A "C4'" 
302 O "O4'" . U A 10 ? 0.4980 0.7885 0.2174 -0.3136 -0.0969 -0.0783 10 U A "O4'" 
303 C "C3'" . U A 10 ? 0.5150 0.6979 0.1807 -0.2318 -0.0568 -0.0765 10 U A "C3'" 
304 O "O3'" . U A 10 ? 0.5162 0.6518 0.2357 -0.2083 -0.0764 -0.0920 10 U A "O3'" 
305 C "C2'" . U A 10 ? 0.5272 0.5789 0.2578 -0.2858 -0.1028 -0.0288 10 U A "C2'" 
306 O "O2'" . U A 10 ? 0.5044 0.6285 0.2106 -0.2625 -0.0743 -0.0561 10 U A "O2'" 
307 C "C1'" . U A 10 ? 0.5207 0.6097 0.2360 -0.3017 -0.1099 -0.0237 10 U A "C1'" 
308 N N1    . U A 10 ? 0.5029 0.6022 0.2126 -0.2499 -0.1209 -0.0383 10 U A N1    
309 C C2    . U A 10 ? 0.4765 0.5875 0.1521 -0.1771 -0.1146 -0.0439 10 U A C2    
310 O O2    . U A 10 ? 0.4689 0.5130 0.2028 -0.1408 -0.1021 -0.0237 10 U A O2    
311 N N3    . U A 10 ? 0.4168 0.5735 0.2496 -0.2083 -0.1007 -0.0187 10 U A N3    
312 C C4    . U A 10 ? 0.3989 0.5542 0.2922 -0.2312 -0.1231 -0.0121 10 U A C4    
313 O O4    . U A 10 ? 0.3673 0.5448 0.3164 -0.1646 -0.1385 -0.0349 10 U A O4    
314 C C5    . U A 10 ? 0.4611 0.6085 0.3051 -0.2534 -0.1090 -0.0239 10 U A C5    
315 C C6    . U A 10 ? 0.4882 0.6816 0.2557 -0.2386 -0.1016 -0.0758 10 U A C6    
326 P P     . U A 11 ? 0.4787 0.5867 0.2741 -0.2267 -0.0953 -0.0583 11 U A P     
327 O OP1   . U A 11 ? 0.4340 0.6291 0.2867 -0.2246 -0.0685 -0.0425 11 U A OP1   
328 O OP2   . U A 11 ? 0.4307 0.6797 0.3057 -0.2023 -0.0938 -0.1122 11 U A OP2   
329 O "O5'" . U A 11 ? 0.4906 0.5303 0.2404 -0.2090 -0.0841 0.0214  11 U A "O5'" 
330 C "C5'" . U A 11 ? 0.4954 0.5055 0.3270 -0.2388 -0.0943 0.0132  11 U A "C5'" 
331 C "C4'" . U A 11 ? 0.4667 0.4954 0.2730 -0.1977 -0.0874 0.0237  11 U A "C4'" 
332 O "O4'" . U A 11 ? 0.4386 0.5077 0.2587 -0.1736 -0.0921 0.0239  11 U A "O4'" 
333 C "C3'" . U A 11 ? 0.4542 0.4326 0.2592 -0.1918 -0.1001 0.0250  11 U A "C3'" 
334 O "O3'" . U A 11 ? 0.4445 0.4331 0.2149 -0.1369 -0.0984 0.0006  11 U A "O3'" 
335 C "C2'" . U A 11 ? 0.4718 0.4243 0.2422 -0.1991 -0.1321 -0.0142 11 U A "C2'" 
336 O "O2'" . U A 11 ? 0.5165 0.4483 0.2365 -0.1025 -0.1064 0.0173  11 U A "O2'" 
337 C "C1'" . U A 11 ? 0.4672 0.4348 0.2508 -0.1914 -0.1354 0.0052  11 U A "C1'" 
338 N N1    . U A 11 ? 0.3996 0.5663 0.1903 -0.1585 -0.1194 0.0357  11 U A N1    
339 C C2    . U A 11 ? 0.3987 0.4654 0.2173 -0.0972 -0.1226 0.0626  11 U A C2    
340 O O2    . U A 11 ? 0.3900 0.4332 0.2999 -0.0668 -0.1295 0.0345  11 U A O2    
341 N N3    . U A 11 ? 0.3680 0.4052 0.2749 -0.1223 -0.1162 0.0372  11 U A N3    
342 C C4    . U A 11 ? 0.4284 0.4188 0.2528 -0.0572 -0.1387 0.0487  11 U A C4    
343 O O4    . U A 11 ? 0.3379 0.5047 0.3026 -0.0682 -0.1157 0.0312  11 U A O4    
344 C C5    . U A 11 ? 0.4269 0.4368 0.2302 -0.0850 -0.0976 0.0517  11 U A C5    
345 C C6    . U A 11 ? 0.4257 0.4653 0.2277 -0.1483 -0.1042 0.0378  11 U A C6    
356 P P     . U A 12 ? 0.3727 0.5130 0.2113 -0.1425 -0.0921 -0.0186 12 U A P     
357 O OP1   . U A 12 ? 0.4098 0.5535 0.2256 -0.1409 -0.0861 -0.0380 12 U A OP1   
358 O OP2   . U A 12 ? 0.3517 0.5619 0.2581 -0.1241 -0.0808 -0.0362 12 U A OP2   
359 O "O5'" . U A 12 ? 0.3848 0.4005 0.2207 -0.1084 -0.0820 0.0230  12 U A "O5'" 
360 C "C5'" . U A 12 ? 0.4225 0.3582 0.3150 -0.1420 -0.1101 0.0100  12 U A "C5'" 
361 C "C4'" . U A 12 ? 0.3679 0.4249 0.2148 -0.0772 -0.0821 -0.0025 12 U A "C4'" 
362 O "O4'" . U A 12 ? 0.3141 0.4881 0.1991 -0.0998 -0.0825 -0.0042 12 U A "O4'" 
363 C "C3'" . U A 12 ? 0.3643 0.3521 0.1804 -0.0476 -0.0512 0.0481  12 U A "C3'" 
364 O "O3'" . U A 12 ? 0.3668 0.3484 0.1991 -0.0275 -0.1007 0.0285  12 U A "O3'" 
365 C "C2'" . U A 12 ? 0.3914 0.3710 0.2053 -0.0596 -0.0913 -0.0075 12 U A "C2'" 
366 O "O2'" . U A 12 ? 0.4035 0.3897 0.2205 -0.0328 -0.1067 -0.0139 12 U A "O2'" 
367 C "C1'" . U A 12 ? 0.3223 0.4428 0.1945 -0.0780 -0.0589 -0.0032 12 U A "C1'" 
368 N N1    . U A 12 ? 0.2964 0.4085 0.2101 -0.0609 -0.0762 0.0242  12 U A N1    
369 C C2    . U A 12 ? 0.2626 0.4488 0.2034 -0.0342 -0.0610 0.0206  12 U A C2    
370 O O2    . U A 12 ? 0.2660 0.3956 0.2736 -0.0336 -0.0911 -0.0034 12 U A O2    
371 N N3    . U A 12 ? 0.2756 0.4538 0.2203 -0.0381 -0.0705 -0.0121 12 U A N3    
372 C C4    . U A 12 ? 0.3339 0.4189 0.2280 0.0163  -0.1148 -0.0394 12 U A C4    
373 O O4    . U A 12 ? 0.3391 0.4198 0.2612 0.0141  -0.1283 0.0271  12 U A O4    
374 C C5    . U A 12 ? 0.3227 0.4826 0.2044 -0.0221 -0.0586 -0.0038 12 U A C5    
375 C C6    . U A 12 ? 0.3253 0.4288 0.2221 -0.0504 -0.0578 0.0332  12 U A C6    
386 P P     . U A 13 ? 0.3053 0.3480 0.2272 -0.0253 -0.0824 0.0199  13 U A P     
387 O OP1   . U A 13 ? 0.3049 0.3907 0.2139 -0.0341 -0.0972 -0.0337 13 U A OP1   
388 O OP2   . U A 13 ? 0.2991 0.3702 0.2544 -0.0335 -0.0819 0.0180  13 U A OP2   
389 O "O5'" . U A 13 ? 0.2888 0.3270 0.2231 -0.0301 -0.0537 0.0310  13 U A "O5'" 
390 C "C5'" . U A 13 ? 0.3156 0.2624 0.2291 -0.0156 -0.0491 0.0340  13 U A "C5'" 
391 C "C4'" . U A 13 ? 0.2595 0.2733 0.2384 -0.0308 -0.0531 0.0366  13 U A "C4'" 
392 O "O4'" . U A 13 ? 0.2661 0.3422 0.2263 -0.0365 -0.0891 -0.0243 13 U A "O4'" 
393 C "C3'" . U A 13 ? 0.2633 0.2835 0.2349 0.0002  -0.0589 -0.0152 13 U A "C3'" 
394 O "O3'" . U A 13 ? 0.2333 0.3417 0.2593 -0.0105 -0.0729 -0.0301 13 U A "O3'" 
395 C "C2'" . U A 13 ? 0.2753 0.3135 0.2393 -0.0247 -0.0466 -0.0003 13 U A "C2'" 
396 O "O2'" . U A 13 ? 0.2905 0.3241 0.2927 -0.0218 -0.0826 0.0000  13 U A "O2'" 
397 C "C1'" . U A 13 ? 0.2702 0.2874 0.2689 -0.0300 -0.0716 0.0019  13 U A "C1'" 
398 N N1    . U A 13 ? 0.2977 0.2944 0.2806 0.0062  -0.1084 -0.0166 13 U A N1    
399 C C2    . U A 13 ? 0.2604 0.3006 0.2769 -0.0399 -0.1021 -0.0075 13 U A C2    
400 O O2    . U A 13 ? 0.2627 0.2953 0.2926 0.0164  -0.1036 -0.0425 13 U A O2    
401 N N3    . U A 13 ? 0.3345 0.3890 0.1934 0.0324  -0.0760 -0.0268 13 U A N3    
402 C C4    . U A 13 ? 0.3406 0.4657 0.2002 -0.0019 -0.0836 0.0459  13 U A C4    
403 O O4    . U A 13 ? 0.3330 0.4165 0.2644 -0.0336 -0.1238 0.0114  13 U A O4    
404 C C5    . U A 13 ? 0.3704 0.4354 0.2249 -0.0322 -0.0780 0.0052  13 U A C5    
405 C C6    . U A 13 ? 0.3774 0.3015 0.3084 -0.0837 -0.1240 0.0384  13 U A C6    
416 P P     . U A 14 ? 0.2234 0.2909 0.2876 -0.0109 -0.0705 -0.0030 14 U A P     
417 O OP1   . U A 14 ? 0.2369 0.3299 0.3064 -0.0187 -0.0814 -0.0263 14 U A OP1   
418 O OP2   . U A 14 ? 0.2232 0.3509 0.3068 -0.0169 -0.0211 0.0106  14 U A OP2   
419 O "O5'" . U A 14 ? 0.2348 0.2618 0.3150 -0.0169 -0.0544 0.0153  14 U A "O5'" 
420 C "C5'" . U A 14 ? 0.2924 0.2292 0.3323 0.0102  -0.0462 -0.0056 14 U A "C5'" 
421 C "C4'" . U A 14 ? 0.2286 0.2930 0.3016 -0.0087 -0.0433 -0.0343 14 U A "C4'" 
422 O "O4'" . U A 14 ? 0.1958 0.2775 0.3009 -0.0335 -0.0624 -0.0242 14 U A "O4'" 
423 C "C3'" . U A 14 ? 0.2001 0.3058 0.2604 -0.0001 -0.0141 -0.0188 14 U A "C3'" 
424 O "O3'" . U A 14 ? 0.1888 0.2804 0.2879 0.0307  -0.0188 0.0209  14 U A "O3'" 
425 C "C2'" . U A 14 ? 0.2283 0.2812 0.2975 -0.0110 -0.0336 0.0185  14 U A "C2'" 
426 O "O2'" . U A 14 ? 0.1913 0.3044 0.2934 0.0123  -0.0237 -0.0036 14 U A "O2'" 
427 C "C1'" . U A 14 ? 0.2618 0.2708 0.2928 0.0130  -0.0386 0.0168  14 U A "C1'" 
428 N N1    . U A 14 ? 0.2073 0.2963 0.2551 -0.0050 -0.0348 0.0273  14 U A N1    
429 C C2    . U A 14 ? 0.1826 0.3649 0.2329 0.0184  -0.0277 -0.0566 14 U A C2    
430 O O2    . U A 14 ? 0.1943 0.3025 0.3275 -0.0144 -0.0546 -0.0167 14 U A O2    
431 N N3    . U A 14 ? 0.1843 0.3004 0.3338 -0.0133 -0.0593 -0.0613 14 U A N3    
432 C C4    . U A 14 ? 0.2065 0.2566 0.3091 -0.0061 -0.0519 -0.0137 14 U A C4    
433 O O4    . U A 14 ? 0.2182 0.3592 0.2882 -0.0039 -0.0718 -0.0042 14 U A O4    
434 C C5    . U A 14 ? 0.1937 0.2358 0.3198 -0.0461 -0.0319 0.0193  14 U A C5    
435 C C6    . U A 14 ? 0.1888 0.2775 0.3219 -0.0112 -0.0119 0.0320  14 U A C6    
446 P P     . U A 15 ? 0.1997 0.3192 0.3090 0.0467  -0.0491 -0.0090 15 U A P     
447 O OP1   . U A 15 ? 0.2122 0.3959 0.2817 0.0656  -0.0529 -0.0021 15 U A OP1   
448 O OP2   . U A 15 ? 0.2350 0.3389 0.3715 -0.0359 -0.0853 0.0466  15 U A OP2   
449 O "O5'" . U A 15 ? 0.2126 0.2850 0.2815 0.0414  -0.0102 0.0217  15 U A "O5'" 
450 C "C5'" . U A 15 ? 0.2756 0.2863 0.3452 0.0610  -0.0109 0.0007  15 U A "C5'" 
451 C "C4'" . U A 15 ? 0.2010 0.2927 0.2990 0.0210  0.0157  -0.0012 15 U A "C4'" 
452 O "O4'" . U A 15 ? 0.2087 0.2916 0.3107 0.0297  -0.0314 0.0021  15 U A "O4'" 
453 C "C3'" . U A 15 ? 0.2144 0.2917 0.2816 0.0299  0.0136  -0.0223 15 U A "C3'" 
454 O "O3'" . U A 15 ? 0.2697 0.3299 0.2722 0.0744  0.0105  0.0403  15 U A "O3'" 
455 C "C2'" . U A 15 ? 0.2102 0.2225 0.3289 0.0086  0.0123  -0.0025 15 U A "C2'" 
456 O "O2'" . U A 15 ? 0.2233 0.2922 0.3838 0.0123  -0.0042 0.0214  15 U A "O2'" 
457 C "C1'" . U A 15 ? 0.2211 0.3116 0.3015 0.0154  -0.0027 -0.0227 15 U A "C1'" 
458 N N1    . U A 15 ? 0.2084 0.3098 0.2788 0.0064  -0.0062 -0.0130 15 U A N1    
459 C C2    . U A 15 ? 0.1887 0.3535 0.3032 -0.0024 -0.0173 -0.0370 15 U A C2    
460 O O2    . U A 15 ? 0.2486 0.3128 0.2820 -0.0207 -0.0336 -0.0013 15 U A O2    
461 N N3    . U A 15 ? 0.1776 0.3242 0.3248 -0.0258 -0.0237 -0.0096 15 U A N3    
462 C C4    . U A 15 ? 0.1761 0.3005 0.3956 -0.0058 -0.0370 -0.0377 15 U A C4    
463 O O4    . U A 15 ? 0.2269 0.3165 0.2906 -0.0006 -0.0353 0.0151  15 U A O4    
464 C C5    . U A 15 ? 0.2189 0.3771 0.2956 0.0271  0.0032  -0.0254 15 U A C5    
465 C C6    . U A 15 ? 0.2131 0.3285 0.2906 0.0218  0.0000  -0.0256 15 U A C6    
476 P P     . U A 16 ? 0.3115 0.4358 0.2860 0.1334  -0.0203 -0.0151 16 U A P     
477 O OP1   . U A 16 ? 0.4330 0.6432 0.3322 0.2439  -0.0767 0.0539  16 U A OP1   
478 O OP2   . U A 16 ? 0.3377 0.4106 0.4122 0.1005  -0.1207 -0.0890 16 U A OP2   
479 O "O5'" . U A 16 ? 0.2205 0.2715 0.3654 0.0015  -0.0236 -0.0357 16 U A "O5'" 
480 C "C5'" . U A 16 ? 0.2228 0.3261 0.3481 0.0036  0.0467  0.0220  16 U A "C5'" 
481 C "C4'" . U A 16 ? 0.2279 0.2519 0.3383 -0.0143 0.0292  0.0197  16 U A "C4'" 
482 O "O4'" . U A 16 ? 0.2060 0.2779 0.3490 -0.0445 0.0193  -0.0316 16 U A "O4'" 
483 C "C3'" . U A 16 ? 0.2187 0.2735 0.3478 -0.0272 0.0356  -0.0479 16 U A "C3'" 
484 O "O3'" . U A 16 ? 0.2616 0.3281 0.4252 -0.0071 0.0068  -0.0096 16 U A "O3'" 
485 C "C2'" . U A 16 ? 0.2656 0.2885 0.3623 -0.0215 0.0053  -0.0752 16 U A "C2'" 
486 O "O2'" . U A 16 ? 0.3199 0.3240 0.3889 -0.0145 0.0100  -0.1048 16 U A "O2'" 
487 C "C1'" . U A 16 ? 0.2174 0.2542 0.3663 -0.0447 0.0104  -0.0509 16 U A "C1'" 
488 N N1    . U A 16 ? 0.2094 0.2501 0.3945 -0.0675 0.0057  -0.0381 16 U A N1    
489 C C2    . U A 16 ? 0.2207 0.3095 0.3629 -0.0477 0.0312  -0.0117 16 U A C2    
490 O O2    . U A 16 ? 0.2771 0.3487 0.3600 -0.0471 0.0104  -0.0579 16 U A O2    
491 N N3    . U A 16 ? 0.2123 0.3074 0.3946 -0.0480 0.0159  -0.0371 16 U A N3    
492 C C4    . U A 16 ? 0.2010 0.2381 0.4178 -0.0114 0.0130  -0.0706 16 U A C4    
493 O O4    . U A 16 ? 0.2149 0.2456 0.4190 -0.0252 0.0130  -0.0314 16 U A O4    
494 C C5    . U A 16 ? 0.1890 0.3204 0.4152 -0.0468 0.0089  -0.0867 16 U A C5    
495 C C6    . U A 16 ? 0.2321 0.2725 0.4472 -0.0384 -0.0242 -0.0768 16 U A C6    
# 
